data_5KLV
#
_entry.id   5KLV
#
_cell.length_a   153.986
_cell.length_b   153.986
_cell.length_c   592.713
_cell.angle_alpha   90.00
_cell.angle_beta   90.00
_cell.angle_gamma   90.00
#
_symmetry.space_group_name_H-M   'I 41 2 2'
#
loop_
_entity.id
_entity.type
_entity.pdbx_description
1 polymer 'Cytochrome b-c1 complex subunit 1, mitochondrial'
2 polymer 'Cytochrome b-c1 complex subunit 2, mitochondrial'
3 polymer 'Cytochrome b'
4 polymer 'Cytochrome c1, heme protein, mitochondrial'
5 polymer 'Cytochrome b-c1 complex subunit Rieske, mitochondrial'
6 polymer 'Cytochrome b-c1 complex subunit 7'
7 polymer 'Cytochrome b-c1 complex subunit 8'
8 polymer 'Cytochrome b-c1 complex subunit 6, mitochondrial'
9 polymer 'Cytochrome b-c1 complex subunit Rieske, mitochondrial'
10 polymer 'Cytochrome b-c1 complex subunit 9'
11 polymer 'Cytochrome b-c1 complex subunit 10'
12 non-polymer 1,2-DIHEXANOYL-SN-GLYCERO-3-PHOSPHOETHANOLAMINE
13 non-polymer CARDIOLIPIN
14 non-polymer GLYCEROL
15 non-polymer 'PROTOPORPHYRIN IX CONTAINING FE'
16 non-polymer (5S)-5-methyl-2-(methylsulfanyl)-5-phenyl-3-(phenylamino)-3,5-dihydro-4H-imidazol-4-one
17 non-polymer '(2R)-3-{[(S)-(2-aminoethoxy)(hydroxy)phosphoryl]oxy}-2-(tetradecanoyloxy)propyl octadecanoate'
18 non-polymer 'CHLORIDE ION'
19 non-polymer 'HEME C'
20 non-polymer DI-PALMITOYL-3-SN-PHOSPHATIDYLETHANOLAMINE
21 non-polymer 'FE2/S2 (INORGANIC) CLUSTER'
22 non-polymer 1,2-DIMYRISTOYL-SN-GLYCERO-3-PHOSPHOCHOLINE
23 water water
#
loop_
_entity_poly.entity_id
_entity_poly.type
_entity_poly.pdbx_seq_one_letter_code
_entity_poly.pdbx_strand_id
1 'polypeptide(L)'
;TATYAQALQSVPETQVSQLDNGLRVASEQSSQPTCTVGVWIDAGSRYESEKNNGAGYFVEHLAFKGTKNRPGNALEKEVE
SMGAHLNAYSTREHTAYYIKALSKDLPKAVELLADIVQNCSLEDSQIEKERDVILQELQENDTSMRDVVFNYLHATAFQG
TPLAQSVEGPSENVRKLSRADLTEYLSRHYKAPRMVLAAAGGLEHRQLLDLAQKHFSGLSGTYDEDAVPTLSPCRFTGSQ
ICHREDGLPLAHVAIAVEGPGWAHPDNVALQVANAIIGHYDCTYGGGAHLSSPLASIAATNKLCQSFQTFNICYADTGLL
GAHFVCDHMSIDDMMFVLQGQWMRLCTSATESEVLRGKNLLRNALVSHLDGTTPVCEDIGRSLLTYGRRIPLAEWESRIA
EVDARVVREVCSKYFYDQCPAVAGFGPIEQLPDYNRIRSGMFWLRF
;
A
2 'polypeptide(L)'
;SLKVAPKVKATEAPAGVPPHPQDLEFTRLPNGLVIASLENYAPASRIGLFIKAGSRYENSNNLGTSHLLRLASSLTTKGA
SSFKITRGIEAVGGKLSVTSTRENMAYTVECLRDDVDILMEFLLNVTTAPEFRRWEVAALQPQLRIDKAVALQNPQAHVI
ENLHAAAYRNALANSLYCPDYRIGKVTPVELHDYVQNHFTSARMALIGLGVSHPVLKQVAEQFLNIRGGLGLSGAKAKYH
GGEIREQNGDSLVHAALVAESAAIGSAEANAFSVLQHVLGAGPHVKRGSNATSSLYQAVAKGVHQPFDVSAFNASYSDSG
LFGFYTISQAASAGDVIKAAYNQVKTIAQGNLSNPDVQAAKNKLKAGYLMSVESSEGFLDEVGSQALAAGSYTPPSTVLQ
QIDAVADADVINAAKKFVSGRKSMAASGNLGHTPFIDEL
;
B
3 'polypeptide(L)'
;MTNIRKSHPLMKIVNNAFIDLPAPSNISSWWNFGSLLGICLILQILTGLFLAMHYTSDTTTAFSSVTHICRDVNYGWIIR
YMHANGASMFFICLYMHVGRGLYYGSYTFLETWNIGVILLLTVMATAFMGYVLPWGQMSFWGATVITNLLSAIPYIGTNL
VEWIWGGFSVDKATLTRFFAFHFILPFIIMAIAMVHLLFLHETGSNNPTGISSDVDKIPFHPYYTIKDILGALLLILALM
LLVLFAPDLLGDPDNYTPANPLNTPPHIKPEWYFLFAYAILRSIPNKLGGVLALAFSILILALIPLLHTSKQRSMMFRPL
SQCLFWALVADLLTLTWIGGQPVEHPYITIGQLASVLYFLLILVLMPTAGTIENKLLKW
;
C
4 'polypeptide(L)'
;SDLELHPPSYPWSHRGLLSSLDHTSIRRGFQVYKQVCSSCHSMDYVAYRHLVGVCYTEDEAKALAEEVEVQDGPNEDGEM
FMRPGKLSDYFPKPYPNPEAARAANNGALPPDLSYIVRARHGGEDYVFSLLTGYCEPPTGVSLREGLYFNPYFPGQAIGM
APPIYNEVLEFDDGTPATMSQVAKDVCTFLRWAAEPEHDHRKRMGLKMLLMMGLLLPLVYAMKRHKWSVLKSRKLAYRPP
K
;
D
5 'polypeptide(L)'
;SHTDIKVPDFSDYRRPEVLDSTKSSKESSEARKGFSYLVTATTTVGVAYAAKNVVSQFVSSMSASADVLAMSKIEIKLSD
IPEGKNMAFKWRGKPLFVRHRTKKEIDQEAAVEVSQLRDPQHDLERVKKPEWVILIGVCTHLGCVPIANAGDFGGYYCPC
HGSHYDASGRIRKGPAPLNLEVPSYEFTSDDMVIVG
;
E
6 'polypeptide(L)'
;AGRPAVSASSRWLEGIRKWYYNAAGFNKLGLMRDDTIHENDDVKEAIRRLPENLYNDRVFRIKRALDLSMRQQILPKEQW
TKYEEDKSYLEPYLKEVIRERKEREEWAKK
;
F
7 'polypeptide(L)' GRQFGHLTRVRHVITYSLSPFEQRAFPHYFSKGIPNVLRRTRACILRVAPPFVAFYLVYTWGTQEFEKSKRKNPAAYEND G
8 'polypeptide(L)' GDPKEEEEEEEELVDPLTTVREQCEQLEKCVKARERLELCDERVSSRSQTEEDCTEELLDFLHARDHCVAHKLFNSLK H
9 'polypeptide(L)' MLSVAARSGPFAPVLSATSRGVAGALRPLVQAAVPATSESPVLDLKRSVLCRESLRGQAAGRPLVASVSLNVPASVRY I
10 'polypeptide(L)' VAPTLTARLYSLLFRRTSTFALTIVVGALFFERAFDQGADAIYEHINEGKLWKHIKHKYENKE J
11 'polypeptide(L)' LTRFLGPRYRQLARNWVPTASLWGAVGAVGLVWATDWRLILDWVPYINGKFKKDD K
#
loop_
_chem_comp.id
_chem_comp.type
_chem_comp.name
_chem_comp.formula
6PE non-polymer 1,2-DIHEXANOYL-SN-GLYCERO-3-PHOSPHOETHANOLAMINE 'C17 H33 N O8 P -1'
8PE non-polymer '(2R)-3-{[(S)-(2-aminoethoxy)(hydroxy)phosphoryl]oxy}-2-(tetradecanoyloxy)propyl octadecanoate' 'C37 H74 N O8 P'
CDL non-polymer CARDIOLIPIN 'C81 H156 O17 P2 -2'
CL non-polymer 'CHLORIDE ION' 'Cl -1'
FES non-polymer 'FE2/S2 (INORGANIC) CLUSTER' 'Fe2 S2'
FNM non-polymer (5S)-5-methyl-2-(methylsulfanyl)-5-phenyl-3-(phenylamino)-3,5-dihydro-4H-imidazol-4-one 'C17 H17 N3 O S'
GOL non-polymer GLYCEROL 'C3 H8 O3'
HEC non-polymer 'HEME C' 'C34 H34 Fe N4 O4'
HEM non-polymer 'PROTOPORPHYRIN IX CONTAINING FE' 'C34 H32 Fe N4 O4'
PEF non-polymer DI-PALMITOYL-3-SN-PHOSPHATIDYLETHANOLAMINE 'C37 H74 N O8 P'
PX4 non-polymer 1,2-DIMYRISTOYL-SN-GLYCERO-3-PHOSPHOCHOLINE 'C36 H73 N O8 P 1'
#
# COMPACT_ATOMS: atom_id res chain seq x y z
N THR A 1 -49.13 38.45 7.92
CA THR A 1 -49.02 37.23 8.77
C THR A 1 -47.72 37.23 9.56
N ALA A 2 -47.57 36.25 10.45
CA ALA A 2 -46.39 36.17 11.30
C ALA A 2 -45.17 35.71 10.50
N THR A 3 -44.01 36.26 10.84
CA THR A 3 -42.76 35.87 10.23
C THR A 3 -42.09 34.77 11.04
N TYR A 4 -40.99 34.24 10.49
CA TYR A 4 -40.27 33.17 11.17
C TYR A 4 -39.62 33.67 12.46
N ALA A 5 -39.04 34.87 12.42
CA ALA A 5 -38.47 35.46 13.62
C ALA A 5 -39.55 35.70 14.67
N GLN A 6 -40.71 36.21 14.24
CA GLN A 6 -41.80 36.48 15.18
C GLN A 6 -42.36 35.19 15.77
N ALA A 7 -42.34 34.09 15.01
CA ALA A 7 -42.90 32.84 15.51
C ALA A 7 -42.04 32.25 16.62
N LEU A 8 -40.74 32.55 16.64
CA LEU A 8 -39.86 31.97 17.65
C LEU A 8 -40.07 32.60 19.01
N GLN A 9 -40.55 33.84 19.06
CA GLN A 9 -40.88 34.46 20.35
C GLN A 9 -42.16 33.85 20.92
N SER A 10 -43.07 33.40 20.06
CA SER A 10 -44.38 32.87 20.47
C SER A 10 -44.31 31.51 21.13
N VAL A 11 -43.14 30.94 21.45
CA VAL A 11 -43.09 29.67 22.17
C VAL A 11 -43.11 29.98 23.65
N PRO A 12 -43.90 29.27 24.47
CA PRO A 12 -43.84 29.53 25.92
C PRO A 12 -42.50 29.09 26.50
N GLU A 13 -41.94 29.91 27.38
CA GLU A 13 -40.69 29.53 28.02
C GLU A 13 -40.94 28.40 28.99
N THR A 14 -40.01 27.44 29.02
CA THR A 14 -40.08 26.35 29.98
C THR A 14 -39.97 26.88 31.40
N GLN A 15 -41.05 26.76 32.17
CA GLN A 15 -41.01 27.11 33.59
C GLN A 15 -40.24 26.05 34.36
N VAL A 16 -39.41 26.50 35.30
CA VAL A 16 -38.48 25.63 36.01
C VAL A 16 -38.59 25.90 37.50
N SER A 17 -38.72 24.82 38.28
CA SER A 17 -38.69 24.87 39.73
C SER A 17 -37.78 23.77 40.24
N GLN A 18 -37.37 23.89 41.50
CA GLN A 18 -36.56 22.87 42.16
C GLN A 18 -37.17 22.56 43.51
N LEU A 19 -37.31 21.28 43.82
CA LEU A 19 -37.83 20.85 45.11
C LEU A 19 -36.79 21.11 46.19
N ASP A 20 -37.19 20.83 47.43
CA ASP A 20 -36.30 21.03 48.57
C ASP A 20 -35.22 19.94 48.65
N ASN A 21 -35.45 18.79 48.02
CA ASN A 21 -34.52 17.66 48.11
C ASN A 21 -33.52 17.59 46.97
N GLY A 22 -33.67 18.40 45.92
CA GLY A 22 -32.74 18.42 44.81
C GLY A 22 -33.40 18.22 43.47
N LEU A 23 -34.52 17.50 43.45
CA LEU A 23 -35.20 17.20 42.19
C LEU A 23 -35.62 18.49 41.48
N ARG A 24 -35.49 18.48 40.15
CA ARG A 24 -35.81 19.63 39.32
C ARG A 24 -37.04 19.31 38.48
N VAL A 25 -37.97 20.25 38.43
CA VAL A 25 -39.27 20.06 37.82
C VAL A 25 -39.44 21.13 36.75
N ALA A 26 -39.63 20.70 35.50
CA ALA A 26 -39.65 21.61 34.36
C ALA A 26 -40.78 21.22 33.40
N SER A 27 -41.48 22.23 32.88
CA SER A 27 -42.65 22.01 32.05
C SER A 27 -42.74 23.09 30.98
N GLU A 28 -43.22 22.69 29.81
CA GLU A 28 -43.61 23.61 28.74
C GLU A 28 -45.10 23.40 28.48
N GLN A 29 -45.90 24.41 28.79
CA GLN A 29 -47.33 24.30 28.61
C GLN A 29 -47.72 24.52 27.15
N SER A 30 -48.73 23.78 26.70
CA SER A 30 -49.36 23.99 25.40
C SER A 30 -50.87 23.87 25.60
N SER A 31 -51.62 23.83 24.49
CA SER A 31 -53.07 23.71 24.52
C SER A 31 -53.52 22.30 24.11
N GLN A 32 -52.70 21.30 24.40
CA GLN A 32 -52.93 19.94 23.94
C GLN A 32 -53.81 19.17 24.93
N PRO A 33 -54.71 18.29 24.47
CA PRO A 33 -55.38 17.40 25.41
C PRO A 33 -54.51 16.27 25.92
N THR A 34 -53.41 15.96 25.24
CA THR A 34 -52.45 14.95 25.66
C THR A 34 -51.19 15.60 26.21
N CYS A 35 -50.27 14.77 26.67
CA CYS A 35 -49.04 15.25 27.28
C CYS A 35 -48.12 14.06 27.49
N THR A 36 -46.86 14.35 27.82
CA THR A 36 -45.92 13.33 28.27
C THR A 36 -45.15 13.87 29.45
N VAL A 37 -44.95 13.02 30.45
CA VAL A 37 -44.18 13.32 31.64
C VAL A 37 -43.22 12.17 31.85
N GLY A 38 -42.05 12.48 32.39
CA GLY A 38 -41.06 11.45 32.61
C GLY A 38 -39.95 11.95 33.50
N VAL A 39 -39.11 11.01 33.92
CA VAL A 39 -37.96 11.29 34.76
C VAL A 39 -36.71 11.05 33.93
N TRP A 40 -35.84 12.05 33.85
CA TRP A 40 -34.53 11.92 33.22
C TRP A 40 -33.48 11.87 34.32
N ILE A 41 -32.48 11.02 34.12
CA ILE A 41 -31.51 10.68 35.14
C ILE A 41 -30.11 10.76 34.53
N ASP A 42 -29.15 11.27 35.30
CA ASP A 42 -27.74 11.24 34.93
C ASP A 42 -27.20 9.86 35.31
N ALA A 43 -27.44 8.89 34.43
CA ALA A 43 -27.00 7.53 34.65
C ALA A 43 -26.81 6.84 33.31
N GLY A 44 -25.98 5.81 33.32
CA GLY A 44 -25.64 5.11 32.10
C GLY A 44 -24.36 4.31 32.26
N SER A 45 -23.92 3.75 31.14
CA SER A 45 -22.77 2.85 31.17
C SER A 45 -21.48 3.58 31.55
N ARG A 46 -21.38 4.87 31.22
CA ARG A 46 -20.16 5.62 31.54
C ARG A 46 -19.93 5.69 33.05
N TYR A 47 -20.99 5.60 33.85
CA TYR A 47 -20.86 5.59 35.30
C TYR A 47 -20.55 4.21 35.85
N GLU A 48 -20.67 3.15 35.04
CA GLU A 48 -20.51 1.79 35.52
C GLU A 48 -19.07 1.32 35.39
N SER A 49 -18.66 0.47 36.32
CA SER A 49 -17.35 -0.19 36.26
C SER A 49 -17.46 -1.48 35.44
N GLU A 50 -16.30 -1.99 35.04
CA GLU A 50 -16.26 -3.22 34.25
C GLU A 50 -16.95 -4.38 34.96
N LYS A 51 -16.95 -4.36 36.29
CA LYS A 51 -17.47 -5.48 37.07
C LYS A 51 -18.99 -5.43 37.23
N ASN A 52 -19.61 -4.26 37.07
CA ASN A 52 -21.07 -4.14 37.11
C ASN A 52 -21.62 -3.47 35.86
N ASN A 53 -20.88 -3.52 34.76
CA ASN A 53 -21.35 -2.96 33.50
C ASN A 53 -22.62 -3.67 33.05
N GLY A 54 -23.53 -2.94 32.44
CA GLY A 54 -24.81 -3.45 32.02
C GLY A 54 -25.89 -3.45 33.09
N ALA A 55 -25.60 -2.94 34.29
CA ALA A 55 -26.58 -2.97 35.37
C ALA A 55 -27.79 -2.11 35.05
N GLY A 56 -27.58 -0.84 34.70
CA GLY A 56 -28.68 0.05 34.42
C GLY A 56 -29.58 -0.46 33.30
N TYR A 57 -29.02 -1.21 32.36
CA TYR A 57 -29.83 -1.83 31.33
C TYR A 57 -30.64 -2.98 31.90
N PHE A 58 -30.06 -3.73 32.85
CA PHE A 58 -30.80 -4.74 33.58
C PHE A 58 -31.99 -4.11 34.31
N VAL A 59 -31.78 -2.92 34.89
CA VAL A 59 -32.84 -2.22 35.60
C VAL A 59 -33.99 -1.89 34.66
N GLU A 60 -33.66 -1.43 33.45
CA GLU A 60 -34.70 -1.08 32.48
C GLU A 60 -35.65 -2.24 32.23
N HIS A 61 -35.12 -3.46 32.18
CA HIS A 61 -35.98 -4.62 31.99
C HIS A 61 -36.89 -4.84 33.19
N LEU A 62 -36.46 -4.45 34.38
CA LEU A 62 -37.18 -4.74 35.61
C LEU A 62 -38.08 -3.59 36.08
N ALA A 63 -37.91 -2.38 35.54
CA ALA A 63 -38.63 -1.22 36.06
C ALA A 63 -40.13 -1.38 35.94
N PHE A 64 -40.61 -2.00 34.86
CA PHE A 64 -42.03 -2.11 34.59
C PHE A 64 -42.62 -3.45 34.99
N LYS A 65 -41.86 -4.31 35.67
CA LYS A 65 -42.27 -5.68 35.94
C LYS A 65 -42.83 -5.88 37.35
N GLY A 66 -42.93 -4.83 38.15
CA GLY A 66 -43.49 -4.95 39.48
C GLY A 66 -42.94 -3.88 40.41
N THR A 67 -43.71 -3.60 41.45
CA THR A 67 -43.32 -2.64 42.48
C THR A 67 -44.04 -2.99 43.77
N LYS A 68 -43.66 -2.32 44.86
CA LYS A 68 -44.18 -2.67 46.18
C LYS A 68 -45.68 -2.38 46.28
N ASN A 69 -46.12 -1.21 45.82
CA ASN A 69 -47.53 -0.83 45.93
C ASN A 69 -48.39 -1.42 44.81
N ARG A 70 -47.76 -1.95 43.75
CA ARG A 70 -48.49 -2.47 42.59
C ARG A 70 -47.71 -3.66 42.04
N PRO A 71 -47.69 -4.77 42.78
CA PRO A 71 -46.78 -5.86 42.42
C PRO A 71 -47.18 -6.56 41.12
N GLY A 72 -46.17 -7.11 40.46
CA GLY A 72 -46.41 -7.92 39.28
C GLY A 72 -46.87 -7.07 38.10
N ASN A 73 -47.87 -7.59 37.39
CA ASN A 73 -48.42 -6.93 36.22
C ASN A 73 -49.40 -5.81 36.57
N ALA A 74 -49.57 -5.50 37.85
CA ALA A 74 -50.53 -4.47 38.24
C ALA A 74 -50.19 -3.12 37.63
N LEU A 75 -48.92 -2.88 37.35
CA LEU A 75 -48.51 -1.60 36.76
C LEU A 75 -48.88 -1.52 35.29
N GLU A 76 -48.72 -2.61 34.54
CA GLU A 76 -49.18 -2.64 33.16
C GLU A 76 -50.68 -2.36 33.08
N LYS A 77 -51.47 -3.03 33.93
CA LYS A 77 -52.92 -2.90 33.88
C LYS A 77 -53.36 -1.45 34.02
N GLU A 78 -52.71 -0.70 34.91
CA GLU A 78 -53.19 0.64 35.24
C GLU A 78 -52.96 1.62 34.10
N VAL A 79 -51.82 1.51 33.43
CA VAL A 79 -51.54 2.44 32.32
C VAL A 79 -52.31 2.04 31.08
N GLU A 80 -52.45 0.74 30.83
CA GLU A 80 -53.18 0.29 29.64
C GLU A 80 -54.66 0.64 29.76
N SER A 81 -55.23 0.59 30.97
CA SER A 81 -56.66 0.82 31.13
C SER A 81 -57.03 2.28 30.96
N MET A 82 -56.10 3.20 31.25
CA MET A 82 -56.31 4.62 30.97
C MET A 82 -55.73 5.03 29.62
N GLY A 83 -55.48 4.08 28.73
CA GLY A 83 -55.05 4.39 27.38
C GLY A 83 -53.68 5.03 27.27
N ALA A 84 -52.89 4.99 28.32
CA ALA A 84 -51.57 5.62 28.31
C ALA A 84 -50.54 4.68 27.68
N HIS A 85 -49.36 5.24 27.44
CA HIS A 85 -48.22 4.50 26.91
C HIS A 85 -47.01 4.77 27.81
N LEU A 86 -46.22 3.73 28.07
CA LEU A 86 -45.10 3.80 29.00
C LEU A 86 -43.85 3.27 28.32
N ASN A 87 -42.75 4.02 28.44
CA ASN A 87 -41.54 3.70 27.69
C ASN A 87 -40.31 4.11 28.50
N ALA A 88 -39.15 3.69 28.02
CA ALA A 88 -37.88 4.03 28.67
C ALA A 88 -36.74 3.81 27.69
N TYR A 89 -35.58 4.36 28.01
CA TYR A 89 -34.36 4.12 27.23
C TYR A 89 -33.14 4.44 28.09
N SER A 90 -31.99 3.95 27.63
CA SER A 90 -30.72 4.15 28.32
C SER A 90 -29.64 4.37 27.27
N THR A 91 -28.95 5.51 27.36
CA THR A 91 -27.75 5.77 26.57
C THR A 91 -26.53 5.56 27.45
N ARG A 92 -25.37 6.02 26.99
CA ARG A 92 -24.15 5.92 27.78
C ARG A 92 -24.07 6.98 28.88
N GLU A 93 -24.91 8.01 28.85
CA GLU A 93 -24.89 9.08 29.84
C GLU A 93 -26.23 9.39 30.48
N HIS A 94 -27.35 8.99 29.87
CA HIS A 94 -28.67 9.39 30.33
C HIS A 94 -29.60 8.18 30.39
N THR A 95 -30.53 8.23 31.34
CA THR A 95 -31.57 7.22 31.49
C THR A 95 -32.90 7.93 31.69
N ALA A 96 -33.93 7.43 31.02
CA ALA A 96 -35.24 8.09 31.04
C ALA A 96 -36.35 7.08 31.13
N TYR A 97 -37.40 7.44 31.88
CA TYR A 97 -38.67 6.73 31.90
C TYR A 97 -39.77 7.76 31.76
N TYR A 98 -40.66 7.57 30.78
CA TYR A 98 -41.71 8.55 30.54
C TYR A 98 -43.03 7.87 30.15
N ILE A 99 -44.12 8.60 30.37
CA ILE A 99 -45.46 8.15 30.06
C ILE A 99 -46.08 9.14 29.08
N LYS A 100 -46.83 8.61 28.11
CA LYS A 100 -47.74 9.42 27.31
C LYS A 100 -49.16 9.10 27.77
N ALA A 101 -49.97 10.13 27.98
CA ALA A 101 -51.29 9.92 28.54
C ALA A 101 -52.13 11.19 28.32
N LEU A 102 -53.40 11.11 28.70
CA LEU A 102 -54.27 12.28 28.68
C LEU A 102 -53.82 13.30 29.72
N SER A 103 -54.17 14.56 29.48
CA SER A 103 -53.82 15.61 30.43
C SER A 103 -54.50 15.40 31.77
N LYS A 104 -55.74 14.90 31.77
CA LYS A 104 -56.44 14.63 33.02
C LYS A 104 -55.79 13.49 33.80
N ASP A 105 -55.02 12.63 33.14
CA ASP A 105 -54.34 11.52 33.80
C ASP A 105 -52.96 11.89 34.32
N LEU A 106 -52.56 13.17 34.22
CA LEU A 106 -51.25 13.58 34.70
C LEU A 106 -51.01 13.24 36.17
N PRO A 107 -51.93 13.49 37.11
CA PRO A 107 -51.62 13.17 38.51
C PRO A 107 -51.36 11.69 38.75
N LYS A 108 -52.08 10.80 38.09
CA LYS A 108 -51.78 9.39 38.24
C LYS A 108 -50.46 9.03 37.57
N ALA A 109 -50.17 9.65 36.41
CA ALA A 109 -48.92 9.36 35.70
C ALA A 109 -47.71 9.75 36.54
N VAL A 110 -47.74 10.92 37.18
CA VAL A 110 -46.63 11.32 38.04
C VAL A 110 -46.47 10.32 39.18
N GLU A 111 -47.59 9.87 39.75
CA GLU A 111 -47.53 8.90 40.85
C GLU A 111 -46.80 7.63 40.42
N LEU A 112 -47.07 7.16 39.21
CA LEU A 112 -46.46 5.91 38.75
C LEU A 112 -44.97 6.07 38.52
N LEU A 113 -44.56 7.18 37.90
CA LEU A 113 -43.12 7.44 37.74
C LEU A 113 -42.42 7.45 39.08
N ALA A 114 -43.01 8.11 40.08
CA ALA A 114 -42.42 8.12 41.41
C ALA A 114 -42.32 6.72 41.99
N ASP A 115 -43.36 5.91 41.80
CA ASP A 115 -43.35 4.56 42.35
C ASP A 115 -42.35 3.67 41.61
N ILE A 116 -42.10 3.95 40.33
CA ILE A 116 -41.14 3.14 39.57
C ILE A 116 -39.73 3.42 40.06
N VAL A 117 -39.35 4.70 40.13
CA VAL A 117 -37.99 5.06 40.55
C VAL A 117 -37.74 4.59 41.97
N GLN A 118 -38.52 5.10 42.91
CA GLN A 118 -38.23 4.88 44.33
C GLN A 118 -38.45 3.42 44.71
N ASN A 119 -39.70 2.95 44.61
CA ASN A 119 -40.10 1.65 45.13
C ASN A 119 -40.12 0.64 43.97
N CYS A 120 -39.03 -0.08 43.81
CA CYS A 120 -38.92 -1.13 42.79
C CYS A 120 -38.85 -2.49 43.48
N SER A 121 -39.63 -3.45 42.97
CA SER A 121 -39.70 -4.76 43.61
C SER A 121 -38.41 -5.53 43.44
N LEU A 122 -38.04 -5.82 42.19
CA LEU A 122 -36.82 -6.57 41.87
C LEU A 122 -36.85 -7.96 42.50
N GLU A 123 -37.97 -8.66 42.32
CA GLU A 123 -38.07 -10.02 42.83
C GLU A 123 -37.02 -10.90 42.16
N ASP A 124 -36.37 -11.75 42.97
CA ASP A 124 -35.29 -12.59 42.46
C ASP A 124 -35.75 -13.52 41.35
N SER A 125 -37.04 -13.85 41.29
CA SER A 125 -37.56 -14.71 40.23
C SER A 125 -37.73 -13.93 38.92
N GLN A 126 -38.08 -12.65 39.00
CA GLN A 126 -38.18 -11.84 37.79
C GLN A 126 -36.80 -11.61 37.19
N ILE A 127 -35.78 -11.47 38.04
CA ILE A 127 -34.42 -11.28 37.54
C ILE A 127 -34.00 -12.46 36.67
N GLU A 128 -34.14 -13.68 37.21
CA GLU A 128 -33.78 -14.86 36.44
C GLU A 128 -34.56 -14.95 35.13
N LYS A 129 -35.79 -14.44 35.10
CA LYS A 129 -36.50 -14.33 33.84
C LYS A 129 -35.83 -13.34 32.91
N GLU A 130 -35.60 -12.11 33.38
CA GLU A 130 -35.02 -11.07 32.53
C GLU A 130 -33.57 -11.37 32.13
N ARG A 131 -32.93 -12.33 32.80
CA ARG A 131 -31.57 -12.69 32.42
C ARG A 131 -31.54 -13.33 31.04
N ASP A 132 -32.37 -14.34 30.83
CA ASP A 132 -32.41 -15.01 29.53
C ASP A 132 -32.94 -14.09 28.44
N VAL A 133 -33.75 -13.10 28.80
CA VAL A 133 -34.26 -12.15 27.83
C VAL A 133 -33.12 -11.32 27.26
N ILE A 134 -32.28 -10.76 28.14
CA ILE A 134 -31.19 -9.90 27.70
C ILE A 134 -30.24 -10.65 26.79
N LEU A 135 -29.91 -11.90 27.14
CA LEU A 135 -29.00 -12.68 26.31
C LEU A 135 -29.54 -12.86 24.90
N GLN A 136 -30.85 -13.08 24.77
CA GLN A 136 -31.45 -13.17 23.45
C GLN A 136 -31.36 -11.83 22.73
N GLU A 137 -31.63 -10.73 23.43
CA GLU A 137 -31.50 -9.41 22.82
C GLU A 137 -30.08 -9.17 22.32
N LEU A 138 -29.08 -9.74 23.00
CA LEU A 138 -27.70 -9.61 22.55
C LEU A 138 -27.49 -10.37 21.24
N GLN A 139 -28.06 -11.58 21.12
CA GLN A 139 -27.98 -12.30 19.85
C GLN A 139 -28.68 -11.54 18.73
N GLU A 140 -29.76 -10.83 19.05
CA GLU A 140 -30.42 -10.01 18.04
C GLU A 140 -29.54 -8.85 17.59
N ASN A 141 -28.91 -8.17 18.54
CA ASN A 141 -28.08 -7.02 18.21
C ASN A 141 -26.91 -7.40 17.34
N ASP A 142 -26.36 -8.61 17.53
CA ASP A 142 -25.24 -9.06 16.72
C ASP A 142 -25.55 -9.07 15.22
N THR A 143 -26.83 -9.12 14.84
CA THR A 143 -27.22 -9.11 13.44
C THR A 143 -27.48 -7.72 12.89
N SER A 144 -27.56 -6.70 13.75
CA SER A 144 -27.66 -5.31 13.29
C SER A 144 -26.24 -4.79 13.06
N MET A 145 -25.77 -4.85 11.82
CA MET A 145 -24.42 -4.38 11.54
C MET A 145 -24.23 -2.94 11.95
N ARG A 146 -25.27 -2.12 11.82
CA ARG A 146 -25.20 -0.72 12.23
C ARG A 146 -24.90 -0.60 13.73
N ASP A 147 -25.65 -1.30 14.57
CA ASP A 147 -25.45 -1.19 16.01
C ASP A 147 -24.11 -1.78 16.44
N VAL A 148 -23.67 -2.83 15.74
CA VAL A 148 -22.35 -3.40 16.02
C VAL A 148 -21.27 -2.35 15.76
N VAL A 149 -21.23 -1.82 14.53
CA VAL A 149 -20.09 -1.00 14.11
C VAL A 149 -19.97 0.29 14.93
N PHE A 150 -21.08 0.77 15.51
CA PHE A 150 -21.00 1.92 16.41
C PHE A 150 -20.53 1.53 17.81
N ASN A 151 -20.90 0.33 18.28
CA ASN A 151 -20.28 -0.18 19.51
C ASN A 151 -18.79 -0.39 19.31
N TYR A 152 -18.38 -0.78 18.09
CA TYR A 152 -16.96 -0.91 17.79
C TYR A 152 -16.27 0.45 17.77
N LEU A 153 -16.93 1.47 17.22
CA LEU A 153 -16.35 2.80 17.20
C LEU A 153 -16.08 3.29 18.62
N HIS A 154 -17.08 3.18 19.50
CA HIS A 154 -16.87 3.54 20.89
C HIS A 154 -15.78 2.70 21.53
N ALA A 155 -15.74 1.41 21.22
CA ALA A 155 -14.78 0.52 21.86
C ALA A 155 -13.35 0.92 21.54
N THR A 156 -13.07 1.24 20.27
CA THR A 156 -11.71 1.63 19.90
C THR A 156 -11.42 3.08 20.26
N ALA A 157 -12.38 3.98 20.02
CA ALA A 157 -12.10 5.41 20.14
C ALA A 157 -11.84 5.80 21.59
N PHE A 158 -12.59 5.22 22.53
CA PHE A 158 -12.45 5.51 23.96
C PHE A 158 -11.84 4.34 24.71
N GLN A 159 -10.97 3.57 24.05
CA GLN A 159 -10.39 2.38 24.66
C GLN A 159 -9.71 2.72 25.98
N GLY A 160 -9.96 1.89 26.99
CA GLY A 160 -9.40 2.07 28.31
C GLY A 160 -10.22 2.92 29.26
N THR A 161 -11.40 3.35 28.86
CA THR A 161 -12.21 4.32 29.60
C THR A 161 -13.61 3.77 29.76
N PRO A 162 -14.44 4.40 30.60
CA PRO A 162 -15.82 3.92 30.76
C PRO A 162 -16.66 4.03 29.50
N LEU A 163 -16.42 5.06 28.67
CA LEU A 163 -17.21 5.23 27.46
C LEU A 163 -17.00 4.12 26.44
N ALA A 164 -15.89 3.38 26.53
CA ALA A 164 -15.70 2.24 25.63
C ALA A 164 -16.74 1.17 25.86
N GLN A 165 -17.32 1.10 27.04
CA GLN A 165 -18.29 0.07 27.36
C GLN A 165 -19.60 0.28 26.61
N SER A 166 -20.22 -0.83 26.22
CA SER A 166 -21.55 -0.81 25.65
C SER A 166 -22.59 -0.60 26.75
N VAL A 167 -23.79 -0.19 26.33
CA VAL A 167 -24.87 0.02 27.28
C VAL A 167 -25.34 -1.32 27.85
N GLU A 168 -25.43 -2.34 26.99
CA GLU A 168 -26.00 -3.63 27.38
C GLU A 168 -25.04 -4.46 28.23
N GLY A 169 -23.75 -4.15 28.25
CA GLY A 169 -22.78 -4.93 28.99
C GLY A 169 -22.47 -6.23 28.29
N PRO A 170 -21.43 -6.94 28.73
CA PRO A 170 -21.07 -8.20 28.10
C PRO A 170 -21.96 -9.34 28.57
N SER A 171 -21.96 -10.42 27.78
CA SER A 171 -22.77 -11.58 28.13
C SER A 171 -22.34 -12.17 29.47
N GLU A 172 -21.05 -12.07 29.81
CA GLU A 172 -20.59 -12.64 31.06
C GLU A 172 -21.16 -11.89 32.26
N ASN A 173 -21.25 -10.56 32.18
CA ASN A 173 -21.79 -9.78 33.29
C ASN A 173 -23.28 -10.05 33.48
N VAL A 174 -24.02 -10.21 32.38
CA VAL A 174 -25.45 -10.52 32.47
C VAL A 174 -25.66 -11.80 33.27
N ARG A 175 -24.77 -12.79 33.08
CA ARG A 175 -24.95 -14.09 33.69
C ARG A 175 -24.57 -14.13 35.16
N LYS A 176 -23.91 -13.08 35.69
CA LYS A 176 -23.49 -13.05 37.08
C LYS A 176 -23.95 -11.81 37.85
N LEU A 177 -24.61 -10.86 37.20
CA LEU A 177 -25.12 -9.69 37.91
C LEU A 177 -26.17 -10.10 38.93
N SER A 178 -25.92 -9.76 40.20
CA SER A 178 -26.79 -10.14 41.30
C SER A 178 -27.68 -8.98 41.72
N ARG A 179 -28.68 -9.31 42.55
CA ARG A 179 -29.60 -8.28 43.04
C ARG A 179 -28.87 -7.22 43.86
N ALA A 180 -27.80 -7.61 44.55
CA ALA A 180 -27.04 -6.64 45.34
C ALA A 180 -26.34 -5.63 44.44
N ASP A 181 -25.81 -6.08 43.30
CA ASP A 181 -25.20 -5.16 42.35
C ASP A 181 -26.20 -4.10 41.89
N LEU A 182 -27.46 -4.51 41.67
CA LEU A 182 -28.44 -3.60 41.09
C LEU A 182 -28.87 -2.54 42.10
N THR A 183 -29.18 -2.95 43.33
CA THR A 183 -29.60 -1.99 44.34
C THR A 183 -28.48 -1.02 44.67
N GLU A 184 -27.22 -1.47 44.62
CA GLU A 184 -26.10 -0.55 44.81
C GLU A 184 -26.06 0.51 43.71
N TYR A 185 -26.30 0.10 42.47
CA TYR A 185 -26.36 1.04 41.36
C TYR A 185 -27.46 2.08 41.58
N LEU A 186 -28.64 1.62 41.99
CA LEU A 186 -29.77 2.53 42.16
C LEU A 186 -29.53 3.49 43.32
N SER A 187 -29.15 2.97 44.48
CA SER A 187 -28.95 3.83 45.64
C SER A 187 -27.91 4.91 45.38
N ARG A 188 -26.90 4.61 44.56
CA ARG A 188 -25.85 5.58 44.28
C ARG A 188 -26.32 6.63 43.27
N HIS A 189 -26.91 6.19 42.16
CA HIS A 189 -27.14 7.05 41.01
C HIS A 189 -28.53 7.68 40.97
N TYR A 190 -29.52 7.07 41.60
CA TYR A 190 -30.91 7.55 41.52
C TYR A 190 -31.21 8.46 42.71
N LYS A 191 -30.56 9.63 42.70
CA LYS A 191 -30.69 10.62 43.75
C LYS A 191 -31.29 11.89 43.18
N ALA A 192 -32.05 12.60 44.02
CA ALA A 192 -32.89 13.71 43.55
C ALA A 192 -32.14 14.76 42.75
N PRO A 193 -30.94 15.23 43.15
CA PRO A 193 -30.29 16.30 42.37
C PRO A 193 -29.88 15.85 40.98
N ARG A 194 -29.66 14.56 40.75
CA ARG A 194 -29.28 14.04 39.45
C ARG A 194 -30.47 13.61 38.60
N MET A 195 -31.68 14.03 38.97
CA MET A 195 -32.89 13.67 38.26
C MET A 195 -33.68 14.92 37.90
N VAL A 196 -34.50 14.79 36.87
CA VAL A 196 -35.39 15.87 36.40
C VAL A 196 -36.74 15.27 36.11
N LEU A 197 -37.79 15.86 36.69
CA LEU A 197 -39.16 15.51 36.33
C LEU A 197 -39.61 16.49 35.25
N ALA A 198 -39.55 16.05 34.00
CA ALA A 198 -39.95 16.87 32.86
C ALA A 198 -41.35 16.48 32.40
N ALA A 199 -42.07 17.46 31.88
CA ALA A 199 -43.41 17.25 31.34
C ALA A 199 -43.65 18.23 30.21
N ALA A 200 -44.56 17.86 29.31
CA ALA A 200 -44.87 18.71 28.16
C ALA A 200 -46.27 18.39 27.67
N GLY A 201 -47.08 19.42 27.51
CA GLY A 201 -48.43 19.26 27.01
C GLY A 201 -49.35 20.30 27.64
N GLY A 202 -50.62 19.94 27.74
CA GLY A 202 -51.60 20.80 28.36
C GLY A 202 -51.62 20.63 29.86
N LEU A 203 -50.84 21.44 30.57
CA LEU A 203 -50.71 21.29 32.01
C LEU A 203 -50.03 22.53 32.57
N GLU A 204 -50.55 23.01 33.70
CA GLU A 204 -49.95 24.16 34.37
C GLU A 204 -48.76 23.71 35.22
N HIS A 205 -47.72 24.54 35.24
CA HIS A 205 -46.51 24.18 35.98
C HIS A 205 -46.77 24.07 37.48
N ARG A 206 -47.74 24.83 37.99
CA ARG A 206 -48.13 24.71 39.39
C ARG A 206 -48.51 23.28 39.73
N GLN A 207 -49.33 22.67 38.88
CA GLN A 207 -49.79 21.30 39.12
C GLN A 207 -48.62 20.32 39.18
N LEU A 208 -47.69 20.45 38.22
CA LEU A 208 -46.57 19.52 38.16
C LEU A 208 -45.68 19.66 39.39
N LEU A 209 -45.47 20.88 39.88
CA LEU A 209 -44.64 21.08 41.06
C LEU A 209 -45.32 20.52 42.31
N ASP A 210 -46.65 20.69 42.41
CA ASP A 210 -47.38 20.14 43.54
C ASP A 210 -47.22 18.62 43.61
N LEU A 211 -47.32 17.95 42.46
CA LEU A 211 -47.20 16.49 42.43
C LEU A 211 -45.79 16.05 42.73
N ALA A 212 -44.80 16.82 42.29
CA ALA A 212 -43.41 16.49 42.60
C ALA A 212 -43.15 16.55 44.10
N GLN A 213 -43.59 17.63 44.75
CA GLN A 213 -43.42 17.74 46.19
C GLN A 213 -44.22 16.67 46.93
N LYS A 214 -45.24 16.10 46.31
CA LYS A 214 -46.04 15.06 46.97
C LYS A 214 -45.40 13.69 46.81
N HIS A 215 -45.10 13.29 45.57
CA HIS A 215 -44.69 11.92 45.29
C HIS A 215 -43.18 11.73 45.20
N PHE A 216 -42.39 12.81 45.24
CA PHE A 216 -40.93 12.72 45.17
C PHE A 216 -40.25 13.31 46.40
N SER A 217 -40.99 13.53 47.48
CA SER A 217 -40.36 14.06 48.69
C SER A 217 -39.52 13.02 49.40
N GLY A 218 -39.89 11.74 49.27
CA GLY A 218 -39.17 10.67 49.94
C GLY A 218 -37.79 10.37 49.38
N LEU A 219 -37.35 11.08 48.35
CA LEU A 219 -36.05 10.82 47.77
C LEU A 219 -34.93 11.16 48.75
N SER A 220 -33.73 10.66 48.44
CA SER A 220 -32.57 10.95 49.26
C SER A 220 -32.25 12.44 49.23
N GLY A 221 -31.86 12.98 50.39
CA GLY A 221 -31.54 14.38 50.50
C GLY A 221 -30.37 14.82 49.64
N THR A 222 -29.91 16.05 49.83
CA THR A 222 -28.84 16.58 49.00
C THR A 222 -27.52 15.86 49.28
N TYR A 223 -27.21 15.58 50.54
CA TYR A 223 -25.99 14.87 50.89
C TYR A 223 -26.17 13.37 50.68
N ASP A 224 -25.06 12.71 50.32
CA ASP A 224 -25.07 11.29 50.01
C ASP A 224 -23.89 10.57 50.67
N GLU A 225 -23.45 11.02 51.84
CA GLU A 225 -22.47 10.33 52.65
C GLU A 225 -21.09 10.26 51.99
N ASP A 226 -20.80 11.22 51.10
CA ASP A 226 -19.50 11.31 50.44
C ASP A 226 -19.21 10.06 49.63
N ALA A 227 -19.87 9.93 48.49
CA ALA A 227 -19.67 8.83 47.55
C ALA A 227 -20.25 9.20 46.19
N VAL A 228 -19.92 10.39 45.72
CA VAL A 228 -20.54 10.96 44.52
C VAL A 228 -19.88 10.37 43.28
N PRO A 229 -20.63 10.04 42.23
CA PRO A 229 -19.97 9.70 40.95
C PRO A 229 -19.48 10.97 40.26
N THR A 230 -18.16 11.10 40.11
CA THR A 230 -17.53 12.21 39.40
C THR A 230 -16.98 11.66 38.10
N LEU A 231 -17.62 12.00 36.99
CA LEU A 231 -17.17 11.53 35.68
C LEU A 231 -15.78 12.08 35.38
N SER A 232 -14.82 11.19 35.23
CA SER A 232 -13.49 11.58 34.78
C SER A 232 -13.51 11.80 33.27
N PRO A 233 -12.60 12.62 32.75
CA PRO A 233 -12.47 12.72 31.28
C PRO A 233 -12.12 11.37 30.68
N CYS A 234 -12.43 11.23 29.40
CA CYS A 234 -12.26 9.96 28.69
C CYS A 234 -11.31 10.17 27.52
N ARG A 235 -10.16 9.50 27.58
CA ARG A 235 -9.15 9.60 26.54
C ARG A 235 -9.70 9.11 25.21
N PHE A 236 -9.56 9.94 24.19
CA PHE A 236 -9.82 9.55 22.80
C PHE A 236 -8.53 9.02 22.18
N THR A 237 -8.64 7.92 21.45
CA THR A 237 -7.50 7.25 20.85
C THR A 237 -7.74 7.10 19.35
N GLY A 238 -6.87 7.73 18.56
CA GLY A 238 -6.82 7.45 17.13
C GLY A 238 -6.42 6.01 16.93
N SER A 239 -7.29 5.23 16.29
CA SER A 239 -7.14 3.78 16.25
C SER A 239 -8.09 3.24 15.21
N GLN A 240 -8.00 1.93 14.97
CA GLN A 240 -8.82 1.27 13.97
C GLN A 240 -9.12 -0.15 14.43
N ILE A 241 -10.35 -0.58 14.18
CA ILE A 241 -10.80 -1.94 14.45
C ILE A 241 -11.53 -2.44 13.21
N CYS A 242 -11.11 -3.60 12.70
CA CYS A 242 -11.70 -4.22 11.52
C CYS A 242 -12.19 -5.60 11.90
N HIS A 243 -13.48 -5.86 11.72
CA HIS A 243 -14.05 -7.19 11.85
C HIS A 243 -14.34 -7.67 10.43
N ARG A 244 -13.43 -8.48 9.90
CA ARG A 244 -13.55 -9.01 8.56
C ARG A 244 -14.55 -10.16 8.53
N GLU A 245 -15.55 -10.06 7.66
CA GLU A 245 -16.58 -11.11 7.52
C GLU A 245 -17.10 -11.03 6.09
N ASP A 246 -16.49 -11.82 5.20
CA ASP A 246 -16.87 -11.76 3.80
C ASP A 246 -18.19 -12.46 3.51
N GLY A 247 -18.74 -13.21 4.47
CA GLY A 247 -20.04 -13.81 4.30
C GLY A 247 -21.19 -12.82 4.34
N LEU A 248 -20.95 -11.57 4.78
CA LEU A 248 -22.00 -10.57 4.83
C LEU A 248 -22.09 -9.83 3.50
N PRO A 249 -23.28 -9.44 3.04
CA PRO A 249 -23.41 -8.91 1.68
C PRO A 249 -22.88 -7.51 1.51
N LEU A 250 -22.84 -6.71 2.58
CA LEU A 250 -22.46 -5.30 2.49
C LEU A 250 -21.60 -4.94 3.68
N ALA A 251 -20.64 -4.04 3.44
CA ALA A 251 -19.72 -3.60 4.48
C ALA A 251 -20.25 -2.34 5.17
N HIS A 252 -20.04 -2.27 6.48
CA HIS A 252 -20.37 -1.11 7.29
C HIS A 252 -19.08 -0.46 7.74
N VAL A 253 -18.98 0.86 7.58
CA VAL A 253 -17.83 1.63 8.03
C VAL A 253 -18.34 2.79 8.87
N ALA A 254 -17.63 3.08 9.95
CA ALA A 254 -17.85 4.29 10.73
C ALA A 254 -16.50 4.90 11.06
N ILE A 255 -16.39 6.21 10.91
CA ILE A 255 -15.14 6.95 11.06
C ILE A 255 -15.46 8.28 11.74
N ALA A 256 -14.68 8.63 12.76
CA ALA A 256 -14.98 9.85 13.51
C ALA A 256 -13.72 10.42 14.16
N VAL A 257 -13.77 11.72 14.43
CA VAL A 257 -12.78 12.42 15.23
C VAL A 257 -13.44 12.80 16.56
N GLU A 258 -12.61 13.30 17.48
CA GLU A 258 -13.13 13.70 18.79
C GLU A 258 -13.86 15.03 18.70
N GLY A 259 -15.06 15.09 19.28
CA GLY A 259 -15.82 16.30 19.34
C GLY A 259 -15.70 16.99 20.69
N PRO A 260 -16.19 18.22 20.79
CA PRO A 260 -15.98 19.01 22.01
C PRO A 260 -16.78 18.53 23.22
N GLY A 261 -18.10 18.47 23.11
CA GLY A 261 -18.94 18.14 24.24
C GLY A 261 -20.30 18.79 24.09
N TRP A 262 -21.07 18.73 25.18
CA TRP A 262 -22.45 19.23 25.15
C TRP A 262 -22.50 20.76 25.13
N ALA A 263 -21.90 21.39 26.14
CA ALA A 263 -22.05 22.83 26.35
C ALA A 263 -20.95 23.65 25.69
N HIS A 264 -20.50 23.25 24.49
CA HIS A 264 -19.50 23.98 23.73
C HIS A 264 -20.15 24.69 22.56
N PRO A 265 -19.98 26.00 22.37
CA PRO A 265 -20.64 26.66 21.22
C PRO A 265 -20.21 26.14 19.86
N ASP A 266 -19.12 25.38 19.76
CA ASP A 266 -18.65 24.86 18.49
C ASP A 266 -19.61 23.84 17.88
N ASN A 267 -20.45 23.20 18.70
CA ASN A 267 -21.35 22.17 18.17
C ASN A 267 -22.29 22.74 17.14
N VAL A 268 -22.74 23.99 17.32
CA VAL A 268 -23.64 24.61 16.35
C VAL A 268 -22.98 24.63 14.98
N ALA A 269 -21.79 25.23 14.89
CA ALA A 269 -21.10 25.34 13.61
C ALA A 269 -20.76 23.96 13.04
N LEU A 270 -20.44 22.99 13.91
CA LEU A 270 -20.19 21.63 13.43
C LEU A 270 -21.44 21.01 12.81
N GLN A 271 -22.61 21.22 13.43
CA GLN A 271 -23.84 20.69 12.88
C GLN A 271 -24.17 21.30 11.51
N VAL A 272 -23.84 22.58 11.31
CA VAL A 272 -24.02 23.18 9.99
C VAL A 272 -23.17 22.46 8.96
N ALA A 273 -21.92 22.14 9.31
CA ALA A 273 -21.04 21.45 8.39
C ALA A 273 -21.58 20.06 8.07
N ASN A 274 -22.00 19.32 9.10
CA ASN A 274 -22.57 17.99 8.88
C ASN A 274 -23.79 18.05 7.98
N ALA A 275 -24.56 19.14 8.03
CA ALA A 275 -25.74 19.25 7.19
C ALA A 275 -25.37 19.45 5.73
N ILE A 276 -24.24 20.09 5.45
CA ILE A 276 -23.79 20.25 4.06
C ILE A 276 -23.46 18.90 3.46
N ILE A 277 -22.68 18.09 4.19
CA ILE A 277 -22.42 16.72 3.77
C ILE A 277 -23.73 15.93 3.80
N GLY A 278 -24.51 16.09 4.86
CA GLY A 278 -25.86 15.56 4.87
C GLY A 278 -25.90 14.05 5.06
N HIS A 279 -26.86 13.43 4.41
CA HIS A 279 -27.12 12.00 4.53
C HIS A 279 -27.73 11.51 3.21
N TYR A 280 -27.86 10.19 3.10
CA TYR A 280 -28.35 9.62 1.84
C TYR A 280 -28.66 8.14 2.05
N ASP A 281 -29.65 7.65 1.30
CA ASP A 281 -29.75 6.24 1.00
C ASP A 281 -30.44 6.07 -0.34
N CYS A 282 -30.47 4.82 -0.81
CA CYS A 282 -30.84 4.51 -2.19
C CYS A 282 -32.30 4.81 -2.51
N THR A 283 -33.14 5.10 -1.52
CA THR A 283 -34.55 5.38 -1.76
C THR A 283 -34.85 6.87 -1.91
N TYR A 284 -33.85 7.75 -1.74
CA TYR A 284 -34.09 9.17 -1.95
C TYR A 284 -34.44 9.42 -3.41
N GLY A 285 -35.09 10.57 -3.65
CA GLY A 285 -35.53 10.92 -4.98
C GLY A 285 -34.55 11.76 -5.77
N GLY A 286 -33.77 12.59 -5.09
CA GLY A 286 -32.93 13.55 -5.78
C GLY A 286 -31.82 12.91 -6.61
N GLY A 287 -31.05 12.02 -5.97
CA GLY A 287 -29.98 11.35 -6.67
C GLY A 287 -28.92 12.27 -7.24
N ALA A 288 -28.87 12.37 -8.57
CA ALA A 288 -27.80 13.12 -9.23
C ALA A 288 -27.85 14.60 -8.89
N HIS A 289 -29.03 15.15 -8.64
CA HIS A 289 -29.22 16.58 -8.49
C HIS A 289 -29.14 17.06 -7.05
N LEU A 290 -28.78 16.19 -6.11
CA LEU A 290 -28.67 16.61 -4.73
C LEU A 290 -27.55 17.63 -4.57
N SER A 291 -27.71 18.51 -3.59
CA SER A 291 -26.74 19.59 -3.36
C SER A 291 -25.41 19.02 -2.87
N SER A 292 -25.45 18.17 -1.86
CA SER A 292 -24.24 17.61 -1.27
C SER A 292 -23.43 16.89 -2.35
N PRO A 293 -22.16 17.25 -2.57
CA PRO A 293 -21.36 16.49 -3.55
C PRO A 293 -21.21 15.03 -3.18
N LEU A 294 -21.04 14.71 -1.89
CA LEU A 294 -20.96 13.32 -1.50
C LEU A 294 -22.21 12.56 -1.92
N ALA A 295 -23.38 13.14 -1.66
CA ALA A 295 -24.63 12.49 -2.04
C ALA A 295 -24.74 12.36 -3.55
N SER A 296 -24.51 13.47 -4.26
CA SER A 296 -24.65 13.46 -5.72
C SER A 296 -23.74 12.42 -6.36
N ILE A 297 -22.49 12.38 -5.93
CA ILE A 297 -21.53 11.43 -6.50
C ILE A 297 -21.94 10.00 -6.14
N ALA A 298 -22.36 9.77 -4.90
CA ALA A 298 -22.69 8.42 -4.47
C ALA A 298 -23.88 7.87 -5.22
N ALA A 299 -24.87 8.73 -5.53
CA ALA A 299 -26.01 8.28 -6.31
C ALA A 299 -25.63 8.03 -7.76
N THR A 300 -24.87 8.96 -8.36
CA THR A 300 -24.49 8.83 -9.76
C THR A 300 -23.65 7.58 -9.98
N ASN A 301 -22.58 7.43 -9.21
CA ASN A 301 -21.66 6.32 -9.38
C ASN A 301 -21.99 5.12 -8.50
N LYS A 302 -23.02 5.21 -7.66
CA LYS A 302 -23.53 4.06 -6.91
C LYS A 302 -22.44 3.53 -5.97
N LEU A 303 -21.93 4.43 -5.14
CA LEU A 303 -20.84 4.11 -4.24
C LEU A 303 -21.30 3.56 -2.90
N CYS A 304 -22.59 3.66 -2.58
CA CYS A 304 -23.08 3.21 -1.29
C CYS A 304 -24.58 3.02 -1.35
N GLN A 305 -25.09 2.21 -0.41
CA GLN A 305 -26.52 2.10 -0.17
C GLN A 305 -27.03 3.23 0.71
N SER A 306 -26.20 3.69 1.64
CA SER A 306 -26.58 4.77 2.54
C SER A 306 -25.33 5.34 3.20
N PHE A 307 -25.41 6.62 3.58
CA PHE A 307 -24.44 7.20 4.50
C PHE A 307 -25.15 8.26 5.34
N GLN A 308 -24.53 8.56 6.48
CA GLN A 308 -25.05 9.57 7.39
C GLN A 308 -23.90 10.18 8.17
N THR A 309 -23.92 11.50 8.32
CA THR A 309 -23.00 12.18 9.22
C THR A 309 -23.61 12.21 10.63
N PHE A 310 -22.76 12.47 11.61
CA PHE A 310 -23.24 12.51 12.99
C PHE A 310 -22.29 13.34 13.84
N ASN A 311 -22.83 13.83 14.95
CA ASN A 311 -22.07 14.54 15.99
C ASN A 311 -22.60 14.02 17.33
N ILE A 312 -22.00 12.94 17.81
CA ILE A 312 -22.40 12.35 19.09
C ILE A 312 -21.68 13.11 20.21
N CYS A 313 -22.46 13.68 21.12
CA CYS A 313 -21.94 14.48 22.22
C CYS A 313 -21.92 13.67 23.51
N TYR A 314 -20.86 13.87 24.30
CA TYR A 314 -20.82 13.42 25.67
C TYR A 314 -20.24 14.55 26.50
N ALA A 315 -20.14 14.32 27.81
CA ALA A 315 -19.56 15.33 28.69
C ALA A 315 -18.10 15.54 28.34
N ASP A 316 -17.78 16.72 27.80
CA ASP A 316 -16.42 17.14 27.51
C ASP A 316 -15.76 16.29 26.43
N THR A 317 -16.54 15.58 25.62
CA THR A 317 -15.99 14.80 24.52
C THR A 317 -17.14 14.44 23.57
N GLY A 318 -16.85 13.63 22.58
CA GLY A 318 -17.85 13.26 21.59
C GLY A 318 -17.22 12.56 20.42
N LEU A 319 -18.08 12.10 19.52
CA LEU A 319 -17.66 11.44 18.28
C LEU A 319 -18.29 12.18 17.10
N LEU A 320 -17.43 12.78 16.27
CA LEU A 320 -17.85 13.57 15.12
C LEU A 320 -17.35 12.87 13.86
N GLY A 321 -18.27 12.52 12.96
CA GLY A 321 -17.86 11.92 11.70
C GLY A 321 -19.02 11.40 10.86
N ALA A 322 -18.81 10.26 10.20
CA ALA A 322 -19.79 9.71 9.29
C ALA A 322 -19.76 8.18 9.37
N HIS A 323 -20.76 7.58 8.74
CA HIS A 323 -20.93 6.13 8.69
C HIS A 323 -21.60 5.81 7.37
N PHE A 324 -21.23 4.68 6.76
CA PHE A 324 -21.84 4.33 5.48
C PHE A 324 -21.85 2.82 5.28
N VAL A 325 -22.55 2.43 4.22
CA VAL A 325 -22.88 1.04 3.89
C VAL A 325 -22.69 0.90 2.38
N CYS A 326 -21.87 -0.04 1.95
CA CYS A 326 -21.60 -0.13 0.51
C CYS A 326 -21.12 -1.52 0.14
N ASP A 327 -21.12 -1.77 -1.17
CA ASP A 327 -20.55 -2.97 -1.77
C ASP A 327 -19.04 -3.03 -1.48
N HIS A 328 -18.49 -4.25 -1.53
CA HIS A 328 -17.11 -4.47 -1.11
C HIS A 328 -16.09 -3.76 -2.01
N MET A 329 -16.46 -3.43 -3.25
CA MET A 329 -15.55 -2.75 -4.16
C MET A 329 -15.74 -1.25 -4.19
N SER A 330 -16.51 -0.69 -3.25
CA SER A 330 -16.80 0.75 -3.22
C SER A 330 -16.29 1.44 -1.96
N ILE A 331 -15.63 0.73 -1.05
CA ILE A 331 -15.24 1.33 0.22
C ILE A 331 -14.21 2.43 0.00
N ASP A 332 -13.21 2.15 -0.85
CA ASP A 332 -12.16 3.13 -1.09
C ASP A 332 -12.73 4.40 -1.70
N ASP A 333 -13.55 4.27 -2.74
CA ASP A 333 -14.13 5.46 -3.36
C ASP A 333 -14.99 6.26 -2.36
N MET A 334 -15.75 5.57 -1.51
CA MET A 334 -16.56 6.31 -0.53
C MET A 334 -15.68 7.08 0.44
N MET A 335 -14.58 6.47 0.91
CA MET A 335 -13.72 7.16 1.85
C MET A 335 -12.98 8.31 1.19
N PHE A 336 -12.61 8.14 -0.09
CA PHE A 336 -11.96 9.23 -0.80
C PHE A 336 -12.87 10.44 -0.86
N VAL A 337 -14.11 10.25 -1.31
CA VAL A 337 -15.03 11.37 -1.46
C VAL A 337 -15.39 11.94 -0.10
N LEU A 338 -15.57 11.09 0.90
CA LEU A 338 -15.92 11.56 2.24
C LEU A 338 -14.83 12.50 2.77
N GLN A 339 -13.59 12.01 2.81
CA GLN A 339 -12.48 12.83 3.31
C GLN A 339 -12.29 14.07 2.46
N GLY A 340 -12.49 13.95 1.14
CA GLY A 340 -12.33 15.10 0.28
C GLY A 340 -13.27 16.23 0.64
N GLN A 341 -14.46 15.89 1.13
CA GLN A 341 -15.43 16.92 1.53
C GLN A 341 -15.07 17.52 2.88
N TRP A 342 -14.58 16.70 3.82
CA TRP A 342 -14.05 17.25 5.06
C TRP A 342 -12.93 18.23 4.78
N MET A 343 -11.94 17.83 3.96
CA MET A 343 -10.84 18.72 3.62
C MET A 343 -11.34 19.97 2.88
N ARG A 344 -12.31 19.80 1.99
CA ARG A 344 -12.78 20.94 1.21
C ARG A 344 -13.51 21.96 2.09
N LEU A 345 -14.22 21.50 3.12
CA LEU A 345 -14.88 22.42 4.04
C LEU A 345 -13.89 23.07 5.00
N CYS A 346 -12.82 22.36 5.36
CA CYS A 346 -11.78 22.95 6.21
C CYS A 346 -11.12 24.16 5.53
N THR A 347 -10.97 24.12 4.20
CA THR A 347 -10.10 25.04 3.49
C THR A 347 -10.79 25.96 2.52
N SER A 348 -11.98 25.63 2.02
CA SER A 348 -12.59 26.42 0.94
C SER A 348 -14.12 26.32 0.98
N ALA A 349 -14.71 26.47 2.16
CA ALA A 349 -16.16 26.53 2.26
C ALA A 349 -16.66 27.86 1.74
N THR A 350 -17.78 27.83 1.02
CA THR A 350 -18.36 29.01 0.40
C THR A 350 -19.62 29.44 1.16
N GLU A 351 -20.00 30.70 0.97
CA GLU A 351 -21.10 31.26 1.76
C GLU A 351 -22.43 30.64 1.40
N SER A 352 -22.65 30.34 0.12
CA SER A 352 -23.95 29.86 -0.34
C SER A 352 -24.30 28.52 0.32
N GLU A 353 -23.38 27.55 0.23
CA GLU A 353 -23.65 26.24 0.81
C GLU A 353 -23.78 26.28 2.32
N VAL A 354 -23.18 27.28 2.97
CA VAL A 354 -23.33 27.38 4.42
C VAL A 354 -24.71 27.90 4.78
N LEU A 355 -25.30 28.75 3.93
CA LEU A 355 -26.68 29.16 4.15
C LEU A 355 -27.62 27.96 4.03
N ARG A 356 -27.35 27.05 3.07
CA ARG A 356 -28.14 25.84 2.96
C ARG A 356 -28.02 24.99 4.22
N GLY A 357 -26.79 24.77 4.69
CA GLY A 357 -26.60 24.00 5.91
C GLY A 357 -27.24 24.65 7.11
N LYS A 358 -27.24 25.99 7.16
CA LYS A 358 -27.94 26.70 8.24
C LYS A 358 -29.44 26.46 8.17
N ASN A 359 -30.02 26.59 6.98
CA ASN A 359 -31.46 26.38 6.82
C ASN A 359 -31.84 24.93 7.10
N LEU A 360 -31.00 23.98 6.70
CA LEU A 360 -31.29 22.58 6.99
C LEU A 360 -31.34 22.33 8.49
N LEU A 361 -30.45 22.99 9.23
CA LEU A 361 -30.45 22.83 10.68
C LEU A 361 -31.65 23.52 11.31
N ARG A 362 -32.01 24.70 10.81
CA ARG A 362 -33.20 25.39 11.26
C ARG A 362 -34.44 24.51 11.10
N ASN A 363 -34.64 23.97 9.88
CA ASN A 363 -35.77 23.08 9.65
C ASN A 363 -35.70 21.85 10.54
N ALA A 364 -34.52 21.24 10.66
CA ALA A 364 -34.39 20.04 11.47
C ALA A 364 -34.73 20.29 12.93
N LEU A 365 -34.44 21.49 13.43
CA LEU A 365 -34.64 21.78 14.84
C LEU A 365 -36.13 21.99 15.15
N VAL A 366 -36.80 22.82 14.36
CA VAL A 366 -38.22 23.10 14.59
C VAL A 366 -39.02 21.81 14.46
N SER A 367 -38.85 21.10 13.35
CA SER A 367 -39.70 19.94 13.08
C SER A 367 -39.43 18.80 14.03
N HIS A 368 -38.25 18.74 14.66
CA HIS A 368 -38.01 17.69 15.65
C HIS A 368 -38.79 17.96 16.93
N LEU A 369 -38.89 19.21 17.35
CA LEU A 369 -39.67 19.58 18.53
C LEU A 369 -41.13 19.81 18.15
N ASP A 370 -41.73 18.76 17.58
CA ASP A 370 -43.11 18.76 17.12
C ASP A 370 -43.81 17.59 17.81
N GLY A 371 -44.61 17.90 18.83
CA GLY A 371 -45.28 16.88 19.61
C GLY A 371 -44.87 16.93 21.07
N THR A 372 -45.69 16.36 21.95
CA THR A 372 -45.42 16.44 23.37
C THR A 372 -44.21 15.61 23.78
N THR A 373 -43.97 14.47 23.12
CA THR A 373 -42.88 13.60 23.52
C THR A 373 -41.50 14.21 23.24
N PRO A 374 -41.19 14.69 22.03
CA PRO A 374 -39.84 15.24 21.80
C PRO A 374 -39.54 16.52 22.55
N VAL A 375 -40.56 17.29 22.93
CA VAL A 375 -40.34 18.46 23.77
C VAL A 375 -39.97 18.01 25.19
N CYS A 376 -40.74 17.08 25.75
CA CYS A 376 -40.45 16.58 27.07
C CYS A 376 -39.07 15.94 27.14
N GLU A 377 -38.65 15.29 26.04
CA GLU A 377 -37.28 14.75 25.99
C GLU A 377 -36.25 15.88 26.00
N ASP A 378 -36.47 16.91 25.19
CA ASP A 378 -35.53 18.01 25.14
C ASP A 378 -35.48 18.76 26.47
N ILE A 379 -36.61 18.87 27.17
CA ILE A 379 -36.61 19.43 28.51
C ILE A 379 -35.69 18.61 29.42
N GLY A 380 -35.99 17.31 29.54
CA GLY A 380 -35.24 16.50 30.49
C GLY A 380 -33.76 16.42 30.17
N ARG A 381 -33.42 16.16 28.91
CA ARG A 381 -32.02 16.04 28.53
C ARG A 381 -31.29 17.37 28.69
N SER A 382 -31.91 18.46 28.26
CA SER A 382 -31.23 19.75 28.28
C SER A 382 -30.87 20.21 29.69
N LEU A 383 -31.58 19.75 30.71
CA LEU A 383 -31.24 20.16 32.07
C LEU A 383 -30.12 19.31 32.66
N LEU A 384 -29.96 18.07 32.20
CA LEU A 384 -28.83 17.26 32.62
C LEU A 384 -27.54 17.66 31.93
N THR A 385 -27.62 18.30 30.76
CA THR A 385 -26.45 18.62 29.94
C THR A 385 -26.08 20.09 29.98
N TYR A 386 -27.05 20.98 29.72
CA TYR A 386 -26.81 22.42 29.78
C TYR A 386 -27.17 23.03 31.14
N GLY A 387 -27.95 22.31 31.96
CA GLY A 387 -28.45 22.89 33.19
C GLY A 387 -29.55 23.90 33.00
N ARG A 388 -30.10 24.02 31.79
CA ARG A 388 -31.16 24.97 31.49
C ARG A 388 -31.77 24.58 30.16
N ARG A 389 -32.95 25.13 29.88
CA ARG A 389 -33.55 25.00 28.56
C ARG A 389 -33.10 26.16 27.69
N ILE A 390 -32.59 25.84 26.50
CA ILE A 390 -32.17 26.85 25.54
C ILE A 390 -33.37 27.12 24.62
N PRO A 391 -33.99 28.32 24.68
CA PRO A 391 -35.11 28.58 23.78
C PRO A 391 -34.69 28.57 22.33
N LEU A 392 -35.65 28.27 21.45
CA LEU A 392 -35.39 28.29 20.02
C LEU A 392 -34.85 29.64 19.55
N ALA A 393 -35.25 30.73 20.21
CA ALA A 393 -34.75 32.05 19.84
C ALA A 393 -33.24 32.14 20.00
N GLU A 394 -32.67 31.43 20.99
CA GLU A 394 -31.22 31.44 21.17
C GLU A 394 -30.53 30.58 20.12
N TRP A 395 -31.06 29.38 19.88
CA TRP A 395 -30.47 28.51 18.85
C TRP A 395 -30.40 29.22 17.50
N GLU A 396 -31.45 29.99 17.15
CA GLU A 396 -31.42 30.73 15.89
C GLU A 396 -30.30 31.77 15.91
N SER A 397 -30.04 32.38 17.06
CA SER A 397 -28.99 33.38 17.14
C SER A 397 -27.61 32.74 17.00
N ARG A 398 -27.40 31.60 17.65
CA ARG A 398 -26.13 30.88 17.53
C ARG A 398 -25.90 30.35 16.12
N ILE A 399 -26.95 30.22 15.30
CA ILE A 399 -26.80 29.76 13.93
C ILE A 399 -26.45 30.93 13.01
N ALA A 400 -27.20 32.04 13.13
CA ALA A 400 -26.99 33.16 12.21
C ALA A 400 -25.58 33.71 12.29
N GLU A 401 -24.92 33.56 13.46
CA GLU A 401 -23.51 33.92 13.56
C GLU A 401 -22.67 33.16 12.53
N VAL A 402 -23.00 31.90 12.29
CA VAL A 402 -22.18 31.06 11.42
C VAL A 402 -22.15 31.63 10.01
N ASP A 403 -20.94 31.82 9.49
CA ASP A 403 -20.74 32.07 8.07
C ASP A 403 -19.65 31.12 7.57
N ALA A 404 -19.18 31.31 6.33
CA ALA A 404 -18.19 30.40 5.77
C ALA A 404 -16.89 30.41 6.56
N ARG A 405 -16.47 31.59 7.05
CA ARG A 405 -15.26 31.65 7.85
C ARG A 405 -15.38 30.82 9.11
N VAL A 406 -16.59 30.77 9.70
CA VAL A 406 -16.77 30.04 10.95
C VAL A 406 -16.61 28.54 10.71
N VAL A 407 -17.20 28.00 9.65
CA VAL A 407 -17.11 26.57 9.43
C VAL A 407 -15.68 26.16 9.10
N ARG A 408 -14.96 27.00 8.33
CA ARG A 408 -13.58 26.68 8.02
C ARG A 408 -12.73 26.64 9.28
N GLU A 409 -12.89 27.63 10.16
CA GLU A 409 -12.15 27.64 11.42
C GLU A 409 -12.58 26.49 12.32
N VAL A 410 -13.89 26.25 12.44
CA VAL A 410 -14.37 25.21 13.35
C VAL A 410 -14.01 23.83 12.82
N CYS A 411 -14.14 23.61 11.50
CA CYS A 411 -13.86 22.29 10.95
C CYS A 411 -12.39 21.95 11.05
N SER A 412 -11.51 22.90 10.68
CA SER A 412 -10.08 22.67 10.78
C SER A 412 -9.67 22.33 12.21
N LYS A 413 -10.34 22.95 13.19
CA LYS A 413 -10.02 22.71 14.59
C LYS A 413 -10.21 21.24 14.97
N TYR A 414 -11.23 20.59 14.40
CA TYR A 414 -11.58 19.21 14.77
C TYR A 414 -11.24 18.17 13.71
N PHE A 415 -11.19 18.54 12.43
CA PHE A 415 -10.97 17.58 11.35
C PHE A 415 -9.55 17.60 10.82
N TYR A 416 -9.00 18.78 10.53
CA TYR A 416 -7.77 18.87 9.76
C TYR A 416 -6.58 18.35 10.57
N ASP A 417 -5.90 17.34 10.03
CA ASP A 417 -4.68 16.79 10.61
C ASP A 417 -4.94 16.28 12.02
N GLN A 418 -5.97 15.45 12.16
CA GLN A 418 -6.32 14.85 13.42
C GLN A 418 -6.41 13.34 13.21
N CYS A 419 -6.09 12.59 14.27
CA CYS A 419 -6.14 11.14 14.19
C CYS A 419 -7.58 10.66 14.32
N PRO A 420 -8.16 10.02 13.30
CA PRO A 420 -9.53 9.53 13.43
C PRO A 420 -9.59 8.15 14.08
N ALA A 421 -10.77 7.83 14.59
CA ALA A 421 -11.12 6.48 15.01
C ALA A 421 -11.94 5.84 13.90
N VAL A 422 -11.62 4.60 13.57
CA VAL A 422 -12.25 3.89 12.47
C VAL A 422 -12.81 2.57 13.01
N ALA A 423 -13.95 2.15 12.45
CA ALA A 423 -14.53 0.86 12.79
C ALA A 423 -15.12 0.25 11.52
N GLY A 424 -14.74 -1.00 11.24
CA GLY A 424 -15.20 -1.67 10.04
C GLY A 424 -15.82 -3.01 10.36
N PHE A 425 -16.78 -3.41 9.53
CA PHE A 425 -17.48 -4.67 9.73
C PHE A 425 -18.00 -5.13 8.37
N GLY A 426 -17.82 -6.40 8.06
CA GLY A 426 -18.28 -6.94 6.80
C GLY A 426 -17.15 -7.26 5.83
N PRO A 427 -17.47 -7.27 4.45
CA PRO A 427 -16.41 -7.54 3.45
C PRO A 427 -15.52 -6.31 3.21
N ILE A 428 -14.57 -6.11 4.13
CA ILE A 428 -13.81 -4.87 4.23
C ILE A 428 -12.36 -5.08 3.82
N GLU A 429 -12.13 -5.96 2.84
CA GLU A 429 -10.78 -6.09 2.29
C GLU A 429 -10.32 -4.79 1.63
N GLN A 430 -11.23 -4.07 1.01
CA GLN A 430 -10.90 -2.82 0.34
C GLN A 430 -10.96 -1.62 1.29
N LEU A 431 -11.12 -1.84 2.58
CA LEU A 431 -11.07 -0.73 3.52
C LEU A 431 -9.65 -0.18 3.54
N PRO A 432 -9.43 1.11 3.24
CA PRO A 432 -8.05 1.62 3.19
C PRO A 432 -7.32 1.44 4.52
N ASP A 433 -6.00 1.23 4.42
CA ASP A 433 -5.16 1.09 5.59
C ASP A 433 -5.17 2.38 6.41
N TYR A 434 -4.94 2.25 7.72
CA TYR A 434 -5.09 3.41 8.60
C TYR A 434 -4.14 4.54 8.23
N ASN A 435 -2.93 4.23 7.78
CA ASN A 435 -2.02 5.29 7.36
C ASN A 435 -2.57 6.04 6.16
N ARG A 436 -3.18 5.32 5.22
CA ARG A 436 -3.83 5.97 4.09
C ARG A 436 -5.01 6.83 4.54
N ILE A 437 -5.83 6.30 5.47
CA ILE A 437 -6.91 7.09 6.04
C ILE A 437 -6.35 8.33 6.71
N ARG A 438 -5.27 8.16 7.49
CA ARG A 438 -4.71 9.28 8.22
C ARG A 438 -4.16 10.34 7.28
N SER A 439 -3.61 9.94 6.12
CA SER A 439 -3.12 10.90 5.14
C SER A 439 -4.25 11.60 4.41
N GLY A 440 -5.45 11.02 4.41
CA GLY A 440 -6.59 11.70 3.85
C GLY A 440 -7.13 12.83 4.72
N MET A 441 -6.61 12.98 5.94
CA MET A 441 -7.04 14.04 6.84
C MET A 441 -6.25 15.32 6.66
N PHE A 442 -5.46 15.43 5.59
CA PHE A 442 -4.84 16.69 5.22
C PHE A 442 -4.61 16.72 3.72
N TRP A 443 -4.40 17.92 3.20
CA TRP A 443 -4.11 18.14 1.78
C TRP A 443 -2.73 18.77 1.64
N LEU A 444 -1.87 18.13 0.85
CA LEU A 444 -0.55 18.68 0.57
C LEU A 444 -0.62 19.99 -0.20
N ARG A 445 -1.72 20.24 -0.91
CA ARG A 445 -1.87 21.51 -1.62
C ARG A 445 -2.12 22.67 -0.68
N PHE A 446 -2.50 22.40 0.58
CA PHE A 446 -2.84 23.44 1.54
C PHE A 446 -1.72 23.69 2.55
N ALA B 15 -46.65 34.77 32.54
CA ALA B 15 -47.05 33.58 33.27
C ALA B 15 -46.49 32.31 32.64
N GLY B 16 -46.20 32.36 31.34
CA GLY B 16 -45.68 31.22 30.62
C GLY B 16 -46.73 30.38 29.94
N VAL B 17 -47.83 30.99 29.48
CA VAL B 17 -48.98 30.27 28.94
C VAL B 17 -48.99 30.39 27.43
N PRO B 18 -49.68 29.51 26.70
CA PRO B 18 -49.77 29.66 25.24
C PRO B 18 -50.84 30.66 24.86
N PRO B 19 -50.83 31.19 23.64
CA PRO B 19 -51.82 32.20 23.25
C PRO B 19 -53.17 31.55 22.95
N HIS B 20 -54.10 32.40 22.51
CA HIS B 20 -55.42 31.96 22.05
C HIS B 20 -55.27 31.01 20.86
N PRO B 21 -55.61 29.73 21.00
CA PRO B 21 -55.47 28.81 19.85
C PRO B 21 -56.52 29.12 18.79
N GLN B 22 -56.06 29.47 17.60
CA GLN B 22 -56.95 29.76 16.49
C GLN B 22 -57.71 28.49 16.08
N ASP B 23 -58.84 28.69 15.41
CA ASP B 23 -59.67 27.59 14.94
C ASP B 23 -59.35 27.26 13.49
N LEU B 24 -59.47 25.99 13.15
CA LEU B 24 -59.30 25.57 11.77
C LEU B 24 -60.40 26.18 10.90
N GLU B 25 -60.00 26.68 9.74
CA GLU B 25 -60.93 27.22 8.76
C GLU B 25 -61.08 26.22 7.62
N PHE B 26 -62.26 26.20 7.01
CA PHE B 26 -62.63 25.15 6.08
C PHE B 26 -63.54 25.73 5.01
N THR B 27 -63.37 25.27 3.77
CA THR B 27 -64.12 25.83 2.66
C THR B 27 -64.26 24.77 1.59
N ARG B 28 -65.44 24.73 0.96
CA ARG B 28 -65.70 23.89 -0.20
C ARG B 28 -66.04 24.79 -1.37
N LEU B 29 -65.22 24.73 -2.40
CA LEU B 29 -65.48 25.49 -3.61
C LEU B 29 -66.53 24.77 -4.46
N PRO B 30 -67.26 25.51 -5.31
CA PRO B 30 -68.30 24.84 -6.12
C PRO B 30 -67.75 23.78 -7.07
N ASN B 31 -66.51 23.90 -7.51
CA ASN B 31 -65.93 22.91 -8.41
C ASN B 31 -65.57 21.60 -7.70
N GLY B 32 -65.79 21.49 -6.39
CA GLY B 32 -65.53 20.29 -5.63
C GLY B 32 -64.27 20.35 -4.79
N LEU B 33 -63.35 21.27 -5.10
CA LEU B 33 -62.10 21.37 -4.36
C LEU B 33 -62.39 21.75 -2.92
N VAL B 34 -61.58 21.23 -2.00
CA VAL B 34 -61.69 21.49 -0.57
C VAL B 34 -60.41 22.16 -0.10
N ILE B 35 -60.56 23.20 0.71
CA ILE B 35 -59.43 23.90 1.32
C ILE B 35 -59.63 23.91 2.83
N ALA B 36 -58.57 23.63 3.57
CA ALA B 36 -58.57 23.70 5.02
C ALA B 36 -57.24 24.27 5.48
N SER B 37 -57.29 25.30 6.33
CA SER B 37 -56.10 25.98 6.80
C SER B 37 -56.16 26.12 8.31
N LEU B 38 -54.97 26.19 8.92
CA LEU B 38 -54.84 26.48 10.34
C LEU B 38 -53.61 27.34 10.55
N GLU B 39 -53.74 28.36 11.40
CA GLU B 39 -52.64 29.26 11.74
C GLU B 39 -52.29 29.02 13.21
N ASN B 40 -51.36 28.10 13.44
CA ASN B 40 -50.81 27.85 14.76
C ASN B 40 -49.63 28.76 15.10
N TYR B 41 -49.31 29.72 14.22
CA TYR B 41 -48.21 30.65 14.43
C TYR B 41 -46.90 29.91 14.70
N ALA B 42 -46.75 28.72 14.11
CA ALA B 42 -45.58 27.90 14.33
C ALA B 42 -44.40 28.39 13.50
N PRO B 43 -43.17 28.04 13.89
CA PRO B 43 -42.02 28.49 13.10
C PRO B 43 -41.94 27.86 11.73
N ALA B 44 -42.42 26.63 11.57
CA ALA B 44 -42.43 25.93 10.30
C ALA B 44 -43.85 25.87 9.76
N SER B 45 -43.95 25.71 8.44
CA SER B 45 -45.22 25.57 7.75
C SER B 45 -45.27 24.24 7.01
N ARG B 46 -46.46 23.65 6.94
CA ARG B 46 -46.67 22.39 6.26
C ARG B 46 -47.89 22.52 5.37
N ILE B 47 -47.77 22.01 4.14
CA ILE B 47 -48.84 22.05 3.16
C ILE B 47 -48.98 20.67 2.56
N GLY B 48 -50.21 20.30 2.21
CA GLY B 48 -50.47 19.03 1.60
C GLY B 48 -51.57 19.10 0.56
N LEU B 49 -51.37 18.43 -0.58
CA LEU B 49 -52.40 18.29 -1.59
C LEU B 49 -52.79 16.81 -1.62
N PHE B 50 -53.93 16.50 -1.02
CA PHE B 50 -54.43 15.14 -0.92
C PHE B 50 -55.34 14.86 -2.11
N ILE B 51 -55.09 13.76 -2.82
CA ILE B 51 -55.82 13.43 -4.05
C ILE B 51 -56.34 12.02 -3.95
N LYS B 52 -57.60 11.82 -4.38
CA LYS B 52 -58.17 10.47 -4.54
C LYS B 52 -57.56 9.84 -5.79
N ALA B 53 -56.33 9.36 -5.63
CA ALA B 53 -55.58 8.79 -6.75
C ALA B 53 -54.74 7.59 -6.33
N GLY B 54 -55.11 6.92 -5.24
CA GLY B 54 -54.43 5.73 -4.79
C GLY B 54 -54.53 4.59 -5.79
N SER B 55 -53.96 3.43 -5.44
CA SER B 55 -53.80 2.35 -6.40
C SER B 55 -55.11 1.64 -6.75
N ARG B 56 -56.19 1.93 -6.02
CA ARG B 56 -57.47 1.31 -6.36
C ARG B 56 -57.94 1.75 -7.73
N TYR B 57 -57.51 2.93 -8.19
CA TYR B 57 -57.94 3.49 -9.45
C TYR B 57 -57.08 3.05 -10.62
N GLU B 58 -56.17 2.11 -10.42
CA GLU B 58 -55.53 1.42 -11.53
C GLU B 58 -56.43 0.27 -11.97
N ASN B 59 -56.35 -0.08 -13.25
CA ASN B 59 -56.96 -1.30 -13.76
C ASN B 59 -55.87 -2.24 -14.23
N SER B 60 -56.28 -3.41 -14.74
CA SER B 60 -55.33 -4.46 -15.06
C SER B 60 -54.50 -4.18 -16.30
N ASN B 61 -54.70 -3.05 -16.97
CA ASN B 61 -53.86 -2.66 -18.10
C ASN B 61 -52.80 -1.63 -17.73
N ASN B 62 -52.80 -1.12 -16.49
CA ASN B 62 -51.83 -0.12 -16.10
C ASN B 62 -51.46 -0.27 -14.62
N LEU B 63 -51.34 -1.51 -14.15
CA LEU B 63 -50.94 -1.73 -12.77
C LEU B 63 -49.56 -1.13 -12.52
N GLY B 64 -49.40 -0.51 -11.36
CA GLY B 64 -48.14 0.08 -10.97
C GLY B 64 -47.95 1.53 -11.36
N THR B 65 -48.87 2.12 -12.14
CA THR B 65 -48.70 3.50 -12.56
C THR B 65 -48.65 4.46 -11.37
N SER B 66 -49.50 4.24 -10.37
CA SER B 66 -49.50 5.16 -9.23
C SER B 66 -48.27 4.98 -8.35
N HIS B 67 -47.57 3.84 -8.46
CA HIS B 67 -46.31 3.69 -7.76
C HIS B 67 -45.22 4.51 -8.43
N LEU B 68 -45.07 4.35 -9.74
CA LEU B 68 -44.05 5.12 -10.45
C LEU B 68 -44.33 6.61 -10.34
N LEU B 69 -45.60 6.98 -10.40
CA LEU B 69 -45.99 8.37 -10.18
C LEU B 69 -45.54 8.85 -8.80
N ARG B 70 -45.62 7.97 -7.80
CA ARG B 70 -45.20 8.31 -6.45
C ARG B 70 -43.69 8.52 -6.36
N LEU B 71 -42.92 7.97 -7.29
CA LEU B 71 -41.48 8.13 -7.30
C LEU B 71 -41.00 9.31 -8.16
N ALA B 72 -41.91 9.99 -8.84
CA ALA B 72 -41.56 10.94 -9.91
C ALA B 72 -41.84 12.39 -9.54
N SER B 73 -41.93 12.71 -8.24
CA SER B 73 -42.21 14.08 -7.83
C SER B 73 -41.07 15.04 -8.20
N SER B 74 -39.82 14.57 -8.18
CA SER B 74 -38.69 15.43 -8.54
C SER B 74 -38.42 15.49 -10.04
N LEU B 75 -39.18 14.80 -10.88
CA LEU B 75 -38.96 14.90 -12.32
C LEU B 75 -39.37 16.27 -12.83
N THR B 76 -39.09 16.50 -14.11
CA THR B 76 -39.17 17.85 -14.66
C THR B 76 -40.61 18.25 -14.91
N THR B 77 -40.95 19.47 -14.50
CA THR B 77 -42.24 20.08 -14.72
C THR B 77 -42.10 21.24 -15.71
N LYS B 78 -43.20 21.93 -15.96
CA LYS B 78 -43.19 23.04 -16.92
C LYS B 78 -42.62 24.32 -16.33
N GLY B 79 -42.66 24.48 -15.01
CA GLY B 79 -42.14 25.67 -14.38
C GLY B 79 -40.87 25.43 -13.59
N ALA B 80 -40.35 24.20 -13.60
CA ALA B 80 -39.19 23.87 -12.79
C ALA B 80 -38.53 22.62 -13.35
N SER B 81 -37.27 22.74 -13.74
CA SER B 81 -36.47 21.59 -14.09
C SER B 81 -36.37 20.64 -12.90
N SER B 82 -36.07 19.37 -13.21
CA SER B 82 -35.75 18.42 -12.15
C SER B 82 -34.63 18.95 -11.26
N PHE B 83 -33.65 19.63 -11.86
CA PHE B 83 -32.54 20.19 -11.09
C PHE B 83 -33.00 21.29 -10.15
N LYS B 84 -33.94 22.14 -10.60
CA LYS B 84 -34.35 23.26 -9.77
C LYS B 84 -35.18 22.80 -8.57
N ILE B 85 -36.08 21.83 -8.78
CA ILE B 85 -36.90 21.32 -7.68
C ILE B 85 -36.00 20.83 -6.55
N THR B 86 -35.05 19.96 -6.88
CA THR B 86 -34.16 19.40 -5.87
C THR B 86 -33.35 20.50 -5.18
N ARG B 87 -32.75 21.40 -5.97
CA ARG B 87 -31.88 22.42 -5.40
C ARG B 87 -32.67 23.54 -4.75
N GLY B 88 -33.83 23.90 -5.30
CA GLY B 88 -34.62 24.96 -4.70
C GLY B 88 -35.09 24.59 -3.30
N ILE B 89 -35.61 23.36 -3.15
CA ILE B 89 -36.14 22.93 -1.87
C ILE B 89 -35.02 22.75 -0.86
N GLU B 90 -33.88 22.19 -1.30
CA GLU B 90 -32.78 21.92 -0.37
C GLU B 90 -32.11 23.20 0.08
N ALA B 91 -32.04 24.23 -0.78
CA ALA B 91 -31.45 25.50 -0.39
C ALA B 91 -32.16 26.08 0.82
N VAL B 92 -33.50 25.96 0.86
CA VAL B 92 -34.29 26.40 2.00
C VAL B 92 -34.33 25.36 3.11
N GLY B 93 -33.76 24.18 2.88
CA GLY B 93 -33.85 23.13 3.87
C GLY B 93 -35.20 22.48 3.98
N GLY B 94 -36.09 22.70 3.00
CA GLY B 94 -37.42 22.13 3.03
C GLY B 94 -37.45 20.69 2.58
N LYS B 95 -38.67 20.15 2.56
CA LYS B 95 -38.92 18.75 2.28
C LYS B 95 -40.04 18.63 1.26
N LEU B 96 -39.99 17.56 0.46
CA LEU B 96 -41.07 17.18 -0.44
C LEU B 96 -41.27 15.69 -0.35
N SER B 97 -42.48 15.26 0.01
CA SER B 97 -42.77 13.85 0.20
C SER B 97 -44.07 13.47 -0.53
N VAL B 98 -44.22 12.17 -0.74
CA VAL B 98 -45.38 11.62 -1.44
C VAL B 98 -45.74 10.33 -0.71
N THR B 99 -46.89 10.30 -0.04
CA THR B 99 -47.38 9.10 0.62
C THR B 99 -48.63 8.62 -0.10
N SER B 100 -48.77 7.30 -0.21
CA SER B 100 -49.85 6.68 -0.97
C SER B 100 -50.55 5.63 -0.13
N THR B 101 -51.87 5.66 -0.19
CA THR B 101 -52.76 4.63 0.31
C THR B 101 -53.40 3.96 -0.90
N ARG B 102 -54.07 2.82 -0.67
CA ARG B 102 -54.91 2.25 -1.72
C ARG B 102 -55.99 3.22 -2.20
N GLU B 103 -56.28 4.28 -1.46
CA GLU B 103 -57.29 5.26 -1.83
C GLU B 103 -56.72 6.62 -2.23
N ASN B 104 -55.71 7.12 -1.52
CA ASN B 104 -55.24 8.49 -1.70
C ASN B 104 -53.75 8.52 -2.05
N MET B 105 -53.37 9.62 -2.70
CA MET B 105 -51.99 10.08 -2.76
C MET B 105 -51.93 11.43 -2.07
N ALA B 106 -50.83 11.69 -1.36
CA ALA B 106 -50.69 12.88 -0.53
C ALA B 106 -49.34 13.52 -0.80
N TYR B 107 -49.36 14.67 -1.48
CA TYR B 107 -48.14 15.42 -1.78
C TYR B 107 -47.94 16.45 -0.67
N THR B 108 -46.91 16.23 0.16
CA THR B 108 -46.65 17.04 1.34
C THR B 108 -45.36 17.83 1.18
N VAL B 109 -45.35 19.04 1.75
CA VAL B 109 -44.27 20.00 1.60
C VAL B 109 -44.06 20.68 2.95
N GLU B 110 -42.79 20.86 3.34
CA GLU B 110 -42.44 21.38 4.66
C GLU B 110 -41.29 22.35 4.53
N CYS B 111 -41.34 23.44 5.30
CA CYS B 111 -40.34 24.49 5.24
C CYS B 111 -40.65 25.54 6.30
N LEU B 112 -39.72 26.48 6.47
CA LEU B 112 -39.94 27.63 7.34
C LEU B 112 -40.95 28.58 6.70
N ARG B 113 -41.71 29.27 7.55
CA ARG B 113 -42.88 30.00 7.06
C ARG B 113 -42.52 31.16 6.13
N ASP B 114 -41.26 31.61 6.11
CA ASP B 114 -40.86 32.65 5.19
C ASP B 114 -40.68 32.14 3.76
N ASP B 115 -40.55 30.83 3.57
CA ASP B 115 -40.27 30.25 2.26
C ASP B 115 -41.47 29.48 1.69
N VAL B 116 -42.67 29.72 2.23
CA VAL B 116 -43.87 29.02 1.75
C VAL B 116 -44.13 29.36 0.29
N ASP B 117 -43.83 30.59 -0.12
CA ASP B 117 -44.02 30.98 -1.52
C ASP B 117 -43.28 30.01 -2.45
N ILE B 118 -42.03 29.70 -2.10
CA ILE B 118 -41.20 28.88 -2.97
C ILE B 118 -41.76 27.47 -3.07
N LEU B 119 -42.07 26.85 -1.93
CA LEU B 119 -42.46 25.43 -1.94
C LEU B 119 -43.85 25.23 -2.51
N MET B 120 -44.76 26.19 -2.30
CA MET B 120 -46.06 26.12 -2.95
C MET B 120 -45.91 26.07 -4.47
N GLU B 121 -45.02 26.91 -5.02
CA GLU B 121 -44.80 26.90 -6.45
C GLU B 121 -44.31 25.54 -6.92
N PHE B 122 -43.36 24.95 -6.18
CA PHE B 122 -42.89 23.61 -6.52
C PHE B 122 -44.01 22.59 -6.40
N LEU B 123 -44.80 22.67 -5.32
CA LEU B 123 -45.86 21.70 -5.11
C LEU B 123 -46.88 21.75 -6.25
N LEU B 124 -47.19 22.94 -6.74
CA LEU B 124 -48.16 23.06 -7.82
C LEU B 124 -47.61 22.54 -9.13
N ASN B 125 -46.32 22.77 -9.39
CA ASN B 125 -45.73 22.28 -10.63
C ASN B 125 -45.70 20.77 -10.67
N VAL B 126 -45.37 20.13 -9.53
CA VAL B 126 -45.32 18.68 -9.46
C VAL B 126 -46.66 18.09 -9.85
N THR B 127 -47.73 18.63 -9.26
CA THR B 127 -49.05 18.02 -9.30
C THR B 127 -49.88 18.50 -10.48
N THR B 128 -49.63 19.72 -10.96
CA THR B 128 -50.40 20.33 -12.03
C THR B 128 -49.68 20.32 -13.36
N ALA B 129 -48.35 20.40 -13.37
CA ALA B 129 -47.60 20.53 -14.61
C ALA B 129 -46.47 19.53 -14.80
N PRO B 130 -46.63 18.26 -14.43
CA PRO B 130 -45.55 17.30 -14.73
C PRO B 130 -45.45 17.09 -16.23
N GLU B 131 -44.21 16.94 -16.70
CA GLU B 131 -43.96 16.72 -18.12
C GLU B 131 -43.78 15.25 -18.46
N PHE B 132 -43.35 14.43 -17.49
CA PHE B 132 -43.05 13.01 -17.72
C PHE B 132 -42.27 12.82 -19.00
N ARG B 133 -41.05 13.35 -19.06
CA ARG B 133 -40.23 13.22 -20.26
C ARG B 133 -39.76 11.78 -20.42
N ARG B 134 -39.78 11.32 -21.68
CA ARG B 134 -39.54 9.92 -22.00
C ARG B 134 -38.26 9.39 -21.34
N TRP B 135 -37.19 10.18 -21.37
CA TRP B 135 -35.91 9.71 -20.84
C TRP B 135 -35.85 9.76 -19.32
N GLU B 136 -36.40 10.81 -18.71
CA GLU B 136 -36.44 10.86 -17.25
C GLU B 136 -37.20 9.68 -16.69
N VAL B 137 -38.39 9.42 -17.24
CA VAL B 137 -39.20 8.25 -16.87
C VAL B 137 -38.38 6.99 -17.04
N ALA B 138 -37.63 6.89 -18.14
CA ALA B 138 -36.87 5.67 -18.41
C ALA B 138 -35.80 5.43 -17.36
N ALA B 139 -35.10 6.49 -16.96
CA ALA B 139 -34.07 6.39 -15.93
C ALA B 139 -34.65 6.02 -14.57
N LEU B 140 -35.94 6.26 -14.36
CA LEU B 140 -36.57 6.08 -13.05
C LEU B 140 -37.11 4.68 -12.83
N GLN B 141 -37.36 3.92 -13.90
CA GLN B 141 -37.96 2.59 -13.75
C GLN B 141 -37.16 1.67 -12.82
N PRO B 142 -35.83 1.65 -12.84
CA PRO B 142 -35.12 0.78 -11.89
C PRO B 142 -35.40 1.12 -10.45
N GLN B 143 -35.83 2.34 -10.15
CA GLN B 143 -36.14 2.70 -8.77
C GLN B 143 -37.34 1.91 -8.24
N LEU B 144 -38.27 1.51 -9.12
CA LEU B 144 -39.37 0.65 -8.70
C LEU B 144 -38.86 -0.63 -8.06
N ARG B 145 -37.86 -1.26 -8.68
CA ARG B 145 -37.34 -2.51 -8.16
C ARG B 145 -36.69 -2.30 -6.79
N ILE B 146 -35.89 -1.25 -6.66
CA ILE B 146 -35.25 -0.93 -5.39
C ILE B 146 -36.31 -0.61 -4.34
N ASP B 147 -37.23 0.30 -4.67
CA ASP B 147 -38.22 0.77 -3.71
C ASP B 147 -39.11 -0.37 -3.24
N LYS B 148 -39.54 -1.23 -4.17
CA LYS B 148 -40.34 -2.38 -3.77
C LYS B 148 -39.50 -3.36 -2.96
N ALA B 149 -38.25 -3.58 -3.35
CA ALA B 149 -37.40 -4.53 -2.62
C ALA B 149 -37.21 -4.10 -1.18
N VAL B 150 -37.04 -2.80 -0.93
CA VAL B 150 -36.91 -2.30 0.43
C VAL B 150 -38.17 -2.59 1.23
N ALA B 151 -39.33 -2.27 0.66
CA ALA B 151 -40.58 -2.43 1.39
C ALA B 151 -40.79 -3.89 1.78
N LEU B 152 -40.58 -4.81 0.84
CA LEU B 152 -40.82 -6.23 1.09
C LEU B 152 -39.75 -6.88 1.96
N GLN B 153 -38.81 -6.12 2.51
CA GLN B 153 -37.97 -6.65 3.56
C GLN B 153 -38.77 -6.96 4.81
N ASN B 154 -39.96 -6.37 4.95
CA ASN B 154 -40.87 -6.65 6.05
C ASN B 154 -41.84 -7.75 5.61
N PRO B 155 -41.86 -8.92 6.26
CA PRO B 155 -42.86 -9.92 5.88
C PRO B 155 -44.29 -9.40 5.97
N GLN B 156 -44.56 -8.43 6.85
CA GLN B 156 -45.89 -7.84 6.93
C GLN B 156 -46.31 -7.26 5.59
N ALA B 157 -45.39 -6.62 4.87
CA ALA B 157 -45.76 -5.91 3.66
C ALA B 157 -46.36 -6.87 2.62
N HIS B 158 -45.74 -8.04 2.43
CA HIS B 158 -46.26 -8.95 1.42
C HIS B 158 -47.52 -9.65 1.88
N VAL B 159 -47.67 -9.87 3.19
CA VAL B 159 -48.90 -10.44 3.73
C VAL B 159 -50.08 -9.53 3.42
N ILE B 160 -49.97 -8.24 3.79
CA ILE B 160 -51.08 -7.32 3.59
C ILE B 160 -51.39 -7.17 2.10
N GLU B 161 -50.35 -7.10 1.25
CA GLU B 161 -50.59 -7.02 -0.19
C GLU B 161 -51.34 -8.26 -0.67
N ASN B 162 -50.87 -9.44 -0.26
CA ASN B 162 -51.59 -10.66 -0.62
C ASN B 162 -52.98 -10.71 0.00
N LEU B 163 -53.12 -10.18 1.23
CA LEU B 163 -54.42 -10.22 1.88
C LEU B 163 -55.47 -9.48 1.08
N HIS B 164 -55.11 -8.30 0.55
CA HIS B 164 -56.06 -7.53 -0.24
C HIS B 164 -56.30 -8.18 -1.60
N ALA B 165 -55.28 -8.80 -2.19
CA ALA B 165 -55.48 -9.48 -3.46
C ALA B 165 -56.39 -10.70 -3.31
N ALA B 166 -56.37 -11.36 -2.15
CA ALA B 166 -57.26 -12.49 -1.93
C ALA B 166 -58.65 -12.04 -1.52
N ALA B 167 -58.77 -10.87 -0.91
CA ALA B 167 -60.06 -10.43 -0.39
C ALA B 167 -60.96 -9.89 -1.49
N TYR B 168 -60.41 -9.16 -2.47
CA TYR B 168 -61.20 -8.39 -3.41
C TYR B 168 -60.99 -8.85 -4.84
N ARG B 169 -62.00 -8.60 -5.68
CA ARG B 169 -61.91 -8.92 -7.09
C ARG B 169 -61.17 -7.85 -7.88
N ASN B 170 -61.23 -6.60 -7.44
CA ASN B 170 -60.72 -5.47 -8.19
C ASN B 170 -60.30 -4.37 -7.21
N ALA B 171 -59.96 -3.19 -7.75
CA ALA B 171 -59.78 -1.96 -6.98
C ALA B 171 -58.84 -2.15 -5.80
N LEU B 172 -59.38 -2.42 -4.60
CA LEU B 172 -58.56 -2.60 -3.42
C LEU B 172 -57.69 -3.85 -3.47
N ALA B 173 -57.91 -4.75 -4.42
CA ALA B 173 -56.97 -5.85 -4.62
C ALA B 173 -55.62 -5.37 -5.13
N ASN B 174 -55.56 -4.18 -5.73
CA ASN B 174 -54.34 -3.71 -6.36
C ASN B 174 -53.26 -3.43 -5.33
N SER B 175 -52.02 -3.71 -5.71
CA SER B 175 -50.88 -3.52 -4.82
C SER B 175 -50.43 -2.06 -4.82
N LEU B 176 -49.97 -1.60 -3.65
CA LEU B 176 -49.29 -0.31 -3.57
C LEU B 176 -48.01 -0.30 -4.39
N TYR B 177 -47.42 -1.48 -4.61
CA TYR B 177 -46.15 -1.61 -5.29
C TYR B 177 -46.35 -2.26 -6.65
N CYS B 178 -45.57 -1.78 -7.61
CA CYS B 178 -45.72 -2.19 -9.01
C CYS B 178 -45.46 -3.68 -9.15
N PRO B 179 -46.33 -4.44 -9.85
CA PRO B 179 -46.02 -5.86 -10.10
C PRO B 179 -44.72 -5.99 -10.90
N ASP B 180 -44.01 -7.08 -10.64
CA ASP B 180 -42.68 -7.28 -11.24
C ASP B 180 -42.74 -7.19 -12.77
N TYR B 181 -43.78 -7.75 -13.38
CA TYR B 181 -43.85 -7.79 -14.84
C TYR B 181 -44.05 -6.41 -15.47
N ARG B 182 -44.38 -5.39 -14.68
CA ARG B 182 -44.66 -4.06 -15.19
C ARG B 182 -43.47 -3.12 -15.08
N ILE B 183 -42.44 -3.49 -14.33
CA ILE B 183 -41.26 -2.64 -14.19
C ILE B 183 -40.59 -2.50 -15.54
N GLY B 184 -40.35 -1.27 -15.96
CA GLY B 184 -39.82 -0.97 -17.27
C GLY B 184 -40.88 -0.75 -18.33
N LYS B 185 -42.13 -1.11 -18.07
CA LYS B 185 -43.19 -1.05 -19.06
C LYS B 185 -44.22 0.04 -18.79
N VAL B 186 -44.16 0.70 -17.64
CA VAL B 186 -45.01 1.85 -17.36
C VAL B 186 -44.59 2.99 -18.28
N THR B 187 -45.52 3.50 -19.08
CA THR B 187 -45.18 4.43 -20.14
C THR B 187 -45.43 5.86 -19.70
N PRO B 188 -44.77 6.85 -20.33
CA PRO B 188 -45.12 8.25 -20.04
C PRO B 188 -46.56 8.59 -20.35
N VAL B 189 -47.17 7.92 -21.33
CA VAL B 189 -48.57 8.16 -21.66
C VAL B 189 -49.46 7.74 -20.50
N GLU B 190 -49.14 6.59 -19.87
CA GLU B 190 -49.96 6.11 -18.76
C GLU B 190 -49.89 7.06 -17.58
N LEU B 191 -48.71 7.62 -17.31
CA LEU B 191 -48.60 8.62 -16.25
C LEU B 191 -49.37 9.88 -16.59
N HIS B 192 -49.31 10.31 -17.84
CA HIS B 192 -50.10 11.46 -18.27
C HIS B 192 -51.59 11.19 -18.09
N ASP B 193 -52.09 10.06 -18.62
CA ASP B 193 -53.51 9.76 -18.48
C ASP B 193 -53.90 9.65 -17.01
N TYR B 194 -53.03 9.08 -16.18
CA TYR B 194 -53.37 8.89 -14.77
C TYR B 194 -53.57 10.24 -14.07
N VAL B 195 -52.69 11.20 -14.33
CA VAL B 195 -52.85 12.50 -13.70
C VAL B 195 -54.05 13.25 -14.30
N GLN B 196 -54.33 13.07 -15.58
CA GLN B 196 -55.49 13.74 -16.16
C GLN B 196 -56.79 13.21 -15.58
N ASN B 197 -56.88 11.89 -15.40
CA ASN B 197 -58.13 11.28 -14.94
C ASN B 197 -58.37 11.44 -13.46
N HIS B 198 -57.33 11.64 -12.65
CA HIS B 198 -57.44 11.52 -11.20
C HIS B 198 -57.04 12.76 -10.41
N PHE B 199 -56.34 13.73 -11.02
CA PHE B 199 -55.89 14.93 -10.30
C PHE B 199 -56.82 16.10 -10.62
N THR B 200 -58.09 15.88 -10.32
CA THR B 200 -59.17 16.79 -10.64
C THR B 200 -59.63 17.54 -9.40
N SER B 201 -60.20 18.73 -9.60
CA SER B 201 -60.71 19.53 -8.49
C SER B 201 -61.65 18.74 -7.59
N ALA B 202 -62.56 17.97 -8.18
CA ALA B 202 -63.51 17.18 -7.40
C ALA B 202 -62.82 16.14 -6.53
N ARG B 203 -61.59 15.76 -6.85
CA ARG B 203 -60.88 14.69 -6.16
C ARG B 203 -59.80 15.19 -5.20
N MET B 204 -59.69 16.50 -5.00
CA MET B 204 -58.53 17.07 -4.34
C MET B 204 -58.90 17.79 -3.05
N ALA B 205 -57.89 17.97 -2.20
CA ALA B 205 -58.02 18.75 -0.98
C ALA B 205 -56.68 19.42 -0.71
N LEU B 206 -56.69 20.72 -0.44
CA LEU B 206 -55.49 21.50 -0.21
C LEU B 206 -55.47 21.92 1.25
N ILE B 207 -54.49 21.41 1.99
CA ILE B 207 -54.43 21.53 3.44
C ILE B 207 -53.15 22.28 3.80
N GLY B 208 -53.26 23.20 4.77
CA GLY B 208 -52.11 24.01 5.16
C GLY B 208 -52.06 24.36 6.63
N LEU B 209 -50.89 24.14 7.25
CA LEU B 209 -50.58 24.62 8.58
C LEU B 209 -49.59 25.76 8.49
N GLY B 210 -49.76 26.76 9.36
CA GLY B 210 -48.93 27.93 9.31
C GLY B 210 -49.14 28.78 8.07
N VAL B 211 -50.26 28.61 7.38
CA VAL B 211 -50.62 29.42 6.23
C VAL B 211 -52.00 30.01 6.47
N SER B 212 -52.21 31.21 5.96
CA SER B 212 -53.52 31.86 6.07
C SER B 212 -54.47 31.32 5.01
N HIS B 213 -55.76 31.35 5.34
CA HIS B 213 -56.80 30.80 4.47
C HIS B 213 -56.96 31.61 3.19
N PRO B 214 -56.87 32.94 3.20
CA PRO B 214 -56.97 33.67 1.93
C PRO B 214 -55.90 33.29 0.93
N VAL B 215 -54.69 32.97 1.37
CA VAL B 215 -53.65 32.53 0.44
C VAL B 215 -54.03 31.20 -0.20
N LEU B 216 -54.36 30.19 0.63
CA LEU B 216 -54.72 28.89 0.08
C LEU B 216 -55.91 29.00 -0.88
N LYS B 217 -56.93 29.76 -0.49
CA LYS B 217 -58.08 29.94 -1.37
C LYS B 217 -57.66 30.60 -2.69
N GLN B 218 -56.82 31.64 -2.60
CA GLN B 218 -56.33 32.29 -3.82
C GLN B 218 -55.60 31.28 -4.69
N VAL B 219 -54.68 30.52 -4.09
CA VAL B 219 -53.95 29.48 -4.80
C VAL B 219 -54.92 28.50 -5.45
N ALA B 220 -55.91 28.05 -4.67
CA ALA B 220 -56.83 27.03 -5.16
C ALA B 220 -57.65 27.53 -6.34
N GLU B 221 -58.14 28.77 -6.27
CA GLU B 221 -58.97 29.30 -7.34
C GLU B 221 -58.14 29.55 -8.61
N GLN B 222 -56.86 29.88 -8.44
CA GLN B 222 -56.04 30.26 -9.58
C GLN B 222 -55.36 29.07 -10.25
N PHE B 223 -54.93 28.07 -9.48
CA PHE B 223 -54.09 27.01 -10.02
C PHE B 223 -54.65 25.61 -9.87
N LEU B 224 -55.74 25.41 -9.12
CA LEU B 224 -56.27 24.08 -8.86
C LEU B 224 -57.73 23.98 -9.31
N ASN B 225 -58.05 24.59 -10.44
CA ASN B 225 -59.36 24.47 -11.08
C ASN B 225 -59.20 23.62 -12.33
N ILE B 226 -59.17 22.30 -12.13
CA ILE B 226 -59.00 21.33 -13.21
C ILE B 226 -60.29 20.52 -13.28
N ARG B 227 -60.89 20.48 -14.46
CA ARG B 227 -62.16 19.80 -14.69
C ARG B 227 -61.90 18.49 -15.44
N GLY B 228 -62.98 17.82 -15.82
CA GLY B 228 -62.88 16.65 -16.68
C GLY B 228 -62.28 15.45 -15.97
N GLY B 229 -61.52 14.67 -16.72
CA GLY B 229 -60.95 13.45 -16.21
C GLY B 229 -62.01 12.41 -15.94
N LEU B 230 -62.11 11.97 -14.68
CA LEU B 230 -63.12 11.01 -14.24
C LEU B 230 -63.83 11.57 -13.03
N GLY B 231 -65.15 11.72 -13.12
CA GLY B 231 -65.94 11.92 -11.93
C GLY B 231 -65.72 10.82 -10.92
N LEU B 232 -66.03 11.13 -9.66
CA LEU B 232 -65.82 10.17 -8.58
C LEU B 232 -66.49 8.84 -8.91
N SER B 233 -65.74 7.98 -9.59
CA SER B 233 -66.29 6.79 -10.21
C SER B 233 -66.87 5.85 -9.16
N GLY B 234 -67.97 5.18 -9.53
CA GLY B 234 -68.57 4.17 -8.69
C GLY B 234 -68.01 2.79 -8.95
N ALA B 235 -66.70 2.71 -9.23
CA ALA B 235 -66.03 1.44 -9.41
C ALA B 235 -65.94 0.69 -8.09
N LYS B 236 -67.07 0.20 -7.60
CA LYS B 236 -67.14 -0.31 -6.24
C LYS B 236 -66.26 -1.53 -6.04
N ALA B 237 -65.51 -1.53 -4.95
CA ALA B 237 -64.74 -2.70 -4.58
C ALA B 237 -65.69 -3.85 -4.24
N LYS B 238 -65.47 -5.00 -4.88
CA LYS B 238 -66.33 -6.16 -4.72
C LYS B 238 -65.60 -7.18 -3.84
N TYR B 239 -66.02 -7.29 -2.59
CA TYR B 239 -65.46 -8.32 -1.72
C TYR B 239 -65.75 -9.71 -2.29
N HIS B 240 -64.85 -10.64 -2.01
CA HIS B 240 -64.90 -11.96 -2.64
C HIS B 240 -64.54 -13.06 -1.64
N GLY B 241 -63.50 -12.82 -0.85
CA GLY B 241 -62.93 -13.86 -0.02
C GLY B 241 -62.01 -14.77 -0.81
N GLY B 242 -61.13 -15.43 -0.09
CA GLY B 242 -60.15 -16.30 -0.69
C GLY B 242 -58.94 -16.41 0.22
N GLU B 243 -57.89 -17.06 -0.30
CA GLU B 243 -56.66 -17.17 0.46
C GLU B 243 -55.47 -17.27 -0.48
N ILE B 244 -54.34 -16.70 -0.05
CA ILE B 244 -53.07 -16.75 -0.77
C ILE B 244 -52.00 -17.23 0.20
N ARG B 245 -51.22 -18.21 -0.24
CA ARG B 245 -50.26 -18.90 0.60
C ARG B 245 -48.90 -18.84 -0.07
N GLU B 246 -47.94 -18.18 0.60
CA GLU B 246 -46.59 -18.00 0.08
C GLU B 246 -45.63 -18.86 0.89
N GLN B 247 -45.28 -20.01 0.35
CA GLN B 247 -44.26 -20.85 0.97
C GLN B 247 -42.88 -20.24 0.73
N ASN B 248 -42.18 -19.89 1.81
CA ASN B 248 -40.84 -19.35 1.70
C ASN B 248 -39.99 -19.94 2.83
N GLY B 249 -38.82 -19.35 3.05
CA GLY B 249 -37.88 -19.82 4.05
C GLY B 249 -37.69 -18.86 5.21
N ASP B 250 -38.73 -18.07 5.53
CA ASP B 250 -38.71 -17.30 6.75
C ASP B 250 -38.73 -18.24 7.95
N SER B 251 -38.18 -17.76 9.07
CA SER B 251 -38.12 -18.58 10.28
C SER B 251 -39.46 -18.65 10.98
N LEU B 252 -40.27 -17.60 10.87
CA LEU B 252 -41.57 -17.50 11.50
C LEU B 252 -42.65 -17.51 10.42
N VAL B 253 -43.87 -17.87 10.84
CA VAL B 253 -45.04 -17.77 9.99
C VAL B 253 -45.79 -16.51 10.37
N HIS B 254 -45.97 -15.62 9.40
CA HIS B 254 -46.87 -14.48 9.51
C HIS B 254 -48.17 -14.87 8.85
N ALA B 255 -49.29 -14.44 9.44
CA ALA B 255 -50.58 -14.82 8.92
C ALA B 255 -51.60 -13.77 9.34
N ALA B 256 -52.57 -13.54 8.47
CA ALA B 256 -53.65 -12.60 8.73
C ALA B 256 -54.96 -13.25 8.29
N LEU B 257 -56.00 -13.07 9.11
CA LEU B 257 -57.32 -13.61 8.83
C LEU B 257 -58.33 -12.50 9.06
N VAL B 258 -59.17 -12.23 8.06
CA VAL B 258 -60.08 -11.10 8.11
C VAL B 258 -61.41 -11.47 7.48
N ALA B 259 -62.39 -10.58 7.66
CA ALA B 259 -63.66 -10.62 6.95
C ALA B 259 -64.08 -9.19 6.67
N GLU B 260 -64.99 -9.03 5.71
CA GLU B 260 -65.50 -7.69 5.41
C GLU B 260 -66.15 -7.11 6.65
N SER B 261 -65.92 -5.80 6.87
CA SER B 261 -66.31 -5.16 8.12
C SER B 261 -67.20 -3.97 7.79
N ALA B 262 -66.69 -2.75 7.83
CA ALA B 262 -67.53 -1.57 7.64
C ALA B 262 -66.74 -0.46 6.96
N ALA B 263 -67.41 0.30 6.11
CA ALA B 263 -66.77 1.44 5.45
C ALA B 263 -66.56 2.57 6.45
N ILE B 264 -65.50 3.34 6.22
CA ILE B 264 -65.13 4.38 7.16
C ILE B 264 -66.25 5.44 7.23
N GLY B 265 -66.29 6.13 8.36
CA GLY B 265 -67.31 7.16 8.60
C GLY B 265 -68.60 6.65 9.22
N SER B 266 -69.08 5.49 8.78
CA SER B 266 -70.29 4.91 9.34
C SER B 266 -70.09 4.55 10.81
N ALA B 267 -71.21 4.45 11.53
CA ALA B 267 -71.15 4.14 12.95
C ALA B 267 -70.67 2.71 13.21
N GLU B 268 -70.92 1.80 12.27
CA GLU B 268 -70.45 0.43 12.43
C GLU B 268 -68.92 0.38 12.45
N ALA B 269 -68.26 1.30 11.74
CA ALA B 269 -66.79 1.32 11.74
C ALA B 269 -66.24 1.70 13.10
N ASN B 270 -66.93 2.58 13.83
CA ASN B 270 -66.49 2.91 15.18
C ASN B 270 -66.60 1.70 16.10
N ALA B 271 -67.65 0.89 15.92
CA ALA B 271 -67.75 -0.34 16.69
C ALA B 271 -66.59 -1.27 16.40
N PHE B 272 -66.14 -1.32 15.14
CA PHE B 272 -65.01 -2.18 14.80
C PHE B 272 -63.73 -1.64 15.39
N SER B 273 -63.54 -0.32 15.37
CA SER B 273 -62.37 0.28 16.01
C SER B 273 -62.33 -0.06 17.50
N VAL B 274 -63.48 0.05 18.18
CA VAL B 274 -63.54 -0.31 19.59
C VAL B 274 -63.25 -1.79 19.77
N LEU B 275 -63.82 -2.64 18.92
CA LEU B 275 -63.57 -4.07 19.03
C LEU B 275 -62.09 -4.37 18.89
N GLN B 276 -61.39 -3.62 18.02
CA GLN B 276 -59.95 -3.81 17.85
C GLN B 276 -59.21 -3.62 19.17
N HIS B 277 -59.55 -2.57 19.91
CA HIS B 277 -58.85 -2.28 21.17
C HIS B 277 -59.34 -3.16 22.32
N VAL B 278 -60.50 -3.80 22.18
CA VAL B 278 -60.86 -4.85 23.12
C VAL B 278 -59.93 -6.05 22.95
N LEU B 279 -59.69 -6.43 21.70
CA LEU B 279 -58.89 -7.62 21.41
C LEU B 279 -57.41 -7.36 21.63
N GLY B 280 -56.89 -6.25 21.11
CA GLY B 280 -55.49 -5.92 21.26
C GLY B 280 -54.87 -5.42 19.98
N ALA B 281 -54.62 -4.12 19.90
CA ALA B 281 -54.04 -3.51 18.70
C ALA B 281 -52.52 -3.45 18.76
N GLY B 282 -51.97 -3.06 19.91
CA GLY B 282 -50.54 -2.93 20.04
C GLY B 282 -50.12 -2.77 21.49
N PRO B 283 -48.83 -2.84 21.75
CA PRO B 283 -48.35 -2.73 23.13
C PRO B 283 -48.29 -1.28 23.58
N HIS B 284 -48.68 -1.05 24.83
CA HIS B 284 -48.60 0.26 25.43
C HIS B 284 -47.43 0.42 26.38
N VAL B 285 -46.81 -0.67 26.81
CA VAL B 285 -45.70 -0.64 27.77
C VAL B 285 -44.55 -1.45 27.20
N LYS B 286 -43.33 -0.97 27.40
CA LYS B 286 -42.17 -1.65 26.83
C LYS B 286 -41.93 -2.98 27.52
N ARG B 287 -41.78 -4.03 26.72
CA ARG B 287 -41.47 -5.39 27.19
C ARG B 287 -42.57 -5.96 28.09
N GLY B 288 -43.80 -5.43 28.01
CA GLY B 288 -44.86 -5.94 28.84
C GLY B 288 -45.48 -7.22 28.30
N SER B 289 -46.11 -7.94 29.22
CA SER B 289 -46.88 -9.14 28.89
C SER B 289 -48.22 -8.82 28.23
N ASN B 290 -48.59 -7.54 28.14
CA ASN B 290 -49.88 -7.13 27.60
C ASN B 290 -51.01 -7.80 28.37
N ALA B 291 -51.09 -7.44 29.65
CA ALA B 291 -52.06 -8.08 30.54
C ALA B 291 -53.49 -7.83 30.10
N THR B 292 -53.77 -6.67 29.52
CA THR B 292 -55.12 -6.31 29.09
C THR B 292 -55.38 -6.57 27.61
N SER B 293 -54.52 -7.35 26.96
CA SER B 293 -54.73 -7.76 25.57
C SER B 293 -55.45 -9.09 25.57
N SER B 294 -56.70 -9.09 25.10
CA SER B 294 -57.51 -10.30 25.13
C SER B 294 -56.92 -11.40 24.24
N LEU B 295 -56.48 -11.04 23.04
CA LEU B 295 -55.95 -12.06 22.14
C LEU B 295 -54.63 -12.61 22.65
N TYR B 296 -53.76 -11.76 23.18
CA TYR B 296 -52.44 -12.21 23.61
C TYR B 296 -52.57 -13.22 24.76
N GLN B 297 -53.42 -12.91 25.75
CA GLN B 297 -53.60 -13.83 26.86
C GLN B 297 -54.27 -15.12 26.42
N ALA B 298 -55.20 -15.04 25.46
CA ALA B 298 -55.84 -16.25 24.95
C ALA B 298 -54.82 -17.18 24.30
N VAL B 299 -53.95 -16.63 23.46
CA VAL B 299 -52.92 -17.43 22.80
C VAL B 299 -51.88 -17.91 23.81
N ALA B 300 -51.47 -17.03 24.72
CA ALA B 300 -50.38 -17.35 25.65
C ALA B 300 -50.72 -18.50 26.58
N LYS B 301 -52.02 -18.76 26.83
CA LYS B 301 -52.40 -19.85 27.70
C LYS B 301 -51.93 -21.19 27.14
N GLY B 302 -52.32 -21.50 25.90
CA GLY B 302 -51.94 -22.73 25.25
C GLY B 302 -50.70 -22.65 24.38
N VAL B 303 -49.91 -21.58 24.48
CA VAL B 303 -48.68 -21.41 23.72
C VAL B 303 -47.64 -20.79 24.63
N HIS B 304 -46.55 -21.52 24.88
CA HIS B 304 -45.46 -21.06 25.72
C HIS B 304 -44.18 -20.90 24.92
N GLN B 305 -44.30 -20.50 23.66
CA GLN B 305 -43.18 -20.20 22.78
C GLN B 305 -43.34 -18.75 22.32
N PRO B 306 -42.30 -18.14 21.73
CA PRO B 306 -42.45 -16.76 21.23
C PRO B 306 -43.51 -16.64 20.14
N PHE B 307 -44.30 -15.57 20.24
CA PHE B 307 -45.32 -15.25 19.25
C PHE B 307 -45.71 -13.79 19.37
N ASP B 308 -46.54 -13.35 18.44
CA ASP B 308 -47.27 -12.10 18.58
C ASP B 308 -48.64 -12.27 17.95
N VAL B 309 -49.60 -11.48 18.45
CA VAL B 309 -50.93 -11.46 17.86
C VAL B 309 -51.53 -10.08 18.08
N SER B 310 -52.21 -9.56 17.07
CA SER B 310 -52.84 -8.26 17.15
C SER B 310 -54.10 -8.23 16.30
N ALA B 311 -55.11 -7.51 16.77
CA ALA B 311 -56.26 -7.21 15.94
C ALA B 311 -55.85 -6.32 14.79
N PHE B 312 -56.49 -6.54 13.63
CA PHE B 312 -56.21 -5.82 12.41
C PHE B 312 -57.49 -5.10 11.98
N ASN B 313 -57.39 -3.79 11.74
CA ASN B 313 -58.55 -2.99 11.36
C ASN B 313 -58.15 -2.07 10.22
N ALA B 314 -58.83 -2.20 9.09
CA ALA B 314 -58.57 -1.39 7.90
C ALA B 314 -59.92 -1.01 7.31
N SER B 315 -60.16 0.29 7.19
CA SER B 315 -61.46 0.82 6.80
C SER B 315 -61.30 1.74 5.59
N TYR B 316 -62.13 1.51 4.57
CA TYR B 316 -62.00 2.19 3.29
C TYR B 316 -63.32 2.86 2.93
N SER B 317 -63.27 3.65 1.85
CA SER B 317 -64.41 4.49 1.49
C SER B 317 -65.68 3.68 1.27
N ASP B 318 -65.55 2.46 0.74
CA ASP B 318 -66.70 1.64 0.38
C ASP B 318 -66.58 0.20 0.90
N SER B 319 -65.68 -0.06 1.84
CA SER B 319 -65.49 -1.41 2.34
C SER B 319 -64.57 -1.34 3.54
N GLY B 320 -64.20 -2.51 4.05
CA GLY B 320 -63.30 -2.60 5.19
C GLY B 320 -62.95 -4.04 5.44
N LEU B 321 -61.82 -4.23 6.12
CA LEU B 321 -61.38 -5.55 6.55
C LEU B 321 -61.11 -5.49 8.04
N PHE B 322 -61.60 -6.49 8.78
CA PHE B 322 -61.30 -6.63 10.19
C PHE B 322 -60.91 -8.07 10.47
N GLY B 323 -60.00 -8.25 11.42
CA GLY B 323 -59.61 -9.55 11.89
C GLY B 323 -58.42 -9.47 12.82
N PHE B 324 -57.51 -10.43 12.72
CA PHE B 324 -56.30 -10.42 13.52
C PHE B 324 -55.10 -10.84 12.67
N TYR B 325 -53.92 -10.61 13.23
CA TYR B 325 -52.63 -10.87 12.59
C TYR B 325 -51.77 -11.62 13.57
N THR B 326 -51.15 -12.72 13.12
CA THR B 326 -50.40 -13.60 14.00
C THR B 326 -48.98 -13.80 13.48
N ILE B 327 -48.04 -13.92 14.43
CA ILE B 327 -46.67 -14.34 14.15
C ILE B 327 -46.34 -15.45 15.13
N SER B 328 -45.81 -16.55 14.62
CA SER B 328 -45.51 -17.70 15.49
C SER B 328 -44.51 -18.61 14.82
N GLN B 329 -43.94 -19.50 15.63
CA GLN B 329 -43.16 -20.60 15.09
C GLN B 329 -44.01 -21.39 14.10
N ALA B 330 -43.36 -21.96 13.09
CA ALA B 330 -44.08 -22.64 12.02
C ALA B 330 -44.95 -23.77 12.54
N ALA B 331 -44.51 -24.46 13.60
CA ALA B 331 -45.26 -25.57 14.17
C ALA B 331 -46.44 -25.10 15.01
N SER B 332 -46.34 -23.91 15.61
CA SER B 332 -47.41 -23.35 16.43
C SER B 332 -48.38 -22.50 15.62
N ALA B 333 -48.32 -22.55 14.29
CA ALA B 333 -49.14 -21.70 13.46
C ALA B 333 -50.62 -21.92 13.73
N GLY B 334 -51.13 -23.12 13.45
CA GLY B 334 -52.54 -23.39 13.66
C GLY B 334 -53.01 -23.14 15.07
N ASP B 335 -52.20 -23.55 16.06
CA ASP B 335 -52.60 -23.37 17.45
C ASP B 335 -52.79 -21.89 17.79
N VAL B 336 -51.91 -21.04 17.27
CA VAL B 336 -52.06 -19.60 17.49
C VAL B 336 -53.28 -19.07 16.76
N ILE B 337 -53.45 -19.47 15.50
CA ILE B 337 -54.61 -19.06 14.70
C ILE B 337 -55.90 -19.44 15.43
N LYS B 338 -56.04 -20.72 15.75
CA LYS B 338 -57.30 -21.21 16.30
C LYS B 338 -57.57 -20.61 17.67
N ALA B 339 -56.54 -20.43 18.49
CA ALA B 339 -56.73 -19.78 19.78
C ALA B 339 -57.19 -18.34 19.60
N ALA B 340 -56.62 -17.62 18.63
CA ALA B 340 -57.06 -16.26 18.35
C ALA B 340 -58.50 -16.25 17.86
N TYR B 341 -58.86 -17.18 16.97
CA TYR B 341 -60.19 -17.19 16.40
C TYR B 341 -61.24 -17.49 17.47
N ASN B 342 -60.97 -18.48 18.33
CA ASN B 342 -61.91 -18.82 19.39
C ASN B 342 -62.10 -17.67 20.36
N GLN B 343 -61.07 -16.85 20.57
CA GLN B 343 -61.21 -15.71 21.47
C GLN B 343 -62.18 -14.70 20.89
N VAL B 344 -62.19 -14.53 19.56
CA VAL B 344 -63.17 -13.66 18.93
C VAL B 344 -64.55 -14.29 19.01
N LYS B 345 -64.63 -15.62 18.84
CA LYS B 345 -65.91 -16.31 18.96
C LYS B 345 -66.55 -16.05 20.31
N THR B 346 -65.73 -16.01 21.36
CA THR B 346 -66.23 -15.70 22.71
C THR B 346 -66.95 -14.36 22.73
N ILE B 347 -66.40 -13.36 22.06
CA ILE B 347 -67.02 -12.03 22.06
C ILE B 347 -68.31 -12.08 21.25
N ALA B 348 -68.31 -12.78 20.12
CA ALA B 348 -69.53 -12.89 19.31
C ALA B 348 -70.63 -13.58 20.10
N GLN B 349 -70.27 -14.47 21.02
CA GLN B 349 -71.23 -15.12 21.91
C GLN B 349 -71.67 -14.24 23.06
N GLY B 350 -71.25 -12.98 23.11
CA GLY B 350 -71.74 -12.04 24.09
C GLY B 350 -71.01 -12.03 25.42
N ASN B 351 -69.85 -12.66 25.52
CA ASN B 351 -69.05 -12.63 26.75
C ASN B 351 -68.11 -11.43 26.70
N LEU B 352 -68.65 -10.28 27.09
CA LEU B 352 -67.91 -9.01 27.04
C LEU B 352 -68.37 -8.13 28.19
N SER B 353 -67.47 -7.83 29.12
CA SER B 353 -67.80 -6.96 30.23
C SER B 353 -67.83 -5.50 29.78
N ASN B 354 -68.50 -4.67 30.57
CA ASN B 354 -68.58 -3.24 30.29
C ASN B 354 -67.29 -2.52 30.68
N PRO B 355 -66.63 -2.87 31.80
CA PRO B 355 -65.33 -2.24 32.08
C PRO B 355 -64.29 -2.50 31.01
N ASP B 356 -64.38 -3.62 30.28
CA ASP B 356 -63.45 -3.86 29.18
C ASP B 356 -63.71 -2.94 28.00
N VAL B 357 -64.98 -2.59 27.76
CA VAL B 357 -65.30 -1.66 26.67
C VAL B 357 -64.87 -0.25 27.04
N GLN B 358 -65.17 0.18 28.27
CA GLN B 358 -64.74 1.52 28.68
C GLN B 358 -63.22 1.65 28.66
N ALA B 359 -62.51 0.55 28.91
CA ALA B 359 -61.06 0.56 28.80
C ALA B 359 -60.61 0.64 27.34
N ALA B 360 -61.31 -0.07 26.46
CA ALA B 360 -60.97 0.00 25.04
C ALA B 360 -61.30 1.37 24.46
N LYS B 361 -62.43 1.94 24.87
CA LYS B 361 -62.75 3.29 24.45
C LYS B 361 -61.75 4.29 25.02
N ASN B 362 -61.15 3.98 26.18
CA ASN B 362 -60.10 4.85 26.69
C ASN B 362 -58.86 4.79 25.81
N LYS B 363 -58.41 3.58 25.46
CA LYS B 363 -57.23 3.44 24.60
C LYS B 363 -57.46 4.11 23.26
N LEU B 364 -58.61 3.83 22.63
CA LEU B 364 -58.89 4.39 21.31
C LEU B 364 -58.99 5.91 21.35
N LYS B 365 -59.66 6.45 22.36
CA LYS B 365 -59.73 7.91 22.50
C LYS B 365 -58.35 8.49 22.74
N ALA B 366 -57.58 7.88 23.67
CA ALA B 366 -56.24 8.36 23.95
C ALA B 366 -55.35 8.24 22.72
N GLY B 367 -55.43 7.11 22.02
CA GLY B 367 -54.59 6.91 20.85
C GLY B 367 -54.89 7.90 19.74
N TYR B 368 -56.17 8.20 19.53
CA TYR B 368 -56.54 9.14 18.47
C TYR B 368 -55.95 10.51 18.74
N LEU B 369 -56.09 11.02 19.96
CA LEU B 369 -55.57 12.34 20.27
C LEU B 369 -54.05 12.35 20.15
N MET B 370 -53.40 11.25 20.53
CA MET B 370 -51.95 11.19 20.41
C MET B 370 -51.52 11.24 18.95
N SER B 371 -52.30 10.62 18.06
CA SER B 371 -51.94 10.56 16.65
C SER B 371 -52.06 11.92 15.96
N VAL B 372 -52.62 12.92 16.62
CA VAL B 372 -52.79 14.26 16.05
C VAL B 372 -52.04 15.32 16.86
N GLU B 373 -51.12 14.90 17.73
CA GLU B 373 -50.29 15.85 18.46
C GLU B 373 -49.43 16.67 17.50
N SER B 374 -48.77 16.00 16.57
CA SER B 374 -47.80 16.64 15.69
C SER B 374 -48.47 17.24 14.46
N SER B 375 -47.72 18.08 13.75
CA SER B 375 -48.22 18.66 12.51
C SER B 375 -48.41 17.60 11.44
N GLU B 376 -47.49 16.65 11.33
CA GLU B 376 -47.59 15.64 10.28
C GLU B 376 -48.82 14.76 10.48
N GLY B 377 -49.08 14.35 11.72
CA GLY B 377 -50.25 13.52 11.98
C GLY B 377 -51.55 14.31 11.90
N PHE B 378 -51.52 15.57 12.32
CA PHE B 378 -52.70 16.42 12.19
C PHE B 378 -53.03 16.69 10.73
N LEU B 379 -52.02 17.04 9.92
CA LEU B 379 -52.28 17.34 8.51
C LEU B 379 -52.82 16.11 7.79
N ASP B 380 -52.33 14.91 8.14
CA ASP B 380 -52.78 13.71 7.46
C ASP B 380 -54.25 13.42 7.79
N GLU B 381 -54.64 13.60 9.05
CA GLU B 381 -56.03 13.35 9.43
C GLU B 381 -56.96 14.34 8.75
N VAL B 382 -56.62 15.63 8.79
CA VAL B 382 -57.43 16.65 8.13
C VAL B 382 -57.52 16.36 6.63
N GLY B 383 -56.40 16.02 6.01
CA GLY B 383 -56.41 15.76 4.57
C GLY B 383 -57.25 14.55 4.21
N SER B 384 -57.19 13.50 5.02
CA SER B 384 -57.96 12.30 4.72
C SER B 384 -59.42 12.45 5.15
N GLN B 385 -59.69 13.24 6.20
CA GLN B 385 -61.07 13.60 6.51
C GLN B 385 -61.71 14.35 5.36
N ALA B 386 -60.99 15.32 4.79
CA ALA B 386 -61.56 16.15 3.74
C ALA B 386 -61.93 15.32 2.52
N LEU B 387 -61.11 14.33 2.17
CA LEU B 387 -61.39 13.50 1.01
C LEU B 387 -62.48 12.48 1.29
N ALA B 388 -62.42 11.82 2.46
CA ALA B 388 -63.40 10.77 2.76
C ALA B 388 -64.77 11.35 3.10
N ALA B 389 -64.80 12.45 3.86
CA ALA B 389 -66.03 12.99 4.42
C ALA B 389 -66.43 14.36 3.87
N GLY B 390 -65.53 15.07 3.20
CA GLY B 390 -65.84 16.41 2.75
C GLY B 390 -66.06 17.42 3.86
N SER B 391 -65.59 17.11 5.07
CA SER B 391 -65.79 17.97 6.22
C SER B 391 -64.62 17.79 7.18
N TYR B 392 -64.60 18.61 8.23
CA TYR B 392 -63.65 18.43 9.32
C TYR B 392 -64.42 18.21 10.62
N THR B 393 -64.03 17.16 11.35
CA THR B 393 -64.71 16.76 12.57
C THR B 393 -63.75 16.93 13.75
N PRO B 394 -63.92 17.92 14.63
CA PRO B 394 -62.93 18.14 15.70
C PRO B 394 -62.86 16.96 16.65
N PRO B 395 -61.81 16.87 17.45
CA PRO B 395 -61.64 15.66 18.29
C PRO B 395 -62.71 15.50 19.34
N SER B 396 -63.24 16.58 19.91
CA SER B 396 -64.29 16.44 20.92
C SER B 396 -65.50 15.72 20.36
N THR B 397 -65.79 15.93 19.07
CA THR B 397 -66.89 15.23 18.42
C THR B 397 -66.52 13.79 18.10
N VAL B 398 -65.25 13.53 17.77
CA VAL B 398 -64.80 12.16 17.57
C VAL B 398 -64.99 11.36 18.84
N LEU B 399 -64.56 11.92 19.98
CA LEU B 399 -64.71 11.20 21.25
C LEU B 399 -66.17 10.98 21.59
N GLN B 400 -67.04 11.91 21.18
CA GLN B 400 -68.47 11.73 21.35
C GLN B 400 -68.97 10.55 20.54
N GLN B 401 -68.51 10.43 19.29
CA GLN B 401 -68.91 9.31 18.45
C GLN B 401 -68.38 7.98 18.98
N ILE B 402 -67.21 8.01 19.61
CA ILE B 402 -66.68 6.80 20.25
C ILE B 402 -67.53 6.44 21.46
N ASP B 403 -67.86 7.45 22.29
CA ASP B 403 -68.66 7.19 23.48
C ASP B 403 -70.02 6.62 23.11
N ALA B 404 -70.53 6.93 21.92
CA ALA B 404 -71.84 6.47 21.49
C ALA B 404 -71.85 4.99 21.11
N VAL B 405 -70.69 4.34 21.06
CA VAL B 405 -70.64 2.92 20.78
C VAL B 405 -71.14 2.15 22.00
N ALA B 406 -72.14 1.30 21.78
CA ALA B 406 -72.68 0.44 22.83
C ALA B 406 -72.01 -0.94 22.78
N ASP B 407 -72.09 -1.65 23.92
CA ASP B 407 -71.46 -2.97 24.01
C ASP B 407 -72.08 -3.94 23.02
N ALA B 408 -73.36 -3.79 22.71
CA ALA B 408 -73.99 -4.68 21.75
C ALA B 408 -73.45 -4.46 20.35
N ASP B 409 -73.16 -3.20 20.00
CA ASP B 409 -72.53 -2.90 18.71
C ASP B 409 -71.20 -3.63 18.57
N VAL B 410 -70.38 -3.66 19.63
CA VAL B 410 -69.12 -4.38 19.60
C VAL B 410 -69.35 -5.86 19.39
N ILE B 411 -70.37 -6.42 20.05
CA ILE B 411 -70.66 -7.84 19.92
C ILE B 411 -71.11 -8.15 18.50
N ASN B 412 -72.03 -7.34 17.95
CA ASN B 412 -72.49 -7.57 16.60
C ASN B 412 -71.35 -7.48 15.60
N ALA B 413 -70.40 -6.58 15.85
CA ALA B 413 -69.20 -6.49 15.03
C ALA B 413 -68.42 -7.80 15.06
N ALA B 414 -68.25 -8.38 16.25
CA ALA B 414 -67.59 -9.67 16.33
C ALA B 414 -68.42 -10.77 15.71
N LYS B 415 -69.75 -10.63 15.72
CA LYS B 415 -70.60 -11.62 15.05
C LYS B 415 -70.41 -11.57 13.55
N LYS B 416 -70.32 -10.36 12.99
CA LYS B 416 -70.12 -10.22 11.55
C LYS B 416 -68.81 -10.86 11.10
N PHE B 417 -67.79 -10.85 11.96
CA PHE B 417 -66.53 -11.48 11.62
C PHE B 417 -66.65 -13.00 11.60
N VAL B 418 -67.26 -13.59 12.65
CA VAL B 418 -67.31 -15.04 12.74
C VAL B 418 -68.09 -15.64 11.58
N SER B 419 -69.19 -14.99 11.18
CA SER B 419 -70.08 -15.55 10.18
C SER B 419 -69.75 -15.11 8.76
N GLY B 420 -68.89 -14.10 8.60
CA GLY B 420 -68.61 -13.59 7.28
C GLY B 420 -67.59 -14.44 6.54
N ARG B 421 -67.75 -14.48 5.22
CA ARG B 421 -66.75 -15.08 4.35
C ARG B 421 -65.40 -14.45 4.65
N LYS B 422 -64.39 -15.30 4.81
CA LYS B 422 -63.08 -14.90 5.31
C LYS B 422 -62.08 -14.70 4.17
N SER B 423 -61.03 -13.95 4.48
CA SER B 423 -59.85 -13.84 3.65
C SER B 423 -58.62 -14.09 4.50
N MET B 424 -57.67 -14.88 3.99
CA MET B 424 -56.47 -15.25 4.72
C MET B 424 -55.26 -15.06 3.82
N ALA B 425 -54.18 -14.52 4.40
CA ALA B 425 -52.87 -14.51 3.75
C ALA B 425 -51.84 -14.99 4.77
N ALA B 426 -50.93 -15.85 4.31
CA ALA B 426 -49.90 -16.36 5.19
C ALA B 426 -48.62 -16.59 4.39
N SER B 427 -47.48 -16.39 5.05
CA SER B 427 -46.19 -16.63 4.42
C SER B 427 -45.25 -17.25 5.44
N GLY B 428 -44.43 -18.18 4.99
CA GLY B 428 -43.51 -18.89 5.85
C GLY B 428 -43.45 -20.35 5.46
N ASN B 429 -43.01 -21.18 6.39
CA ASN B 429 -43.10 -22.62 6.25
C ASN B 429 -44.48 -23.03 6.73
N LEU B 430 -45.39 -23.25 5.78
CA LEU B 430 -46.82 -23.40 6.06
C LEU B 430 -47.23 -24.85 6.32
N GLY B 431 -46.32 -25.70 6.78
CA GLY B 431 -46.66 -27.10 6.98
C GLY B 431 -47.76 -27.32 7.99
N HIS B 432 -47.89 -26.42 8.97
CA HIS B 432 -48.89 -26.51 10.03
C HIS B 432 -49.79 -25.28 10.05
N THR B 433 -49.96 -24.61 8.91
CA THR B 433 -50.77 -23.41 8.83
C THR B 433 -52.10 -23.77 8.18
N PRO B 434 -53.22 -23.72 8.90
CA PRO B 434 -54.47 -24.23 8.32
C PRO B 434 -54.96 -23.39 7.16
N PHE B 435 -55.70 -24.05 6.26
CA PHE B 435 -56.52 -23.34 5.29
C PHE B 435 -57.75 -22.77 5.99
N ILE B 436 -58.58 -22.04 5.24
CA ILE B 436 -59.77 -21.43 5.82
C ILE B 436 -60.75 -22.52 6.29
N ASP B 437 -61.05 -23.48 5.41
CA ASP B 437 -62.03 -24.50 5.73
C ASP B 437 -61.58 -25.42 6.86
N GLU B 438 -60.33 -25.33 7.32
CA GLU B 438 -59.85 -26.11 8.45
C GLU B 438 -59.95 -25.35 9.77
N LEU B 439 -60.61 -24.20 9.79
CA LEU B 439 -60.83 -23.45 11.02
C LEU B 439 -62.23 -23.71 11.56
N ASN C 3 -11.98 10.24 -8.43
CA ASN C 3 -10.58 10.03 -8.11
C ASN C 3 -9.77 9.86 -9.38
N ILE C 4 -8.86 10.82 -9.64
CA ILE C 4 -8.14 10.83 -10.90
C ILE C 4 -6.96 9.86 -10.89
N ARG C 5 -6.42 9.54 -9.71
CA ARG C 5 -5.29 8.62 -9.64
C ARG C 5 -5.62 7.24 -10.22
N LYS C 6 -6.90 6.87 -10.28
CA LYS C 6 -7.32 5.53 -10.69
C LYS C 6 -7.88 5.47 -12.11
N SER C 7 -8.03 6.61 -12.80
CA SER C 7 -8.71 6.63 -14.10
C SER C 7 -7.92 7.30 -15.22
N HIS C 8 -6.95 8.15 -14.91
CA HIS C 8 -6.08 8.71 -15.94
C HIS C 8 -5.27 7.57 -16.56
N PRO C 9 -5.32 7.37 -17.89
CA PRO C 9 -4.68 6.17 -18.47
C PRO C 9 -3.20 6.06 -18.17
N LEU C 10 -2.52 7.17 -17.90
CA LEU C 10 -1.10 7.14 -17.58
C LEU C 10 -0.84 6.85 -16.10
N MET C 11 -1.51 7.60 -15.21
CA MET C 11 -1.35 7.37 -13.77
C MET C 11 -1.99 6.07 -13.32
N LYS C 12 -2.85 5.45 -14.14
CA LYS C 12 -3.40 4.14 -13.79
C LYS C 12 -2.29 3.11 -13.66
N ILE C 13 -1.37 3.08 -14.64
CA ILE C 13 -0.31 2.09 -14.64
C ILE C 13 0.67 2.36 -13.49
N VAL C 14 0.88 3.63 -13.14
CA VAL C 14 1.71 3.94 -11.97
C VAL C 14 1.02 3.48 -10.71
N ASN C 15 -0.30 3.72 -10.60
CA ASN C 15 -1.05 3.37 -9.40
C ASN C 15 -0.96 1.87 -9.13
N ASN C 16 -1.20 1.05 -10.14
CA ASN C 16 -1.23 -0.39 -10.01
C ASN C 16 0.15 -1.00 -9.85
N ALA C 17 1.22 -0.21 -9.76
CA ALA C 17 2.58 -0.71 -9.66
C ALA C 17 3.34 -0.20 -8.45
N PHE C 18 3.04 1.01 -7.95
CA PHE C 18 3.78 1.61 -6.85
C PHE C 18 2.93 2.11 -5.69
N ILE C 19 1.62 2.28 -5.84
CA ILE C 19 0.81 2.89 -4.79
C ILE C 19 -0.15 1.87 -4.20
N ASP C 20 -1.21 1.54 -4.95
CA ASP C 20 -2.26 0.67 -4.45
C ASP C 20 -1.99 -0.81 -4.74
N LEU C 21 -0.81 -1.14 -5.27
CA LEU C 21 -0.47 -2.51 -5.54
C LEU C 21 -0.52 -3.32 -4.24
N PRO C 22 -1.31 -4.39 -4.16
CA PRO C 22 -1.21 -5.25 -2.97
C PRO C 22 0.15 -5.93 -2.91
N ALA C 23 0.76 -5.92 -1.73
CA ALA C 23 2.02 -6.57 -1.48
C ALA C 23 1.95 -7.36 -0.18
N PRO C 24 2.75 -8.42 -0.03
CA PRO C 24 2.74 -9.15 1.24
C PRO C 24 3.18 -8.25 2.39
N SER C 25 2.73 -8.60 3.58
CA SER C 25 3.03 -7.81 4.77
C SER C 25 4.34 -8.19 5.44
N ASN C 26 5.03 -9.22 4.94
CA ASN C 26 6.16 -9.83 5.65
C ASN C 26 7.42 -9.95 4.81
N ILE C 27 7.51 -9.28 3.66
CA ILE C 27 8.72 -9.41 2.84
C ILE C 27 9.87 -8.66 3.52
N SER C 28 11.01 -9.33 3.62
CA SER C 28 12.14 -8.86 4.41
C SER C 28 13.04 -7.95 3.55
N SER C 29 14.21 -7.61 4.09
CA SER C 29 15.16 -6.77 3.37
C SER C 29 15.66 -7.43 2.08
N TRP C 30 15.54 -8.76 1.96
CA TRP C 30 15.96 -9.41 0.72
C TRP C 30 15.06 -9.05 -0.45
N TRP C 31 13.87 -8.52 -0.18
CA TRP C 31 12.99 -8.00 -1.24
C TRP C 31 13.27 -6.54 -1.58
N ASN C 32 14.24 -5.90 -0.92
CA ASN C 32 14.59 -4.53 -1.26
C ASN C 32 15.44 -4.42 -2.51
N PHE C 33 16.08 -5.52 -2.93
CA PHE C 33 17.08 -5.44 -4.00
C PHE C 33 16.47 -5.30 -5.38
N GLY C 34 15.17 -5.54 -5.53
CA GLY C 34 14.54 -5.29 -6.82
C GLY C 34 14.58 -3.82 -7.21
N SER C 35 14.20 -2.94 -6.27
CA SER C 35 14.25 -1.51 -6.55
C SER C 35 15.68 -0.98 -6.57
N LEU C 36 16.58 -1.57 -5.77
CA LEU C 36 17.97 -1.13 -5.82
C LEU C 36 18.60 -1.45 -7.15
N LEU C 37 18.16 -2.53 -7.81
CA LEU C 37 18.60 -2.78 -9.18
C LEU C 37 18.13 -1.65 -10.11
N GLY C 38 16.86 -1.24 -9.97
CA GLY C 38 16.36 -0.13 -10.76
C GLY C 38 17.15 1.14 -10.50
N ILE C 39 17.40 1.46 -9.23
CA ILE C 39 18.21 2.63 -8.89
C ILE C 39 19.61 2.50 -9.50
N CYS C 40 20.26 1.35 -9.27
CA CYS C 40 21.57 1.12 -9.86
C CYS C 40 21.55 1.37 -11.37
N LEU C 41 20.52 0.87 -12.05
CA LEU C 41 20.40 1.12 -13.48
C LEU C 41 20.30 2.61 -13.77
N ILE C 42 19.44 3.32 -13.03
CA ILE C 42 19.31 4.76 -13.25
C ILE C 42 20.64 5.46 -13.02
N LEU C 43 21.37 5.09 -11.97
CA LEU C 43 22.67 5.71 -11.72
C LEU C 43 23.63 5.44 -12.87
N GLN C 44 23.64 4.22 -13.39
CA GLN C 44 24.53 3.89 -14.49
C GLN C 44 24.11 4.59 -15.78
N ILE C 45 22.83 4.91 -15.94
CA ILE C 45 22.40 5.73 -17.07
C ILE C 45 22.97 7.13 -16.95
N LEU C 46 22.81 7.76 -15.78
CA LEU C 46 23.11 9.18 -15.63
C LEU C 46 24.62 9.42 -15.57
N THR C 47 25.32 8.74 -14.67
CA THR C 47 26.77 8.82 -14.67
C THR C 47 27.33 8.38 -16.02
N GLY C 48 26.76 7.31 -16.59
CA GLY C 48 27.19 6.88 -17.91
C GLY C 48 27.00 7.95 -18.96
N LEU C 49 25.83 8.58 -18.97
CA LEU C 49 25.54 9.61 -19.97
C LEU C 49 26.51 10.78 -19.85
N PHE C 50 26.77 11.24 -18.63
CA PHE C 50 27.63 12.41 -18.45
C PHE C 50 29.10 12.08 -18.67
N LEU C 51 29.48 10.80 -18.63
CA LEU C 51 30.81 10.41 -19.09
C LEU C 51 30.90 10.42 -20.61
N ALA C 52 29.84 9.97 -21.29
CA ALA C 52 29.82 9.91 -22.75
C ALA C 52 29.89 11.28 -23.40
N MET C 53 29.67 12.36 -22.66
CA MET C 53 29.81 13.71 -23.21
C MET C 53 31.25 14.18 -23.25
N HIS C 54 32.19 13.46 -22.63
CA HIS C 54 33.60 13.83 -22.59
C HIS C 54 34.53 12.71 -23.02
N TYR C 55 34.01 11.52 -23.30
CA TYR C 55 34.81 10.38 -23.71
C TYR C 55 34.89 10.32 -25.24
N THR C 56 36.04 9.88 -25.74
CA THR C 56 36.24 9.68 -27.17
C THR C 56 36.55 8.21 -27.42
N SER C 57 36.08 7.70 -28.56
CA SER C 57 36.09 6.27 -28.82
C SER C 57 37.09 5.86 -29.89
N ASP C 58 38.38 6.05 -29.64
CA ASP C 58 39.40 5.55 -30.53
C ASP C 58 40.68 5.36 -29.74
N THR C 59 41.45 4.34 -30.13
CA THR C 59 42.53 3.83 -29.29
C THR C 59 43.56 4.89 -28.95
N THR C 60 43.79 5.84 -29.86
CA THR C 60 44.83 6.83 -29.67
C THR C 60 44.56 7.71 -28.45
N THR C 61 43.30 8.10 -28.24
CA THR C 61 42.91 9.03 -27.18
C THR C 61 41.81 8.48 -26.28
N ALA C 62 41.44 7.21 -26.43
CA ALA C 62 40.45 6.63 -25.52
C ALA C 62 40.98 6.58 -24.09
N PHE C 63 42.24 6.14 -23.93
CA PHE C 63 42.85 6.17 -22.60
C PHE C 63 42.96 7.59 -22.08
N SER C 64 43.30 8.54 -22.96
CA SER C 64 43.54 9.92 -22.54
C SER C 64 42.25 10.67 -22.24
N SER C 65 41.15 10.32 -22.91
CA SER C 65 39.88 11.02 -22.67
C SER C 65 39.34 10.69 -21.28
N VAL C 66 39.54 9.45 -20.82
CA VAL C 66 39.14 9.11 -19.46
C VAL C 66 40.00 9.87 -18.47
N THR C 67 41.31 9.94 -18.72
CA THR C 67 42.19 10.80 -17.93
C THR C 67 41.68 12.23 -17.93
N HIS C 68 41.34 12.75 -19.11
CA HIS C 68 40.82 14.11 -19.23
C HIS C 68 39.62 14.35 -18.33
N ILE C 69 38.81 13.31 -18.10
CA ILE C 69 37.65 13.44 -17.23
C ILE C 69 38.09 13.53 -15.77
N CYS C 70 39.01 12.66 -15.36
CA CYS C 70 39.38 12.59 -13.94
C CYS C 70 40.23 13.77 -13.48
N ARG C 71 40.74 14.57 -14.41
CA ARG C 71 41.61 15.71 -14.08
C ARG C 71 41.03 17.06 -14.44
N ASP C 72 40.42 17.18 -15.62
CA ASP C 72 40.10 18.50 -16.19
C ASP C 72 38.63 18.89 -16.08
N VAL C 73 37.69 17.98 -16.32
CA VAL C 73 36.28 18.35 -16.29
C VAL C 73 35.82 18.43 -14.84
N ASN C 74 35.00 19.45 -14.55
CA ASN C 74 34.51 19.65 -13.19
C ASN C 74 33.78 18.41 -12.71
N TYR C 75 34.28 17.82 -11.63
CA TYR C 75 33.57 16.75 -10.93
C TYR C 75 33.35 15.54 -11.83
N GLY C 76 34.24 15.32 -12.80
CA GLY C 76 34.14 14.13 -13.63
C GLY C 76 34.77 12.91 -13.00
N TRP C 77 35.78 13.11 -12.15
CA TRP C 77 36.38 11.98 -11.45
C TRP C 77 35.35 11.31 -10.54
N ILE C 78 34.47 12.09 -9.91
CA ILE C 78 33.46 11.49 -9.04
C ILE C 78 32.39 10.82 -9.89
N ILE C 79 32.02 11.43 -11.02
CA ILE C 79 31.10 10.79 -11.95
C ILE C 79 31.67 9.46 -12.42
N ARG C 80 32.98 9.42 -12.68
CA ARG C 80 33.58 8.22 -13.27
C ARG C 80 33.66 7.09 -12.25
N TYR C 81 33.99 7.40 -11.00
CA TYR C 81 34.05 6.35 -9.98
C TYR C 81 32.66 5.90 -9.57
N MET C 82 31.68 6.80 -9.56
CA MET C 82 30.29 6.39 -9.40
C MET C 82 29.90 5.38 -10.47
N HIS C 83 30.29 5.63 -11.71
CA HIS C 83 29.93 4.73 -12.79
C HIS C 83 30.68 3.40 -12.67
N ALA C 84 31.95 3.46 -12.26
CA ALA C 84 32.73 2.23 -12.10
C ALA C 84 32.25 1.43 -10.90
N ASN C 85 32.10 2.09 -9.75
CA ASN C 85 31.63 1.40 -8.56
C ASN C 85 30.13 1.15 -8.60
N GLY C 86 29.38 2.00 -9.29
CA GLY C 86 27.97 1.71 -9.51
C GLY C 86 27.77 0.38 -10.22
N ALA C 87 28.66 0.07 -11.17
CA ALA C 87 28.57 -1.21 -11.87
C ALA C 87 28.80 -2.37 -10.90
N SER C 88 29.73 -2.20 -9.95
CA SER C 88 29.97 -3.26 -8.97
C SER C 88 28.81 -3.40 -7.99
N MET C 89 28.23 -2.28 -7.57
CA MET C 89 27.02 -2.35 -6.74
C MET C 89 25.89 -3.05 -7.48
N PHE C 90 25.78 -2.78 -8.78
CA PHE C 90 24.82 -3.47 -9.62
C PHE C 90 24.95 -4.99 -9.50
N PHE C 91 26.19 -5.48 -9.46
CA PHE C 91 26.38 -6.93 -9.41
C PHE C 91 26.21 -7.49 -8.01
N ILE C 92 26.48 -6.70 -6.98
CA ILE C 92 26.09 -7.10 -5.63
C ILE C 92 24.58 -7.32 -5.59
N CYS C 93 23.81 -6.32 -6.02
CA CYS C 93 22.36 -6.43 -5.97
C CYS C 93 21.85 -7.58 -6.83
N LEU C 94 22.46 -7.79 -8.01
CA LEU C 94 22.07 -8.91 -8.86
C LEU C 94 22.20 -10.23 -8.11
N TYR C 95 23.32 -10.42 -7.42
CA TYR C 95 23.58 -11.72 -6.79
C TYR C 95 22.73 -11.92 -5.54
N MET C 96 22.43 -10.85 -4.79
CA MET C 96 21.46 -10.98 -3.71
C MET C 96 20.06 -11.28 -4.27
N HIS C 97 19.67 -10.56 -5.33
CA HIS C 97 18.37 -10.77 -5.97
C HIS C 97 18.17 -12.23 -6.35
N VAL C 98 19.18 -12.83 -7.01
CA VAL C 98 19.06 -14.23 -7.42
C VAL C 98 19.03 -15.14 -6.20
N GLY C 99 19.94 -14.91 -5.24
CA GLY C 99 19.99 -15.76 -4.07
C GLY C 99 18.69 -15.73 -3.28
N ARG C 100 18.08 -14.55 -3.17
CA ARG C 100 16.73 -14.45 -2.61
C ARG C 100 15.76 -15.37 -3.35
N GLY C 101 15.80 -15.32 -4.69
CA GLY C 101 14.89 -16.12 -5.47
C GLY C 101 15.07 -17.61 -5.26
N LEU C 102 16.32 -18.05 -5.09
CA LEU C 102 16.57 -19.48 -4.90
C LEU C 102 16.19 -19.94 -3.50
N TYR C 103 16.62 -19.19 -2.47
CA TYR C 103 16.36 -19.62 -1.11
C TYR C 103 14.86 -19.69 -0.83
N TYR C 104 14.12 -18.68 -1.26
CA TYR C 104 12.69 -18.58 -0.98
C TYR C 104 11.82 -19.13 -2.11
N GLY C 105 12.42 -19.69 -3.16
CA GLY C 105 11.65 -20.40 -4.16
C GLY C 105 10.91 -19.54 -5.15
N SER C 106 11.30 -18.28 -5.31
CA SER C 106 10.59 -17.37 -6.21
C SER C 106 10.67 -17.80 -7.68
N TYR C 107 11.56 -18.73 -8.02
CA TYR C 107 11.71 -19.17 -9.41
C TYR C 107 10.46 -19.85 -9.97
N THR C 108 9.50 -20.23 -9.12
CA THR C 108 8.28 -20.86 -9.62
C THR C 108 7.47 -19.90 -10.50
N PHE C 109 7.69 -18.59 -10.36
CA PHE C 109 7.26 -17.62 -11.37
C PHE C 109 8.14 -17.80 -12.59
N LEU C 110 7.76 -18.74 -13.45
CA LEU C 110 8.62 -19.13 -14.58
C LEU C 110 8.90 -17.94 -15.49
N GLU C 111 7.85 -17.27 -15.96
CA GLU C 111 8.03 -16.16 -16.89
C GLU C 111 8.92 -15.07 -16.29
N THR C 112 8.60 -14.63 -15.07
CA THR C 112 9.42 -13.63 -14.40
C THR C 112 10.84 -14.12 -14.24
N TRP C 113 11.01 -15.36 -13.78
CA TRP C 113 12.34 -15.89 -13.53
C TRP C 113 13.14 -16.05 -14.82
N ASN C 114 12.54 -16.68 -15.83
CA ASN C 114 13.29 -17.02 -17.03
C ASN C 114 13.77 -15.78 -17.79
N ILE C 115 13.02 -14.68 -17.71
CA ILE C 115 13.52 -13.45 -18.30
C ILE C 115 14.48 -12.75 -17.33
N GLY C 116 14.37 -13.01 -16.03
CA GLY C 116 15.40 -12.57 -15.11
C GLY C 116 16.77 -13.08 -15.50
N VAL C 117 16.85 -14.35 -15.89
CA VAL C 117 18.10 -14.91 -16.43
C VAL C 117 18.59 -14.05 -17.58
N ILE C 118 17.68 -13.66 -18.49
CA ILE C 118 18.06 -12.81 -19.61
C ILE C 118 18.58 -11.47 -19.12
N LEU C 119 17.96 -10.93 -18.06
CA LEU C 119 18.44 -9.69 -17.49
C LEU C 119 19.84 -9.84 -16.90
N LEU C 120 20.18 -11.04 -16.43
CA LEU C 120 21.54 -11.24 -15.93
C LEU C 120 22.55 -11.22 -17.07
N LEU C 121 22.26 -11.94 -18.16
CA LEU C 121 23.20 -12.02 -19.26
C LEU C 121 23.47 -10.65 -19.88
N THR C 122 22.41 -9.85 -20.08
CA THR C 122 22.59 -8.57 -20.74
C THR C 122 23.38 -7.59 -19.89
N VAL C 123 23.24 -7.65 -18.55
CA VAL C 123 24.06 -6.80 -17.69
C VAL C 123 25.53 -7.22 -17.80
N MET C 124 25.81 -8.52 -17.78
CA MET C 124 27.18 -8.98 -17.95
C MET C 124 27.74 -8.51 -19.27
N ALA C 125 26.96 -8.65 -20.35
CA ALA C 125 27.40 -8.17 -21.66
C ALA C 125 27.65 -6.66 -21.65
N THR C 126 26.87 -5.92 -20.87
CA THR C 126 27.06 -4.47 -20.76
C THR C 126 28.36 -4.16 -20.03
N ALA C 127 28.50 -4.64 -18.79
CA ALA C 127 29.69 -4.33 -18.01
C ALA C 127 30.95 -4.82 -18.70
N PHE C 128 30.85 -5.93 -19.45
CA PHE C 128 31.98 -6.37 -20.27
C PHE C 128 32.36 -5.29 -21.28
N MET C 129 31.40 -4.83 -22.07
CA MET C 129 31.69 -3.82 -23.09
C MET C 129 31.90 -2.42 -22.48
N GLY C 130 31.66 -2.25 -21.19
CA GLY C 130 32.02 -1.01 -20.53
C GLY C 130 33.47 -1.00 -20.09
N TYR C 131 33.94 -2.13 -19.56
CA TYR C 131 35.31 -2.23 -19.07
C TYR C 131 36.34 -2.15 -20.19
N VAL C 132 35.94 -2.41 -21.44
CA VAL C 132 36.87 -2.30 -22.56
C VAL C 132 37.16 -0.84 -22.87
N LEU C 133 36.20 0.04 -22.64
CA LEU C 133 36.28 1.41 -23.14
C LEU C 133 37.48 2.20 -22.63
N PRO C 134 37.87 2.15 -21.35
CA PRO C 134 39.07 2.91 -20.94
C PRO C 134 40.36 2.44 -21.61
N TRP C 135 40.38 1.21 -22.14
CA TRP C 135 41.45 0.78 -23.02
C TRP C 135 42.78 0.64 -22.28
N GLY C 136 42.72 0.17 -21.03
CA GLY C 136 43.91 -0.21 -20.29
C GLY C 136 44.34 -1.63 -20.64
N GLN C 137 45.37 -2.09 -19.93
CA GLN C 137 45.89 -3.43 -20.19
C GLN C 137 44.85 -4.50 -19.89
N MET C 138 44.27 -4.46 -18.69
CA MET C 138 43.23 -5.44 -18.33
C MET C 138 42.06 -5.35 -19.29
N SER C 139 41.69 -4.13 -19.71
CA SER C 139 40.62 -3.95 -20.67
C SER C 139 40.91 -4.72 -21.97
N PHE C 140 42.14 -4.61 -22.47
CA PHE C 140 42.48 -5.17 -23.78
C PHE C 140 42.55 -6.69 -23.74
N TRP C 141 43.31 -7.24 -22.78
CA TRP C 141 43.52 -8.68 -22.76
C TRP C 141 42.34 -9.42 -22.15
N GLY C 142 41.65 -8.80 -21.20
CA GLY C 142 40.36 -9.33 -20.79
C GLY C 142 39.39 -9.38 -21.95
N ALA C 143 39.42 -8.37 -22.82
CA ALA C 143 38.62 -8.40 -24.03
C ALA C 143 39.10 -9.48 -25.00
N THR C 144 40.39 -9.81 -24.96
CA THR C 144 40.93 -10.82 -25.88
C THR C 144 40.52 -12.22 -25.45
N VAL C 145 40.64 -12.52 -24.15
CA VAL C 145 40.27 -13.85 -23.65
C VAL C 145 38.80 -14.13 -23.92
N ILE C 146 37.93 -13.14 -23.68
CA ILE C 146 36.49 -13.36 -23.78
C ILE C 146 36.09 -13.61 -25.23
N THR C 147 36.46 -12.70 -26.13
CA THR C 147 36.02 -12.81 -27.52
C THR C 147 36.51 -14.09 -28.17
N ASN C 148 37.66 -14.61 -27.74
CA ASN C 148 38.16 -15.87 -28.29
C ASN C 148 37.39 -17.09 -27.79
N LEU C 149 36.49 -16.93 -26.82
CA LEU C 149 35.63 -18.04 -26.43
C LEU C 149 34.80 -18.55 -27.61
N LEU C 150 34.44 -17.66 -28.54
CA LEU C 150 33.65 -18.06 -29.70
C LEU C 150 34.47 -18.87 -30.70
N SER C 151 35.80 -18.78 -30.67
CA SER C 151 36.62 -19.60 -31.54
C SER C 151 36.51 -21.08 -31.23
N ALA C 152 35.96 -21.44 -30.06
CA ALA C 152 35.80 -22.83 -29.67
C ALA C 152 34.61 -23.50 -30.36
N ILE C 153 33.65 -22.72 -30.85
CA ILE C 153 32.52 -23.30 -31.58
C ILE C 153 33.06 -24.04 -32.81
N PRO C 154 32.69 -25.30 -33.04
CA PRO C 154 33.25 -25.99 -34.21
C PRO C 154 32.77 -25.38 -35.51
N TYR C 155 33.65 -25.46 -36.53
CA TYR C 155 33.34 -25.08 -37.90
C TYR C 155 33.23 -23.57 -38.09
N ILE C 156 32.32 -22.92 -37.36
CA ILE C 156 32.05 -21.50 -37.55
C ILE C 156 32.72 -20.60 -36.52
N GLY C 157 33.54 -21.16 -35.64
CA GLY C 157 34.17 -20.40 -34.58
C GLY C 157 34.95 -19.18 -35.04
N THR C 158 36.02 -19.40 -35.80
CA THR C 158 36.90 -18.30 -36.20
C THR C 158 36.15 -17.22 -36.97
N ASN C 159 35.18 -17.61 -37.80
CA ASN C 159 34.43 -16.64 -38.58
C ASN C 159 33.66 -15.68 -37.69
N LEU C 160 33.04 -16.19 -36.63
CA LEU C 160 32.28 -15.33 -35.72
C LEU C 160 33.19 -14.39 -34.95
N VAL C 161 34.39 -14.86 -34.59
CA VAL C 161 35.32 -14.00 -33.84
C VAL C 161 35.80 -12.86 -34.72
N GLU C 162 36.36 -13.18 -35.90
CA GLU C 162 36.85 -12.14 -36.79
C GLU C 162 35.73 -11.25 -37.29
N TRP C 163 34.49 -11.77 -37.35
CA TRP C 163 33.35 -10.94 -37.72
C TRP C 163 32.96 -10.01 -36.59
N ILE C 164 33.03 -10.49 -35.35
CA ILE C 164 32.85 -9.61 -34.20
C ILE C 164 33.96 -8.58 -34.15
N TRP C 165 35.20 -9.00 -34.42
CA TRP C 165 36.34 -8.12 -34.25
C TRP C 165 36.34 -7.00 -35.28
N GLY C 166 35.90 -7.29 -36.50
CA GLY C 166 36.13 -6.36 -37.58
C GLY C 166 37.58 -6.31 -38.00
N GLY C 167 38.34 -7.37 -37.74
CA GLY C 167 39.74 -7.46 -38.09
C GLY C 167 40.29 -8.83 -37.78
N PHE C 168 41.55 -8.91 -37.39
CA PHE C 168 42.19 -10.15 -36.97
C PHE C 168 42.57 -10.14 -35.49
N SER C 169 42.15 -9.12 -34.75
CA SER C 169 42.36 -9.02 -33.32
C SER C 169 41.59 -7.80 -32.83
N VAL C 170 41.40 -7.73 -31.51
CA VAL C 170 40.68 -6.60 -30.92
C VAL C 170 41.50 -5.33 -31.12
N ASP C 171 40.91 -4.37 -31.84
CA ASP C 171 41.64 -3.17 -32.24
C ASP C 171 40.69 -1.97 -32.32
N LYS C 172 41.00 -0.98 -33.17
CA LYS C 172 40.18 0.23 -33.25
C LYS C 172 38.73 -0.08 -33.57
N ALA C 173 38.49 -1.03 -34.48
CA ALA C 173 37.13 -1.32 -34.92
C ALA C 173 36.28 -1.90 -33.80
N THR C 174 36.89 -2.66 -32.88
CA THR C 174 36.12 -3.24 -31.77
C THR C 174 35.78 -2.19 -30.74
N LEU C 175 36.75 -1.34 -30.39
CA LEU C 175 36.51 -0.32 -29.37
C LEU C 175 35.37 0.60 -29.77
N THR C 176 35.22 0.87 -31.07
CA THR C 176 34.16 1.77 -31.51
C THR C 176 32.79 1.11 -31.39
N ARG C 177 32.66 -0.13 -31.87
CA ARG C 177 31.37 -0.81 -31.81
C ARG C 177 31.02 -1.20 -30.38
N PHE C 178 32.01 -1.59 -29.59
CA PHE C 178 31.75 -1.91 -28.19
C PHE C 178 31.21 -0.69 -27.44
N PHE C 179 31.71 0.50 -27.76
CA PHE C 179 31.16 1.71 -27.17
C PHE C 179 29.71 1.92 -27.62
N ALA C 180 29.42 1.66 -28.89
CA ALA C 180 28.05 1.77 -29.37
C ALA C 180 27.14 0.76 -28.69
N PHE C 181 27.62 -0.48 -28.51
CA PHE C 181 26.83 -1.48 -27.83
C PHE C 181 26.65 -1.14 -26.35
N HIS C 182 27.72 -0.65 -25.71
CA HIS C 182 27.62 -0.30 -24.29
C HIS C 182 26.64 0.84 -24.06
N PHE C 183 26.48 1.71 -25.06
CA PHE C 183 25.55 2.83 -24.94
C PHE C 183 24.11 2.35 -25.03
N ILE C 184 23.81 1.45 -25.96
CA ILE C 184 22.43 1.11 -26.28
C ILE C 184 21.86 0.00 -25.39
N LEU C 185 22.71 -0.90 -24.92
CA LEU C 185 22.21 -2.05 -24.15
C LEU C 185 21.50 -1.65 -22.87
N PRO C 186 21.98 -0.69 -22.07
CA PRO C 186 21.27 -0.35 -20.83
C PRO C 186 19.85 0.16 -21.04
N PHE C 187 19.50 0.61 -22.25
CA PHE C 187 18.11 0.96 -22.52
C PHE C 187 17.28 -0.27 -22.83
N ILE C 188 17.84 -1.23 -23.58
CA ILE C 188 17.20 -2.53 -23.75
C ILE C 188 16.93 -3.17 -22.40
N ILE C 189 17.91 -3.10 -21.50
CA ILE C 189 17.75 -3.64 -20.16
C ILE C 189 16.52 -3.03 -19.49
N MET C 190 16.39 -1.70 -19.54
CA MET C 190 15.27 -1.05 -18.91
C MET C 190 13.95 -1.51 -19.50
N ALA C 191 13.91 -1.76 -20.82
CA ALA C 191 12.71 -2.29 -21.45
C ALA C 191 12.37 -3.68 -20.92
N ILE C 192 13.37 -4.55 -20.80
CA ILE C 192 13.12 -5.90 -20.31
C ILE C 192 12.80 -5.88 -18.82
N ALA C 193 13.42 -4.97 -18.07
CA ALA C 193 13.05 -4.82 -16.67
C ALA C 193 11.58 -4.42 -16.52
N MET C 194 11.03 -3.70 -17.51
CA MET C 194 9.61 -3.37 -17.45
C MET C 194 8.75 -4.61 -17.72
N VAL C 195 9.21 -5.50 -18.61
CA VAL C 195 8.52 -6.77 -18.81
C VAL C 195 8.73 -7.67 -17.59
N HIS C 196 9.88 -7.55 -16.91
CA HIS C 196 10.08 -8.23 -15.63
C HIS C 196 8.94 -7.93 -14.66
N LEU C 197 8.62 -6.64 -14.51
CA LEU C 197 7.56 -6.24 -13.58
C LEU C 197 6.19 -6.65 -14.09
N LEU C 198 5.96 -6.54 -15.40
CA LEU C 198 4.67 -6.87 -15.97
C LEU C 198 4.26 -8.30 -15.63
N PHE C 199 5.16 -9.26 -15.87
CA PHE C 199 4.88 -10.64 -15.49
C PHE C 199 4.80 -10.80 -13.98
N LEU C 200 5.60 -10.05 -13.23
CA LEU C 200 5.56 -10.14 -11.78
C LEU C 200 4.17 -9.77 -11.25
N HIS C 201 3.66 -8.60 -11.67
CA HIS C 201 2.37 -8.14 -11.17
C HIS C 201 1.23 -9.07 -11.52
N GLU C 202 1.43 -9.95 -12.51
CA GLU C 202 0.45 -10.98 -12.82
C GLU C 202 0.11 -11.82 -11.58
N THR C 203 1.07 -12.00 -10.68
CA THR C 203 0.91 -12.85 -9.49
C THR C 203 1.12 -12.12 -8.17
N GLY C 204 1.96 -11.09 -8.15
CA GLY C 204 2.38 -10.50 -6.89
C GLY C 204 3.61 -11.18 -6.34
N SER C 205 4.10 -10.62 -5.24
CA SER C 205 5.34 -11.10 -4.67
C SER C 205 5.15 -12.37 -3.86
N ASN C 206 6.20 -13.21 -3.88
CA ASN C 206 6.39 -14.26 -2.89
C ASN C 206 6.80 -13.60 -1.57
N ASN C 207 7.03 -14.40 -0.53
CA ASN C 207 7.37 -13.89 0.78
C ASN C 207 8.17 -14.94 1.52
N PRO C 208 8.84 -14.58 2.64
CA PRO C 208 9.77 -15.50 3.31
C PRO C 208 9.26 -16.90 3.61
N THR C 209 7.93 -17.09 3.67
CA THR C 209 7.37 -18.36 4.10
C THR C 209 7.07 -19.30 2.94
N GLY C 210 6.95 -18.79 1.72
CA GLY C 210 6.50 -19.59 0.61
C GLY C 210 5.01 -19.88 0.60
N ILE C 211 4.24 -19.28 1.52
CA ILE C 211 2.80 -19.50 1.63
C ILE C 211 2.11 -18.27 1.09
N SER C 212 0.98 -18.49 0.42
CA SER C 212 0.19 -17.40 -0.16
C SER C 212 -0.13 -16.36 0.89
N SER C 213 0.07 -15.09 0.53
CA SER C 213 -0.17 -13.96 1.42
C SER C 213 -1.46 -13.23 1.10
N ASP C 214 -2.37 -13.86 0.34
CA ASP C 214 -3.64 -13.22 -0.01
C ASP C 214 -4.46 -12.87 1.22
N VAL C 215 -4.35 -13.68 2.29
CA VAL C 215 -5.11 -13.40 3.50
C VAL C 215 -4.62 -12.18 4.25
N ASP C 216 -3.45 -11.62 3.89
CA ASP C 216 -2.87 -10.53 4.68
C ASP C 216 -1.93 -9.71 3.78
N LYS C 217 -2.52 -8.80 3.01
CA LYS C 217 -1.78 -7.90 2.14
C LYS C 217 -1.89 -6.47 2.68
N ILE C 218 -0.86 -5.67 2.37
CA ILE C 218 -0.86 -4.24 2.69
C ILE C 218 -0.56 -3.48 1.41
N PRO C 219 -1.00 -2.23 1.26
CA PRO C 219 -0.66 -1.47 0.06
C PRO C 219 0.83 -1.17 0.02
N PHE C 220 1.37 -1.12 -1.21
CA PHE C 220 2.79 -0.83 -1.37
C PHE C 220 3.15 0.51 -0.75
N HIS C 221 2.31 1.56 -1.00
CA HIS C 221 2.46 2.86 -0.36
C HIS C 221 1.60 2.91 0.91
N PRO C 222 2.08 3.47 2.03
CA PRO C 222 3.39 4.06 2.30
C PRO C 222 4.43 3.06 2.82
N TYR C 223 4.06 1.79 2.92
CA TYR C 223 4.85 0.85 3.70
C TYR C 223 6.15 0.47 3.01
N TYR C 224 6.09 0.12 1.72
CA TYR C 224 7.27 -0.29 0.99
C TYR C 224 7.89 0.83 0.17
N THR C 225 7.19 1.94 -0.04
CA THR C 225 7.85 3.13 -0.56
C THR C 225 8.91 3.64 0.41
N ILE C 226 8.59 3.63 1.71
CA ILE C 226 9.56 4.15 2.68
C ILE C 226 10.67 3.14 2.92
N LYS C 227 10.36 1.84 2.93
CA LYS C 227 11.41 0.85 3.11
C LYS C 227 12.34 0.82 1.91
N ASP C 228 11.81 1.08 0.71
CA ASP C 228 12.66 1.16 -0.47
C ASP C 228 13.52 2.42 -0.45
N ILE C 229 13.01 3.51 0.13
CA ILE C 229 13.83 4.70 0.32
C ILE C 229 14.98 4.40 1.27
N LEU C 230 14.64 3.88 2.46
CA LEU C 230 15.67 3.53 3.45
C LEU C 230 16.72 2.60 2.85
N GLY C 231 16.28 1.60 2.11
CA GLY C 231 17.23 0.71 1.45
C GLY C 231 18.11 1.44 0.46
N ALA C 232 17.50 2.34 -0.33
CA ALA C 232 18.29 3.10 -1.30
C ALA C 232 19.31 3.99 -0.60
N LEU C 233 18.94 4.55 0.55
CA LEU C 233 19.88 5.38 1.31
C LEU C 233 21.06 4.55 1.81
N LEU C 234 20.82 3.28 2.13
CA LEU C 234 21.93 2.37 2.42
C LEU C 234 22.67 1.95 1.15
N LEU C 235 22.01 2.00 0.00
CA LEU C 235 22.70 1.75 -1.26
C LEU C 235 23.64 2.89 -1.61
N ILE C 236 23.18 4.13 -1.40
CA ILE C 236 24.05 5.29 -1.63
C ILE C 236 25.24 5.22 -0.68
N LEU C 237 25.00 4.82 0.57
CA LEU C 237 26.09 4.71 1.54
C LEU C 237 27.17 3.75 1.04
N ALA C 238 26.76 2.56 0.61
CA ALA C 238 27.71 1.59 0.09
C ALA C 238 28.48 2.16 -1.10
N LEU C 239 27.79 2.81 -2.03
CA LEU C 239 28.46 3.38 -3.19
C LEU C 239 29.44 4.47 -2.76
N MET C 240 28.99 5.42 -1.94
CA MET C 240 29.84 6.57 -1.63
C MET C 240 31.04 6.19 -0.77
N LEU C 241 30.93 5.16 0.07
CA LEU C 241 32.11 4.68 0.78
C LEU C 241 33.16 4.20 -0.21
N LEU C 242 32.73 3.51 -1.27
CA LEU C 242 33.68 3.07 -2.29
C LEU C 242 34.20 4.24 -3.11
N VAL C 243 33.32 5.17 -3.50
CA VAL C 243 33.75 6.29 -4.34
C VAL C 243 34.73 7.18 -3.58
N LEU C 244 34.38 7.56 -2.35
CA LEU C 244 35.06 8.65 -1.66
C LEU C 244 36.15 8.18 -0.68
N PHE C 245 36.30 6.88 -0.47
CA PHE C 245 37.31 6.37 0.45
C PHE C 245 38.11 5.19 -0.09
N ALA C 246 37.69 4.56 -1.17
CA ALA C 246 38.40 3.41 -1.71
C ALA C 246 38.02 3.18 -3.18
N PRO C 247 38.35 4.12 -4.07
CA PRO C 247 37.91 3.96 -5.47
C PRO C 247 38.64 2.88 -6.24
N ASP C 248 39.89 2.59 -5.90
CA ASP C 248 40.69 1.60 -6.62
C ASP C 248 40.83 0.28 -5.86
N LEU C 249 39.90 0.00 -4.95
CA LEU C 249 39.95 -1.25 -4.21
C LEU C 249 39.57 -2.42 -5.09
N LEU C 250 38.50 -2.27 -5.87
CA LEU C 250 38.06 -3.31 -6.79
C LEU C 250 38.73 -3.21 -8.15
N GLY C 251 39.22 -2.03 -8.53
CA GLY C 251 39.91 -1.90 -9.80
C GLY C 251 41.32 -2.44 -9.73
N ASP C 252 41.77 -3.02 -10.88
CA ASP C 252 43.11 -3.58 -10.94
C ASP C 252 44.12 -2.49 -11.32
N PRO C 253 45.33 -2.50 -10.75
CA PRO C 253 46.30 -1.44 -11.15
C PRO C 253 46.70 -1.50 -12.61
N ASP C 254 46.80 -2.70 -13.19
CA ASP C 254 47.27 -2.84 -14.57
C ASP C 254 46.43 -2.06 -15.56
N ASN C 255 45.17 -1.76 -15.25
CA ASN C 255 44.33 -1.01 -16.17
C ASN C 255 44.74 0.46 -16.27
N TYR C 256 45.66 0.92 -15.44
CA TYR C 256 46.16 2.30 -15.49
C TYR C 256 47.39 2.45 -16.40
N THR C 257 47.69 1.44 -17.22
CA THR C 257 48.72 1.53 -18.26
C THR C 257 48.05 1.30 -19.62
N PRO C 258 48.26 2.17 -20.62
CA PRO C 258 47.55 2.00 -21.89
C PRO C 258 47.73 0.61 -22.48
N ALA C 259 46.72 0.19 -23.24
CA ALA C 259 46.70 -1.15 -23.79
C ALA C 259 47.91 -1.38 -24.70
N ASN C 260 48.50 -2.56 -24.58
CA ASN C 260 49.66 -2.97 -25.36
C ASN C 260 49.34 -4.28 -26.05
N PRO C 261 49.14 -4.31 -27.37
CA PRO C 261 48.76 -5.57 -28.03
C PRO C 261 49.89 -6.57 -28.22
N LEU C 262 51.04 -6.39 -27.57
CA LEU C 262 52.21 -7.21 -27.81
C LEU C 262 52.65 -8.08 -26.64
N ASN C 263 52.35 -7.70 -25.40
CA ASN C 263 52.63 -8.56 -24.25
C ASN C 263 51.53 -8.43 -23.21
N THR C 264 51.30 -9.53 -22.50
CA THR C 264 50.27 -9.62 -21.48
C THR C 264 50.87 -9.34 -20.11
N PRO C 265 50.04 -9.15 -19.08
CA PRO C 265 50.54 -9.20 -17.71
C PRO C 265 50.76 -10.64 -17.27
N PRO C 266 51.69 -10.88 -16.33
CA PRO C 266 51.94 -12.27 -15.92
C PRO C 266 50.72 -12.95 -15.30
N HIS C 267 49.79 -12.19 -14.73
CA HIS C 267 48.59 -12.77 -14.14
C HIS C 267 47.43 -11.79 -14.33
N ILE C 268 46.41 -12.24 -15.04
CA ILE C 268 45.21 -11.44 -15.33
C ILE C 268 44.07 -11.97 -14.47
N LYS C 269 43.25 -11.06 -13.95
CA LYS C 269 42.09 -11.43 -13.14
C LYS C 269 40.90 -10.54 -13.53
N PRO C 270 39.73 -11.11 -13.85
CA PRO C 270 38.54 -10.28 -14.06
C PRO C 270 38.17 -9.51 -12.80
N GLU C 271 37.20 -8.60 -12.97
CA GLU C 271 36.54 -8.00 -11.83
C GLU C 271 35.89 -9.10 -10.99
N TRP C 272 35.68 -8.77 -9.71
CA TRP C 272 35.24 -9.78 -8.73
C TRP C 272 33.95 -10.47 -9.18
N TYR C 273 33.06 -9.76 -9.86
CA TYR C 273 31.74 -10.30 -10.18
C TYR C 273 31.76 -11.32 -11.30
N PHE C 274 32.92 -11.61 -11.88
CA PHE C 274 33.06 -12.64 -12.90
C PHE C 274 34.08 -13.70 -12.50
N LEU C 275 34.69 -13.61 -11.32
CA LEU C 275 35.78 -14.52 -10.96
C LEU C 275 35.29 -15.94 -10.74
N PHE C 276 34.08 -16.12 -10.19
CA PHE C 276 33.57 -17.46 -9.97
C PHE C 276 33.44 -18.23 -11.28
N ALA C 277 33.09 -17.53 -12.36
CA ALA C 277 32.83 -18.18 -13.64
C ALA C 277 34.12 -18.41 -14.40
N TYR C 278 35.07 -17.48 -14.29
CA TYR C 278 36.40 -17.67 -14.84
C TYR C 278 37.06 -18.90 -14.24
N ALA C 279 36.83 -19.17 -12.95
CA ALA C 279 37.38 -20.36 -12.32
C ALA C 279 36.84 -21.62 -12.97
N ILE C 280 35.53 -21.67 -13.23
CA ILE C 280 34.93 -22.83 -13.88
C ILE C 280 35.55 -23.06 -15.25
N LEU C 281 35.79 -21.97 -15.99
CA LEU C 281 36.40 -22.08 -17.32
C LEU C 281 37.76 -22.77 -17.24
N ARG C 282 38.62 -22.31 -16.32
CA ARG C 282 39.98 -22.83 -16.22
C ARG C 282 40.04 -24.21 -15.58
N SER C 283 38.95 -24.71 -15.02
CA SER C 283 38.96 -26.01 -14.35
C SER C 283 39.02 -27.19 -15.31
N ILE C 284 38.98 -26.95 -16.62
CA ILE C 284 38.93 -28.00 -17.62
C ILE C 284 40.12 -27.82 -18.56
N PRO C 285 40.99 -28.86 -18.78
CA PRO C 285 42.06 -28.75 -19.77
C PRO C 285 41.59 -29.03 -21.20
N ASN C 286 40.52 -28.37 -21.61
CA ASN C 286 40.02 -28.49 -22.97
C ASN C 286 39.42 -27.15 -23.36
N LYS C 287 39.62 -26.77 -24.62
CA LYS C 287 39.11 -25.48 -25.09
C LYS C 287 37.59 -25.47 -25.12
N LEU C 288 36.98 -26.31 -25.95
CA LEU C 288 35.53 -26.32 -26.07
C LEU C 288 34.86 -26.76 -24.77
N GLY C 289 35.51 -27.66 -24.02
CA GLY C 289 34.95 -28.06 -22.75
C GLY C 289 34.87 -26.93 -21.75
N GLY C 290 35.96 -26.15 -21.63
CA GLY C 290 35.94 -25.02 -20.73
C GLY C 290 34.88 -24.00 -21.08
N VAL C 291 34.67 -23.76 -22.37
CA VAL C 291 33.69 -22.77 -22.80
C VAL C 291 32.28 -23.24 -22.48
N LEU C 292 31.98 -24.50 -22.76
CA LEU C 292 30.64 -25.02 -22.48
C LEU C 292 30.37 -25.04 -20.98
N ALA C 293 31.36 -25.45 -20.19
CA ALA C 293 31.21 -25.40 -18.74
C ALA C 293 31.01 -23.98 -18.24
N LEU C 294 31.51 -22.99 -18.98
CA LEU C 294 31.30 -21.60 -18.60
C LEU C 294 29.88 -21.16 -18.91
N ALA C 295 29.35 -21.56 -20.08
CA ALA C 295 28.00 -21.18 -20.44
C ALA C 295 26.98 -21.83 -19.51
N PHE C 296 27.10 -23.14 -19.29
CA PHE C 296 26.18 -23.83 -18.40
C PHE C 296 26.30 -23.34 -16.97
N SER C 297 27.42 -22.72 -16.60
CA SER C 297 27.57 -22.18 -15.25
C SER C 297 26.49 -21.15 -14.93
N ILE C 298 26.10 -20.35 -15.93
CA ILE C 298 25.08 -19.32 -15.77
C ILE C 298 23.73 -19.81 -16.27
N LEU C 299 23.69 -20.51 -17.40
CA LEU C 299 22.44 -21.05 -17.92
C LEU C 299 21.88 -22.18 -17.07
N ILE C 300 22.58 -22.57 -16.00
CA ILE C 300 22.01 -23.50 -15.03
C ILE C 300 20.78 -22.90 -14.37
N LEU C 301 20.72 -21.56 -14.26
CA LEU C 301 19.57 -20.93 -13.62
C LEU C 301 18.27 -21.21 -14.38
N ALA C 302 18.35 -21.33 -15.71
CA ALA C 302 17.15 -21.51 -16.51
C ALA C 302 16.43 -22.82 -16.18
N LEU C 303 17.16 -23.81 -15.67
CA LEU C 303 16.57 -25.12 -15.37
C LEU C 303 16.52 -25.42 -13.87
N ILE C 304 16.65 -24.40 -13.01
CA ILE C 304 16.31 -24.58 -11.60
C ILE C 304 14.85 -24.96 -11.42
N PRO C 305 13.88 -24.26 -12.03
CA PRO C 305 12.46 -24.63 -11.78
C PRO C 305 12.14 -26.08 -12.10
N LEU C 306 12.84 -26.69 -13.05
CA LEU C 306 12.63 -28.09 -13.37
C LEU C 306 13.20 -29.02 -12.31
N LEU C 307 14.02 -28.51 -11.39
CA LEU C 307 14.66 -29.31 -10.37
C LEU C 307 14.01 -29.17 -9.00
N HIS C 308 12.86 -28.49 -8.91
CA HIS C 308 12.17 -28.33 -7.65
C HIS C 308 11.42 -29.62 -7.31
N THR C 309 11.79 -30.24 -6.19
CA THR C 309 11.18 -31.48 -5.74
C THR C 309 10.37 -31.34 -4.47
N SER C 310 10.59 -30.28 -3.70
CA SER C 310 9.93 -30.13 -2.41
C SER C 310 8.44 -29.81 -2.58
N LYS C 311 7.62 -30.36 -1.69
CA LYS C 311 6.22 -29.95 -1.62
C LYS C 311 6.04 -28.58 -0.98
N GLN C 312 7.10 -28.01 -0.40
CA GLN C 312 7.11 -26.66 0.12
C GLN C 312 7.93 -25.78 -0.83
N ARG C 313 7.63 -24.48 -0.79
CA ARG C 313 8.20 -23.55 -1.76
C ARG C 313 9.49 -22.91 -1.27
N SER C 314 9.45 -22.33 -0.06
CA SER C 314 10.61 -21.68 0.52
C SER C 314 11.43 -22.67 1.33
N MET C 315 12.70 -22.32 1.54
CA MET C 315 13.60 -23.11 2.38
C MET C 315 13.49 -22.75 3.85
N MET C 316 12.60 -21.83 4.21
CA MET C 316 12.48 -21.40 5.60
C MET C 316 12.16 -22.56 6.52
N PHE C 317 11.46 -23.58 6.02
CA PHE C 317 11.06 -24.75 6.81
C PHE C 317 11.75 -26.02 6.31
N ARG C 318 12.94 -25.89 5.73
CA ARG C 318 13.66 -27.02 5.13
C ARG C 318 15.13 -26.93 5.54
N PRO C 319 15.47 -27.39 6.76
CA PRO C 319 16.86 -27.27 7.23
C PRO C 319 17.87 -27.96 6.32
N LEU C 320 17.56 -29.15 5.81
CA LEU C 320 18.52 -29.88 4.99
C LEU C 320 18.80 -29.16 3.68
N SER C 321 17.83 -28.42 3.15
CA SER C 321 18.10 -27.59 1.96
C SER C 321 18.86 -26.32 2.32
N GLN C 322 18.63 -25.77 3.51
CA GLN C 322 19.37 -24.59 3.95
C GLN C 322 20.88 -24.86 3.92
N CYS C 323 21.30 -25.99 4.50
CA CYS C 323 22.73 -26.29 4.58
C CYS C 323 23.33 -26.45 3.18
N LEU C 324 22.64 -27.15 2.29
CA LEU C 324 23.13 -27.27 0.92
C LEU C 324 23.12 -25.93 0.20
N PHE C 325 22.20 -25.03 0.58
CA PHE C 325 22.18 -23.70 -0.02
C PHE C 325 23.42 -22.90 0.39
N TRP C 326 23.80 -22.98 1.66
CA TRP C 326 24.95 -22.21 2.13
C TRP C 326 26.28 -22.86 1.74
N ALA C 327 26.29 -24.18 1.55
CA ALA C 327 27.44 -24.81 0.93
C ALA C 327 27.62 -24.38 -0.51
N LEU C 328 26.57 -23.89 -1.16
CA LEU C 328 26.71 -23.35 -2.50
C LEU C 328 27.27 -21.94 -2.48
N VAL C 329 26.87 -21.14 -1.49
CA VAL C 329 27.43 -19.79 -1.37
C VAL C 329 28.91 -19.87 -1.05
N ALA C 330 29.27 -20.73 -0.08
CA ALA C 330 30.69 -20.94 0.23
C ALA C 330 31.43 -21.50 -0.98
N ASP C 331 30.81 -22.45 -1.68
CA ASP C 331 31.44 -23.01 -2.87
C ASP C 331 31.61 -21.95 -3.94
N LEU C 332 30.62 -21.08 -4.10
CA LEU C 332 30.75 -19.97 -5.04
C LEU C 332 31.78 -18.96 -4.56
N LEU C 333 31.83 -18.74 -3.24
CA LEU C 333 32.88 -17.89 -2.67
C LEU C 333 34.25 -18.53 -2.85
N THR C 334 34.33 -19.86 -2.86
CA THR C 334 35.58 -20.56 -3.16
C THR C 334 35.99 -20.33 -4.61
N LEU C 335 35.07 -20.55 -5.55
CA LEU C 335 35.39 -20.37 -6.97
C LEU C 335 35.81 -18.93 -7.26
N THR C 336 35.25 -17.97 -6.54
CA THR C 336 35.68 -16.58 -6.69
C THR C 336 37.15 -16.43 -6.27
N TRP C 337 37.55 -17.10 -5.19
CA TRP C 337 38.93 -17.01 -4.73
C TRP C 337 39.89 -17.62 -5.75
N ILE C 338 39.59 -18.84 -6.23
CA ILE C 338 40.43 -19.47 -7.26
C ILE C 338 40.54 -18.58 -8.48
N GLY C 339 39.42 -18.01 -8.93
CA GLY C 339 39.42 -17.19 -10.12
C GLY C 339 40.36 -16.00 -10.03
N GLY C 340 40.61 -15.52 -8.81
CA GLY C 340 41.54 -14.43 -8.58
C GLY C 340 42.97 -14.84 -8.34
N GLN C 341 43.30 -16.12 -8.54
CA GLN C 341 44.60 -16.69 -8.24
C GLN C 341 45.18 -17.34 -9.50
N PRO C 342 46.50 -17.45 -9.60
CA PRO C 342 47.11 -18.01 -10.82
C PRO C 342 46.98 -19.52 -10.90
N VAL C 343 46.84 -20.00 -12.13
CA VAL C 343 46.72 -21.43 -12.41
C VAL C 343 47.97 -22.16 -11.93
N GLU C 344 48.03 -22.45 -10.63
CA GLU C 344 49.19 -23.11 -10.04
C GLU C 344 48.74 -23.97 -8.88
N HIS C 345 49.60 -24.90 -8.49
CA HIS C 345 49.28 -25.83 -7.43
C HIS C 345 49.16 -25.10 -6.09
N PRO C 346 48.17 -25.44 -5.23
CA PRO C 346 47.06 -26.39 -5.34
C PRO C 346 45.76 -25.73 -5.82
N TYR C 347 45.84 -24.45 -6.17
CA TYR C 347 44.66 -23.72 -6.63
C TYR C 347 43.98 -24.41 -7.81
N ILE C 348 44.76 -25.14 -8.62
CA ILE C 348 44.19 -25.83 -9.77
C ILE C 348 43.21 -26.90 -9.30
N THR C 349 43.70 -27.84 -8.49
CA THR C 349 42.87 -28.95 -8.06
C THR C 349 41.72 -28.49 -7.18
N ILE C 350 41.95 -27.47 -6.33
CA ILE C 350 40.86 -26.88 -5.58
C ILE C 350 39.80 -26.34 -6.53
N GLY C 351 40.24 -25.63 -7.57
CA GLY C 351 39.30 -25.06 -8.51
C GLY C 351 38.42 -26.09 -9.19
N GLN C 352 38.94 -27.30 -9.36
CA GLN C 352 38.15 -28.37 -9.98
C GLN C 352 37.18 -28.99 -8.98
N LEU C 353 37.61 -29.18 -7.73
CA LEU C 353 36.70 -29.76 -6.73
C LEU C 353 35.55 -28.81 -6.44
N ALA C 354 35.85 -27.52 -6.24
CA ALA C 354 34.80 -26.54 -6.06
C ALA C 354 33.93 -26.42 -7.31
N SER C 355 34.50 -26.70 -8.49
CA SER C 355 33.74 -26.61 -9.73
C SER C 355 32.73 -27.75 -9.84
N VAL C 356 33.13 -28.98 -9.48
CA VAL C 356 32.19 -30.09 -9.45
C VAL C 356 31.13 -29.83 -8.38
N LEU C 357 31.56 -29.39 -7.20
CA LEU C 357 30.62 -29.16 -6.09
C LEU C 357 29.53 -28.18 -6.49
N TYR C 358 29.87 -27.18 -7.30
CA TYR C 358 28.88 -26.26 -7.81
C TYR C 358 27.80 -27.00 -8.58
N PHE C 359 28.19 -27.70 -9.66
CA PHE C 359 27.22 -28.40 -10.49
C PHE C 359 26.64 -29.60 -9.76
N LEU C 360 27.40 -30.19 -8.83
CA LEU C 360 26.88 -31.34 -8.09
C LEU C 360 25.74 -30.91 -7.17
N LEU C 361 25.88 -29.78 -6.50
CA LEU C 361 24.83 -29.30 -5.60
C LEU C 361 23.54 -29.04 -6.37
N ILE C 362 23.61 -28.22 -7.42
CA ILE C 362 22.41 -27.80 -8.13
C ILE C 362 21.71 -29.00 -8.76
N LEU C 363 22.47 -29.88 -9.41
CA LEU C 363 21.88 -30.92 -10.23
C LEU C 363 21.54 -32.20 -9.46
N VAL C 364 22.23 -32.49 -8.36
CA VAL C 364 22.05 -33.76 -7.64
C VAL C 364 21.63 -33.49 -6.21
N LEU C 365 22.51 -32.88 -5.41
CA LEU C 365 22.33 -32.90 -3.97
C LEU C 365 21.08 -32.15 -3.54
N MET C 366 20.78 -31.02 -4.18
CA MET C 366 19.63 -30.22 -3.74
C MET C 366 18.31 -30.83 -4.22
N PRO C 367 18.19 -31.30 -5.47
CA PRO C 367 16.97 -32.02 -5.85
C PRO C 367 16.65 -33.21 -4.96
N THR C 368 17.63 -34.09 -4.70
CA THR C 368 17.36 -35.24 -3.86
C THR C 368 17.17 -34.84 -2.40
N ALA C 369 17.81 -33.75 -1.96
CA ALA C 369 17.63 -33.29 -0.58
C ALA C 369 16.18 -32.87 -0.33
N GLY C 370 15.51 -32.35 -1.35
CA GLY C 370 14.10 -32.01 -1.21
C GLY C 370 13.20 -33.23 -1.17
N THR C 371 13.60 -34.30 -1.86
CA THR C 371 12.82 -35.53 -1.84
C THR C 371 12.91 -36.21 -0.48
N ILE C 372 14.08 -36.15 0.15
CA ILE C 372 14.23 -36.70 1.50
C ILE C 372 13.26 -36.02 2.46
N GLU C 373 13.38 -34.70 2.57
CA GLU C 373 12.60 -33.97 3.57
C GLU C 373 11.10 -34.05 3.29
N ASN C 374 10.69 -34.34 2.05
CA ASN C 374 9.29 -34.68 1.81
C ASN C 374 8.92 -35.98 2.51
N LYS C 375 9.80 -36.99 2.44
CA LYS C 375 9.50 -38.26 3.09
C LYS C 375 9.64 -38.16 4.61
N LEU C 376 10.50 -37.28 5.11
CA LEU C 376 10.56 -37.04 6.55
C LEU C 376 9.29 -36.40 7.07
N LEU C 377 8.56 -35.69 6.21
CA LEU C 377 7.29 -35.08 6.57
C LEU C 377 6.09 -35.90 6.10
N LYS C 378 6.32 -37.12 5.63
CA LYS C 378 5.26 -38.11 5.38
C LYS C 378 4.37 -37.74 4.20
N TRP C 379 4.90 -37.07 3.18
CA TRP C 379 4.10 -36.76 2.00
C TRP C 379 4.93 -36.71 0.73
N SER D 1 58.67 -15.28 -12.91
CA SER D 1 58.38 -16.51 -12.14
C SER D 1 59.35 -16.68 -10.97
N ASP D 2 59.85 -15.57 -10.46
CA ASP D 2 60.79 -15.58 -9.34
C ASP D 2 60.04 -15.44 -8.02
N LEU D 3 60.77 -15.56 -6.93
CA LEU D 3 60.25 -15.20 -5.62
C LEU D 3 59.99 -13.71 -5.54
N GLU D 4 58.98 -13.33 -4.73
CA GLU D 4 58.57 -11.95 -4.55
C GLU D 4 58.72 -11.58 -3.09
N LEU D 5 59.14 -10.34 -2.85
CA LEU D 5 59.09 -9.70 -1.53
C LEU D 5 58.26 -8.44 -1.68
N HIS D 6 57.14 -8.37 -0.97
CA HIS D 6 56.25 -7.22 -1.04
C HIS D 6 56.66 -6.13 -0.05
N PRO D 7 56.39 -4.87 -0.40
CA PRO D 7 56.81 -3.75 0.46
C PRO D 7 55.99 -3.63 1.72
N PRO D 8 56.62 -3.23 2.83
CA PRO D 8 55.84 -2.91 4.04
C PRO D 8 55.06 -1.61 3.84
N SER D 9 54.21 -1.31 4.83
CA SER D 9 53.37 -0.12 4.83
C SER D 9 54.03 0.98 5.67
N TYR D 10 54.49 2.03 4.98
CA TYR D 10 55.04 3.21 5.64
C TYR D 10 53.91 4.13 6.07
N PRO D 11 54.08 4.94 7.34
CA PRO D 11 52.98 5.79 7.85
C PRO D 11 52.95 7.18 7.20
N TRP D 12 52.68 7.19 5.90
CA TRP D 12 52.46 8.45 5.18
C TRP D 12 51.41 9.28 5.90
N SER D 13 51.57 10.61 5.82
CA SER D 13 50.67 11.49 6.54
C SER D 13 49.33 11.63 5.82
N HIS D 14 49.22 11.11 4.59
CA HIS D 14 47.99 11.02 3.84
C HIS D 14 47.40 9.60 3.81
N ARG D 15 47.92 8.70 4.64
CA ARG D 15 47.41 7.34 4.67
C ARG D 15 46.00 7.25 5.24
N GLY D 16 45.70 8.00 6.29
CA GLY D 16 44.40 7.85 6.93
C GLY D 16 43.25 8.22 6.01
N LEU D 17 42.06 7.76 6.39
CA LEU D 17 40.88 7.95 5.57
C LEU D 17 40.55 9.43 5.34
N LEU D 18 40.76 10.26 6.36
CA LEU D 18 40.44 11.69 6.29
C LEU D 18 41.69 12.57 6.17
N SER D 19 42.86 11.99 5.93
CA SER D 19 44.12 12.72 6.05
C SER D 19 44.55 13.26 4.69
N SER D 20 44.75 14.57 4.60
CA SER D 20 45.16 15.19 3.34
C SER D 20 46.64 14.94 3.09
N LEU D 21 47.04 15.18 1.84
CA LEU D 21 48.46 15.31 1.50
C LEU D 21 49.14 16.47 2.22
N ASP D 22 50.46 16.33 2.39
CA ASP D 22 51.33 17.40 2.89
C ASP D 22 51.85 18.17 1.67
N HIS D 23 51.36 19.39 1.48
CA HIS D 23 51.65 20.15 0.26
C HIS D 23 53.06 20.73 0.23
N THR D 24 53.73 20.89 1.38
CA THR D 24 55.13 21.27 1.34
C THR D 24 55.97 20.14 0.80
N SER D 25 55.61 18.89 1.13
CA SER D 25 56.35 17.74 0.62
C SER D 25 56.08 17.52 -0.87
N ILE D 26 54.85 17.78 -1.32
CA ILE D 26 54.56 17.85 -2.75
C ILE D 26 55.49 18.84 -3.44
N ARG D 27 55.54 20.07 -2.93
CA ARG D 27 56.40 21.11 -3.51
C ARG D 27 57.84 20.61 -3.65
N ARG D 28 58.36 20.01 -2.60
CA ARG D 28 59.71 19.45 -2.66
C ARG D 28 59.77 18.31 -3.67
N GLY D 29 58.71 17.50 -3.73
CA GLY D 29 58.68 16.37 -4.65
C GLY D 29 58.69 16.76 -6.11
N PHE D 30 58.04 17.88 -6.46
CA PHE D 30 58.11 18.38 -7.83
C PHE D 30 59.54 18.74 -8.19
N GLN D 31 60.28 19.31 -7.22
CA GLN D 31 61.65 19.70 -7.47
C GLN D 31 62.52 18.47 -7.76
N VAL D 32 62.21 17.35 -7.11
CA VAL D 32 62.93 16.10 -7.40
C VAL D 32 62.64 15.63 -8.82
N TYR D 33 61.36 15.60 -9.21
CA TYR D 33 61.01 15.17 -10.56
C TYR D 33 61.69 16.01 -11.63
N LYS D 34 61.62 17.35 -11.50
CA LYS D 34 62.20 18.23 -12.50
C LYS D 34 63.70 18.01 -12.66
N GLN D 35 64.44 18.06 -11.56
CA GLN D 35 65.90 18.05 -11.63
C GLN D 35 66.47 16.66 -11.92
N VAL D 36 65.87 15.60 -11.38
CA VAL D 36 66.43 14.26 -11.47
C VAL D 36 65.67 13.37 -12.46
N CYS D 37 64.35 13.25 -12.29
CA CYS D 37 63.62 12.22 -13.04
C CYS D 37 63.23 12.64 -14.46
N SER D 38 63.00 13.92 -14.70
CA SER D 38 62.37 14.32 -15.95
C SER D 38 63.24 14.07 -17.16
N SER D 39 64.55 13.83 -16.96
CA SER D 39 65.46 13.55 -18.06
C SER D 39 65.30 12.14 -18.62
N CYS D 40 64.70 11.22 -17.86
CA CYS D 40 64.38 9.87 -18.36
C CYS D 40 62.89 9.54 -18.38
N HIS D 41 62.08 10.15 -17.51
CA HIS D 41 60.68 9.79 -17.35
C HIS D 41 59.77 10.91 -17.83
N SER D 42 58.82 10.57 -18.69
CA SER D 42 57.78 11.52 -19.08
C SER D 42 56.69 11.61 -18.02
N MET D 43 55.84 12.66 -18.15
CA MET D 43 54.58 12.81 -17.40
C MET D 43 53.57 13.44 -18.37
N ASP D 44 53.04 12.62 -19.28
CA ASP D 44 52.33 13.17 -20.42
C ASP D 44 51.02 13.84 -20.04
N TYR D 45 50.50 13.60 -18.83
CA TYR D 45 49.17 14.06 -18.43
C TYR D 45 49.16 15.16 -17.37
N VAL D 46 50.31 15.74 -17.01
CA VAL D 46 50.35 16.85 -16.07
C VAL D 46 50.87 18.11 -16.77
N ALA D 47 50.19 19.23 -16.53
CA ALA D 47 50.50 20.53 -17.09
C ALA D 47 50.84 21.51 -15.98
N TYR D 48 51.55 22.58 -16.36
CA TYR D 48 52.05 23.54 -15.37
C TYR D 48 50.91 24.18 -14.59
N ARG D 49 49.79 24.44 -15.26
CA ARG D 49 48.61 25.03 -14.63
C ARG D 49 48.04 24.17 -13.50
N HIS D 50 48.20 22.85 -13.56
CA HIS D 50 47.75 22.02 -12.44
C HIS D 50 48.46 22.33 -11.14
N LEU D 51 49.65 22.93 -11.19
CA LEU D 51 50.38 23.28 -9.96
C LEU D 51 49.77 24.48 -9.25
N VAL D 52 49.02 25.32 -9.98
CA VAL D 52 48.58 26.60 -9.45
C VAL D 52 47.60 26.36 -8.30
N GLY D 53 47.85 27.00 -7.16
CA GLY D 53 47.00 26.86 -5.99
C GLY D 53 47.07 25.55 -5.22
N VAL D 54 47.99 24.66 -5.57
CA VAL D 54 48.27 23.45 -4.78
C VAL D 54 49.61 23.60 -4.05
N CYS D 55 50.69 23.87 -4.79
CA CYS D 55 52.01 24.03 -4.20
C CYS D 55 52.81 25.22 -4.73
N TYR D 56 52.33 25.94 -5.77
CA TYR D 56 52.98 27.15 -6.25
C TYR D 56 51.89 28.18 -6.55
N THR D 57 52.27 29.46 -6.45
CA THR D 57 51.38 30.51 -6.94
C THR D 57 51.33 30.52 -8.47
N GLU D 58 50.35 31.25 -9.00
CA GLU D 58 50.26 31.43 -10.45
C GLU D 58 51.53 32.07 -11.02
N ASP D 59 52.02 33.12 -10.37
CA ASP D 59 53.27 33.75 -10.82
C ASP D 59 54.45 32.80 -10.73
N GLU D 60 54.57 32.05 -9.63
CA GLU D 60 55.62 31.04 -9.51
C GLU D 60 55.52 29.98 -10.60
N ALA D 61 54.32 29.45 -10.83
CA ALA D 61 54.15 28.40 -11.84
C ALA D 61 54.36 28.92 -13.26
N LYS D 62 54.02 30.17 -13.52
CA LYS D 62 54.31 30.78 -14.81
C LYS D 62 55.81 30.89 -15.03
N ALA D 63 56.53 31.44 -14.04
CA ALA D 63 57.99 31.50 -14.11
C ALA D 63 58.60 30.12 -14.32
N LEU D 64 58.03 29.09 -13.68
CA LEU D 64 58.51 27.72 -13.87
C LEU D 64 58.30 27.22 -15.30
N ALA D 65 57.13 27.50 -15.89
CA ALA D 65 56.90 27.08 -17.28
C ALA D 65 57.85 27.72 -18.28
N GLU D 66 58.25 28.96 -18.05
CA GLU D 66 59.11 29.69 -18.98
C GLU D 66 60.58 29.27 -18.89
N GLU D 67 60.93 28.41 -17.93
CA GLU D 67 62.30 27.94 -17.76
C GLU D 67 62.69 26.87 -18.77
N VAL D 68 61.74 26.40 -19.58
CA VAL D 68 61.97 25.39 -20.61
C VAL D 68 61.45 25.96 -21.92
N GLU D 69 61.94 25.40 -23.03
CA GLU D 69 61.49 25.81 -24.35
C GLU D 69 60.68 24.67 -24.95
N VAL D 70 59.55 25.02 -25.58
CA VAL D 70 58.64 24.06 -26.20
C VAL D 70 58.34 24.49 -27.64
N GLN D 71 57.93 23.50 -28.44
CA GLN D 71 57.64 23.72 -29.84
C GLN D 71 56.22 24.28 -30.01
N ASP D 72 56.07 25.18 -30.97
CA ASP D 72 54.77 25.75 -31.30
C ASP D 72 54.75 26.01 -32.80
N GLY D 73 53.59 26.44 -33.31
CA GLY D 73 53.43 26.74 -34.72
C GLY D 73 52.32 25.94 -35.36
N PRO D 74 52.18 26.03 -36.70
CA PRO D 74 52.99 26.78 -37.67
C PRO D 74 52.83 28.31 -37.55
N ASN D 75 53.84 29.08 -37.97
CA ASN D 75 53.69 30.51 -38.19
C ASN D 75 53.13 30.77 -39.59
N GLU D 76 53.19 32.02 -40.04
CA GLU D 76 52.60 32.36 -41.34
C GLU D 76 53.41 31.83 -42.52
N ASP D 77 54.63 31.36 -42.28
CA ASP D 77 55.48 30.81 -43.34
C ASP D 77 55.41 29.28 -43.39
N GLY D 78 54.66 28.65 -42.49
CA GLY D 78 54.55 27.21 -42.43
C GLY D 78 55.64 26.49 -41.68
N GLU D 79 56.47 27.20 -40.92
CA GLU D 79 57.59 26.58 -40.20
C GLU D 79 57.24 26.38 -38.73
N MET D 80 57.70 25.27 -38.16
CA MET D 80 57.65 25.11 -36.71
C MET D 80 58.82 25.83 -36.06
N PHE D 81 58.63 26.22 -34.80
CA PHE D 81 59.62 26.98 -34.05
C PHE D 81 59.45 26.73 -32.55
N MET D 82 60.40 27.26 -31.77
CA MET D 82 60.44 27.07 -30.32
C MET D 82 60.12 28.38 -29.59
N ARG D 83 59.35 28.31 -28.50
CA ARG D 83 59.11 29.43 -27.61
C ARG D 83 59.12 28.90 -26.18
N PRO D 84 59.25 29.78 -25.19
CA PRO D 84 59.12 29.33 -23.79
C PRO D 84 57.75 28.79 -23.46
N GLY D 85 57.73 27.84 -22.52
CA GLY D 85 56.50 27.26 -22.05
C GLY D 85 55.57 28.27 -21.40
N LYS D 86 54.27 27.97 -21.46
CA LYS D 86 53.25 28.67 -20.69
C LYS D 86 52.48 27.67 -19.85
N LEU D 87 51.60 28.22 -19.00
CA LEU D 87 50.86 27.41 -18.02
C LEU D 87 50.08 26.28 -18.69
N SER D 88 49.64 26.46 -19.92
CA SER D 88 48.82 25.48 -20.62
C SER D 88 49.61 24.31 -21.21
N ASP D 89 50.93 24.40 -21.25
CA ASP D 89 51.75 23.31 -21.78
C ASP D 89 51.87 22.15 -20.82
N TYR D 90 51.82 20.94 -21.37
CA TYR D 90 52.15 19.76 -20.58
C TYR D 90 53.67 19.68 -20.38
N PHE D 91 54.06 18.99 -19.32
CA PHE D 91 55.48 18.82 -19.03
C PHE D 91 56.22 18.23 -20.24
N PRO D 92 57.36 18.81 -20.65
CA PRO D 92 58.08 18.30 -21.83
C PRO D 92 58.40 16.82 -21.72
N LYS D 93 58.17 16.13 -22.81
CA LYS D 93 58.59 14.74 -22.89
C LYS D 93 60.11 14.68 -23.10
N PRO D 94 60.82 13.77 -22.42
CA PRO D 94 62.27 13.68 -22.69
C PRO D 94 62.63 13.03 -24.02
N TYR D 95 61.78 12.17 -24.56
CA TYR D 95 62.02 11.54 -25.85
C TYR D 95 60.80 11.69 -26.75
N PRO D 96 61.01 11.78 -28.07
CA PRO D 96 59.83 11.88 -28.97
C PRO D 96 58.97 10.62 -28.97
N ASN D 97 59.55 9.45 -28.73
CA ASN D 97 58.81 8.20 -28.77
C ASN D 97 59.58 7.15 -27.96
N PRO D 98 58.95 6.03 -27.62
CA PRO D 98 59.65 5.01 -26.81
C PRO D 98 60.84 4.35 -27.47
N GLU D 99 60.90 4.29 -28.81
CA GLU D 99 62.04 3.65 -29.45
C GLU D 99 63.33 4.41 -29.18
N ALA D 100 63.28 5.74 -29.23
CA ALA D 100 64.43 6.54 -28.85
C ALA D 100 64.77 6.31 -27.38
N ALA D 101 63.76 6.14 -26.54
CA ALA D 101 63.97 5.95 -25.11
C ALA D 101 64.74 4.66 -24.82
N ARG D 102 64.34 3.54 -25.44
CA ARG D 102 65.11 2.31 -25.24
C ARG D 102 66.56 2.49 -25.68
N ALA D 103 66.78 3.19 -26.80
CA ALA D 103 68.14 3.34 -27.28
C ALA D 103 68.98 4.19 -26.33
N ALA D 104 68.36 5.15 -25.65
CA ALA D 104 69.07 6.00 -24.69
C ALA D 104 69.20 5.39 -23.30
N ASN D 105 68.53 4.26 -23.02
CA ASN D 105 68.53 3.66 -21.69
C ASN D 105 68.83 2.16 -21.77
N ASN D 106 69.87 1.81 -22.54
CA ASN D 106 70.31 0.42 -22.70
C ASN D 106 69.16 -0.55 -23.01
N GLY D 107 68.17 -0.09 -23.77
CA GLY D 107 67.10 -0.96 -24.23
C GLY D 107 65.86 -0.96 -23.37
N ALA D 108 65.90 -0.38 -22.17
CA ALA D 108 64.76 -0.32 -21.26
C ALA D 108 63.97 0.97 -21.46
N LEU D 109 62.68 0.91 -21.10
CA LEU D 109 61.76 2.02 -21.32
C LEU D 109 61.35 2.63 -19.99
N PRO D 110 61.80 3.82 -19.61
CA PRO D 110 61.26 4.42 -18.41
C PRO D 110 59.80 4.75 -18.64
N PRO D 111 58.87 4.22 -17.85
CA PRO D 111 57.45 4.50 -18.13
C PRO D 111 57.11 5.94 -17.77
N ASP D 112 56.03 6.41 -18.39
CA ASP D 112 55.41 7.65 -17.93
C ASP D 112 55.05 7.52 -16.45
N LEU D 113 55.24 8.60 -15.71
CA LEU D 113 55.03 8.60 -14.26
C LEU D 113 53.72 9.25 -13.82
N SER D 114 52.88 9.72 -14.75
CA SER D 114 51.65 10.42 -14.36
C SER D 114 50.81 9.55 -13.43
N TYR D 115 50.81 8.23 -13.66
CA TYR D 115 49.92 7.30 -12.97
C TYR D 115 50.68 6.17 -12.28
N ILE D 116 51.99 6.34 -12.07
CA ILE D 116 52.84 5.21 -11.70
C ILE D 116 52.39 4.60 -10.36
N VAL D 117 51.93 5.45 -9.44
CA VAL D 117 51.52 4.97 -8.13
C VAL D 117 50.28 4.08 -8.24
N ARG D 118 49.43 4.35 -9.23
CA ARG D 118 48.20 3.58 -9.37
C ARG D 118 48.34 2.36 -10.26
N ALA D 119 49.40 2.27 -11.07
CA ALA D 119 49.55 1.15 -12.00
C ALA D 119 50.41 0.01 -11.44
N ARG D 120 50.83 0.11 -10.19
CA ARG D 120 51.64 -0.91 -9.50
C ARG D 120 51.08 -1.12 -8.10
N HIS D 121 50.89 -2.38 -7.75
CA HIS D 121 50.48 -2.78 -6.40
C HIS D 121 51.44 -2.23 -5.36
N GLY D 122 50.87 -1.60 -4.33
CA GLY D 122 51.65 -1.01 -3.25
C GLY D 122 51.91 0.47 -3.38
N GLY D 123 51.61 1.08 -4.53
CA GLY D 123 51.70 2.52 -4.67
C GLY D 123 53.00 3.13 -4.18
N GLU D 124 52.92 4.21 -3.40
CA GLU D 124 54.13 4.83 -2.87
C GLU D 124 54.92 3.91 -1.95
N ASP D 125 54.26 2.97 -1.27
CA ASP D 125 55.00 1.97 -0.50
C ASP D 125 55.95 1.21 -1.41
N TYR D 126 55.49 0.82 -2.60
CA TYR D 126 56.37 0.12 -3.53
C TYR D 126 57.49 1.05 -4.02
N VAL D 127 57.12 2.26 -4.47
CA VAL D 127 58.12 3.16 -5.03
C VAL D 127 59.14 3.57 -3.98
N PHE D 128 58.67 3.89 -2.76
CA PHE D 128 59.59 4.28 -1.71
C PHE D 128 60.56 3.15 -1.41
N SER D 129 60.04 1.93 -1.32
CA SER D 129 60.87 0.78 -0.99
C SER D 129 61.83 0.46 -2.13
N LEU D 130 61.41 0.68 -3.38
CA LEU D 130 62.26 0.41 -4.54
C LEU D 130 63.45 1.37 -4.57
N LEU D 131 63.19 2.67 -4.46
CA LEU D 131 64.24 3.67 -4.61
C LEU D 131 65.29 3.51 -3.53
N THR D 132 64.85 3.19 -2.32
CA THR D 132 65.70 3.17 -1.14
C THR D 132 66.17 1.75 -0.81
N GLY D 133 65.91 0.80 -1.69
CA GLY D 133 66.08 -0.61 -1.39
C GLY D 133 67.17 -1.28 -2.19
N TYR D 134 68.00 -0.52 -2.91
CA TYR D 134 69.06 -1.12 -3.69
C TYR D 134 70.10 -1.74 -2.76
N CYS D 135 70.70 -2.83 -3.21
CA CYS D 135 71.74 -3.47 -2.42
C CYS D 135 72.55 -4.39 -3.31
N GLU D 136 73.66 -4.89 -2.76
CA GLU D 136 74.52 -5.77 -3.54
C GLU D 136 73.78 -7.07 -3.83
N PRO D 137 74.05 -7.71 -4.97
CA PRO D 137 73.39 -8.99 -5.26
C PRO D 137 73.72 -10.07 -4.24
N PRO D 138 72.78 -10.93 -3.89
CA PRO D 138 73.11 -12.09 -3.04
C PRO D 138 74.10 -13.01 -3.71
N THR D 139 74.76 -13.83 -2.91
CA THR D 139 75.62 -14.89 -3.44
C THR D 139 74.90 -15.76 -4.48
N GLY D 140 75.57 -15.97 -5.61
CA GLY D 140 75.09 -16.77 -6.73
C GLY D 140 74.27 -16.10 -7.82
N VAL D 141 73.86 -14.85 -7.66
CA VAL D 141 73.16 -14.11 -8.71
C VAL D 141 74.17 -13.19 -9.38
N SER D 142 74.34 -13.35 -10.70
CA SER D 142 75.26 -12.53 -11.49
C SER D 142 74.49 -11.90 -12.64
N LEU D 143 74.24 -10.60 -12.53
CA LEU D 143 73.46 -9.85 -13.50
C LEU D 143 74.32 -9.43 -14.67
N ARG D 144 73.74 -9.48 -15.86
CA ARG D 144 74.45 -9.03 -17.05
C ARG D 144 74.75 -7.55 -16.93
N GLU D 145 75.84 -7.12 -17.57
CA GLU D 145 76.16 -5.69 -17.62
C GLU D 145 74.96 -4.92 -18.15
N GLY D 146 74.78 -3.69 -17.64
CA GLY D 146 73.64 -2.87 -18.00
C GLY D 146 72.49 -2.91 -17.02
N LEU D 147 72.38 -3.99 -16.23
CA LEU D 147 71.28 -4.20 -15.31
C LEU D 147 71.74 -4.07 -13.87
N TYR D 148 70.81 -3.70 -12.99
CA TYR D 148 71.10 -3.40 -11.58
C TYR D 148 70.18 -4.21 -10.68
N PHE D 149 70.75 -4.75 -9.61
CA PHE D 149 70.00 -5.53 -8.63
C PHE D 149 69.11 -4.64 -7.77
N ASN D 150 67.82 -5.00 -7.69
CA ASN D 150 66.90 -4.33 -6.78
C ASN D 150 65.84 -5.32 -6.31
N PRO D 151 65.83 -5.73 -5.04
CA PRO D 151 65.02 -6.88 -4.64
C PRO D 151 63.51 -6.67 -4.72
N TYR D 152 63.03 -5.43 -4.76
CA TYR D 152 61.61 -5.15 -4.91
C TYR D 152 61.12 -5.17 -6.35
N PHE D 153 62.01 -5.14 -7.33
CA PHE D 153 61.58 -5.17 -8.71
C PHE D 153 61.31 -6.62 -9.13
N PRO D 154 60.24 -6.89 -9.89
CA PRO D 154 59.97 -8.29 -10.27
C PRO D 154 61.15 -8.84 -11.05
N GLY D 155 61.64 -10.00 -10.61
CA GLY D 155 62.81 -10.60 -11.21
C GLY D 155 64.10 -10.15 -10.58
N GLN D 156 64.06 -9.11 -9.74
CA GLN D 156 65.18 -8.52 -9.02
C GLN D 156 66.25 -7.89 -9.93
N ALA D 157 66.01 -7.81 -11.24
CA ALA D 157 66.96 -7.19 -12.17
C ALA D 157 66.28 -6.06 -12.94
N ILE D 158 66.69 -4.82 -12.65
CA ILE D 158 66.04 -3.63 -13.18
C ILE D 158 67.05 -2.87 -14.04
N GLY D 159 66.57 -2.28 -15.13
CA GLY D 159 67.42 -1.56 -16.05
C GLY D 159 67.65 -0.11 -15.69
N MET D 160 67.18 0.33 -14.51
CA MET D 160 67.40 1.68 -14.02
C MET D 160 68.49 1.70 -12.95
N ALA D 161 69.55 2.46 -13.21
CA ALA D 161 70.57 2.68 -12.19
C ALA D 161 69.94 3.47 -11.05
N PRO D 162 70.42 3.30 -9.81
CA PRO D 162 69.86 4.08 -8.70
C PRO D 162 69.82 5.56 -9.03
N PRO D 163 68.63 6.18 -9.06
CA PRO D 163 68.56 7.55 -9.59
C PRO D 163 68.70 8.62 -8.53
N ILE D 164 68.60 8.27 -7.25
CA ILE D 164 68.66 9.25 -6.17
C ILE D 164 69.69 8.82 -5.15
N TYR D 165 70.23 9.81 -4.45
CA TYR D 165 71.30 9.63 -3.49
C TYR D 165 71.42 10.94 -2.71
N ASN D 166 72.17 10.89 -1.63
CA ASN D 166 72.39 12.08 -0.82
C ASN D 166 72.88 13.25 -1.67
N GLU D 167 72.28 14.42 -1.44
CA GLU D 167 72.64 15.67 -2.14
C GLU D 167 72.44 15.68 -3.66
N VAL D 168 71.50 14.92 -4.23
CA VAL D 168 71.29 15.09 -5.67
C VAL D 168 70.78 16.48 -5.99
N LEU D 169 70.00 17.07 -5.07
CA LEU D 169 69.58 18.46 -5.19
C LEU D 169 69.54 19.11 -3.80
N GLU D 170 69.39 20.43 -3.79
CA GLU D 170 69.14 21.21 -2.58
C GLU D 170 67.72 21.74 -2.62
N PHE D 171 67.00 21.56 -1.53
CA PHE D 171 65.62 22.04 -1.45
C PHE D 171 65.56 23.52 -1.09
N ASP D 172 64.53 24.17 -1.63
CA ASP D 172 64.30 25.60 -1.44
C ASP D 172 64.11 26.02 0.01
N ASP D 173 63.57 25.13 0.86
CA ASP D 173 63.30 25.47 2.25
C ASP D 173 64.37 24.98 3.22
N GLY D 174 65.50 24.51 2.70
CA GLY D 174 66.64 24.15 3.52
C GLY D 174 66.61 22.76 4.07
N THR D 175 65.55 22.00 3.78
CA THR D 175 65.39 20.66 4.32
C THR D 175 66.59 19.81 3.90
N PRO D 176 67.20 19.04 4.80
CA PRO D 176 68.31 18.18 4.39
C PRO D 176 67.88 17.18 3.32
N ALA D 177 68.57 17.20 2.19
CA ALA D 177 68.23 16.35 1.05
C ALA D 177 68.89 14.98 1.21
N THR D 178 68.41 14.27 2.23
CA THR D 178 68.81 12.89 2.46
C THR D 178 68.06 11.97 1.51
N MET D 179 68.63 10.79 1.27
CA MET D 179 68.02 9.84 0.35
C MET D 179 66.58 9.59 0.78
N SER D 180 66.38 9.34 2.08
CA SER D 180 65.05 9.03 2.58
C SER D 180 64.13 10.24 2.45
N GLN D 181 64.67 11.44 2.70
CA GLN D 181 63.89 12.65 2.51
C GLN D 181 63.46 12.77 1.05
N VAL D 182 64.39 12.57 0.13
CA VAL D 182 64.11 12.73 -1.29
C VAL D 182 63.05 11.73 -1.72
N ALA D 183 63.15 10.50 -1.22
CA ALA D 183 62.18 9.46 -1.54
C ALA D 183 60.80 9.84 -1.01
N LYS D 184 60.73 10.32 0.23
CA LYS D 184 59.44 10.69 0.82
C LYS D 184 58.79 11.84 0.05
N ASP D 185 59.56 12.87 -0.29
CA ASP D 185 58.96 14.00 -1.00
C ASP D 185 58.55 13.61 -2.41
N VAL D 186 59.38 12.86 -3.14
CA VAL D 186 59.01 12.54 -4.52
C VAL D 186 57.79 11.62 -4.53
N CYS D 187 57.67 10.74 -3.52
CA CYS D 187 56.54 9.83 -3.45
C CYS D 187 55.24 10.56 -3.19
N THR D 188 55.27 11.58 -2.32
CA THR D 188 54.08 12.38 -2.06
C THR D 188 53.64 13.11 -3.32
N PHE D 189 54.58 13.71 -4.04
CA PHE D 189 54.27 14.35 -5.32
C PHE D 189 53.67 13.39 -6.33
N LEU D 190 54.23 12.18 -6.44
CA LEU D 190 53.71 11.21 -7.40
C LEU D 190 52.29 10.75 -7.06
N ARG D 191 51.97 10.62 -5.76
CA ARG D 191 50.58 10.39 -5.37
C ARG D 191 49.68 11.51 -5.88
N TRP D 192 50.08 12.76 -5.65
CA TRP D 192 49.30 13.88 -6.16
C TRP D 192 49.18 13.83 -7.68
N ALA D 193 50.27 13.48 -8.38
CA ALA D 193 50.22 13.41 -9.83
C ALA D 193 49.19 12.38 -10.29
N ALA D 194 49.12 11.24 -9.62
CA ALA D 194 48.17 10.19 -10.00
C ALA D 194 46.76 10.44 -9.49
N GLU D 195 46.60 11.22 -8.42
CA GLU D 195 45.29 11.42 -7.79
C GLU D 195 45.18 12.85 -7.26
N PRO D 196 45.14 13.84 -8.16
CA PRO D 196 45.01 15.24 -7.71
C PRO D 196 43.75 15.51 -6.89
N GLU D 197 42.69 14.72 -7.07
CA GLU D 197 41.45 14.84 -6.33
C GLU D 197 41.52 14.32 -4.89
N HIS D 198 42.68 13.79 -4.47
CA HIS D 198 42.87 13.16 -3.16
C HIS D 198 42.25 13.97 -2.03
N ASP D 199 42.70 15.22 -1.84
CA ASP D 199 42.25 15.99 -0.69
C ASP D 199 40.77 16.32 -0.77
N HIS D 200 40.29 16.65 -1.97
CA HIS D 200 38.91 17.10 -2.11
C HIS D 200 37.94 15.96 -1.85
N ARG D 201 38.30 14.76 -2.30
CA ARG D 201 37.46 13.59 -2.08
C ARG D 201 37.33 13.24 -0.59
N LYS D 202 38.40 13.38 0.18
CA LYS D 202 38.32 13.15 1.62
C LYS D 202 37.48 14.22 2.33
N ARG D 203 37.55 15.48 1.89
CA ARG D 203 36.68 16.48 2.48
C ARG D 203 35.22 16.16 2.20
N MET D 204 34.93 15.73 0.97
CA MET D 204 33.58 15.29 0.65
C MET D 204 33.21 14.05 1.45
N GLY D 205 34.15 13.12 1.57
CA GLY D 205 33.90 11.90 2.34
C GLY D 205 33.49 12.21 3.77
N LEU D 206 34.08 13.23 4.38
CA LEU D 206 33.71 13.61 5.73
C LEU D 206 32.27 14.13 5.75
N LYS D 207 31.92 14.97 4.79
CA LYS D 207 30.56 15.51 4.72
C LYS D 207 29.56 14.38 4.45
N MET D 208 29.96 13.39 3.64
CA MET D 208 29.06 12.29 3.34
C MET D 208 28.79 11.45 4.59
N LEU D 209 29.82 11.20 5.40
CA LEU D 209 29.64 10.44 6.62
C LEU D 209 28.75 11.18 7.61
N LEU D 210 28.96 12.49 7.76
CA LEU D 210 28.16 13.26 8.71
C LEU D 210 26.69 13.32 8.28
N MET D 211 26.43 13.57 7.00
CA MET D 211 25.04 13.59 6.54
C MET D 211 24.39 12.22 6.70
N MET D 212 25.14 11.15 6.46
CA MET D 212 24.57 9.82 6.60
C MET D 212 24.26 9.52 8.06
N GLY D 213 25.12 10.00 8.96
CA GLY D 213 24.90 9.76 10.38
C GLY D 213 23.65 10.47 10.86
N LEU D 214 23.25 11.54 10.17
CA LEU D 214 21.99 12.20 10.44
C LEU D 214 20.84 11.50 9.69
N LEU D 215 20.98 11.32 8.37
CA LEU D 215 19.83 10.90 7.55
C LEU D 215 19.46 9.45 7.79
N LEU D 216 20.42 8.60 8.11
CA LEU D 216 20.08 7.18 8.26
C LEU D 216 19.15 6.97 9.44
N PRO D 217 19.39 7.52 10.63
CA PRO D 217 18.44 7.27 11.72
C PRO D 217 17.13 8.03 11.52
N LEU D 218 17.14 9.20 10.88
CA LEU D 218 15.89 9.91 10.63
C LEU D 218 15.01 9.16 9.64
N VAL D 219 15.60 8.64 8.56
CA VAL D 219 14.81 7.89 7.58
C VAL D 219 14.37 6.57 8.22
N TYR D 220 15.25 5.96 8.99
CA TYR D 220 14.88 4.80 9.79
C TYR D 220 13.69 5.14 10.69
N ALA D 221 13.68 6.33 11.28
CA ALA D 221 12.59 6.72 12.17
C ALA D 221 11.28 6.89 11.39
N MET D 222 11.35 7.43 10.17
CA MET D 222 10.14 7.53 9.35
C MET D 222 9.61 6.16 8.98
N LYS D 223 10.50 5.20 8.68
CA LYS D 223 10.06 3.84 8.38
C LYS D 223 9.33 3.25 9.58
N ARG D 224 9.95 3.33 10.77
CA ARG D 224 9.36 2.77 11.96
C ARG D 224 8.05 3.49 12.31
N HIS D 225 7.99 4.80 12.06
CA HIS D 225 6.78 5.57 12.36
C HIS D 225 5.58 5.02 11.61
N LYS D 226 5.70 4.88 10.29
CA LYS D 226 4.59 4.40 9.48
C LYS D 226 4.26 2.95 9.81
N TRP D 227 5.30 2.12 9.93
CA TRP D 227 5.14 0.69 10.16
C TRP D 227 4.61 0.34 11.54
N SER D 228 4.69 1.27 12.50
CA SER D 228 4.21 0.98 13.86
C SER D 228 2.73 0.58 13.91
N VAL D 229 1.90 1.12 13.01
CA VAL D 229 0.52 0.67 12.88
C VAL D 229 0.44 -0.85 12.76
N LEU D 230 1.35 -1.44 12.00
CA LEU D 230 1.33 -2.87 11.73
C LEU D 230 2.10 -3.66 12.80
N LYS D 231 3.22 -3.13 13.28
CA LYS D 231 4.06 -3.90 14.17
C LYS D 231 3.39 -4.14 15.53
N SER D 232 2.45 -3.28 15.92
CA SER D 232 1.73 -3.43 17.18
C SER D 232 0.28 -3.85 17.01
N ARG D 233 -0.17 -4.08 15.77
CA ARG D 233 -1.52 -4.58 15.54
C ARG D 233 -1.72 -5.91 16.26
N LYS D 234 -2.95 -6.13 16.72
CA LYS D 234 -3.34 -7.36 17.41
C LYS D 234 -4.48 -8.02 16.66
N LEU D 235 -4.43 -9.35 16.57
CA LEU D 235 -5.42 -10.14 15.86
C LEU D 235 -6.23 -11.00 16.82
N ALA D 236 -7.48 -11.24 16.46
CA ALA D 236 -8.32 -12.19 17.20
C ALA D 236 -9.23 -12.93 16.23
N TYR D 237 -9.43 -14.21 16.50
CA TYR D 237 -10.22 -15.10 15.67
C TYR D 237 -11.44 -15.46 16.48
N ARG D 238 -12.63 -15.12 16.00
CA ARG D 238 -13.88 -15.41 16.70
C ARG D 238 -14.88 -16.13 15.80
N PRO D 239 -14.68 -17.43 15.55
CA PRO D 239 -15.57 -18.15 14.66
C PRO D 239 -16.89 -18.45 15.35
N PRO D 240 -18.00 -18.54 14.63
CA PRO D 240 -19.25 -18.99 15.25
C PRO D 240 -19.13 -20.41 15.76
N LYS D 241 -19.82 -20.69 16.85
CA LYS D 241 -19.95 -22.04 17.39
C LYS D 241 -21.40 -22.47 17.45
N SER E 1 -41.74 -12.14 -43.37
CA SER E 1 -41.23 -10.83 -43.89
C SER E 1 -39.73 -10.93 -44.19
N HIS E 2 -39.02 -11.76 -43.42
CA HIS E 2 -37.61 -12.00 -43.73
C HIS E 2 -37.43 -12.88 -44.95
N THR E 3 -38.51 -13.48 -45.47
CA THR E 3 -38.49 -14.19 -46.73
C THR E 3 -38.56 -13.24 -47.93
N ASP E 4 -39.02 -12.00 -47.73
CA ASP E 4 -38.94 -10.98 -48.78
C ASP E 4 -37.51 -10.65 -49.13
N ILE E 5 -36.58 -10.90 -48.21
CA ILE E 5 -35.16 -10.60 -48.45
C ILE E 5 -34.67 -11.42 -49.62
N LYS E 6 -33.81 -10.79 -50.43
CA LYS E 6 -33.06 -11.48 -51.46
C LYS E 6 -31.67 -10.89 -51.47
N VAL E 7 -30.65 -11.73 -51.63
CA VAL E 7 -29.28 -11.22 -51.73
C VAL E 7 -29.11 -10.51 -53.06
N PRO E 8 -28.51 -9.32 -53.11
CA PRO E 8 -28.41 -8.62 -54.40
C PRO E 8 -27.41 -9.30 -55.32
N ASP E 9 -27.50 -8.96 -56.60
CA ASP E 9 -26.61 -9.53 -57.60
C ASP E 9 -25.20 -9.00 -57.41
N PHE E 10 -24.22 -9.89 -57.53
CA PHE E 10 -22.80 -9.55 -57.44
C PHE E 10 -22.07 -9.74 -58.77
N SER E 11 -22.79 -9.89 -59.88
CA SER E 11 -22.16 -10.20 -61.15
C SER E 11 -21.14 -9.13 -61.56
N ASP E 12 -21.31 -7.90 -61.10
CA ASP E 12 -20.34 -6.85 -61.38
C ASP E 12 -18.99 -7.09 -60.73
N TYR E 13 -18.91 -8.00 -59.75
CA TYR E 13 -17.68 -8.27 -59.03
C TYR E 13 -17.20 -9.72 -59.15
N ARG E 14 -18.08 -10.65 -59.55
CA ARG E 14 -17.70 -12.06 -59.63
C ARG E 14 -16.62 -12.27 -60.68
N ARG E 15 -15.80 -13.30 -60.44
CA ARG E 15 -14.81 -13.71 -61.42
C ARG E 15 -15.47 -14.48 -62.54
N PRO E 16 -14.77 -14.70 -63.66
CA PRO E 16 -15.42 -15.38 -64.81
C PRO E 16 -15.94 -16.77 -64.49
N GLU E 17 -15.22 -17.54 -63.68
CA GLU E 17 -15.55 -18.95 -63.47
C GLU E 17 -16.77 -19.15 -62.58
N VAL E 18 -17.40 -18.08 -62.08
CA VAL E 18 -18.44 -18.20 -61.07
C VAL E 18 -19.79 -17.68 -61.53
N LEU E 19 -19.85 -16.80 -62.52
CA LEU E 19 -21.11 -16.12 -62.86
C LEU E 19 -22.22 -17.08 -63.26
N ASP E 20 -21.87 -18.27 -63.74
CA ASP E 20 -22.89 -19.28 -64.05
C ASP E 20 -23.48 -19.80 -62.74
N SER E 21 -24.72 -19.40 -62.44
CA SER E 21 -25.37 -19.87 -61.22
C SER E 21 -25.82 -21.32 -61.31
N THR E 22 -25.72 -21.95 -62.48
CA THR E 22 -26.06 -23.36 -62.66
C THR E 22 -24.83 -24.24 -62.80
N LYS E 23 -23.63 -23.70 -62.64
CA LYS E 23 -22.39 -24.46 -62.69
C LYS E 23 -21.75 -24.47 -61.31
N SER E 24 -21.21 -25.64 -60.93
CA SER E 24 -20.61 -25.78 -59.62
C SER E 24 -19.41 -24.85 -59.46
N SER E 25 -19.24 -24.32 -58.25
CA SER E 25 -18.09 -23.49 -57.94
C SER E 25 -16.86 -24.31 -57.58
N LYS E 26 -17.03 -25.58 -57.21
CA LYS E 26 -15.89 -26.41 -56.87
C LYS E 26 -15.04 -26.75 -58.09
N GLU E 27 -15.63 -26.70 -59.29
CA GLU E 27 -14.85 -26.93 -60.51
C GLU E 27 -13.74 -25.91 -60.68
N SER E 28 -13.87 -24.73 -60.09
CA SER E 28 -12.88 -23.65 -60.22
C SER E 28 -12.29 -23.24 -58.88
N SER E 29 -12.56 -23.99 -57.80
CA SER E 29 -12.10 -23.57 -56.48
C SER E 29 -10.59 -23.65 -56.35
N GLU E 30 -9.95 -24.61 -57.02
CA GLU E 30 -8.50 -24.76 -56.91
C GLU E 30 -7.76 -23.78 -57.80
N ALA E 31 -8.30 -23.46 -58.98
CA ALA E 31 -7.66 -22.48 -59.85
C ALA E 31 -7.76 -21.07 -59.27
N ARG E 32 -8.88 -20.75 -58.62
CA ARG E 32 -9.07 -19.41 -58.07
C ARG E 32 -8.24 -19.19 -56.82
N LYS E 33 -8.22 -20.18 -55.91
CA LYS E 33 -7.35 -20.08 -54.74
C LYS E 33 -5.88 -20.05 -55.16
N GLY E 34 -5.51 -20.86 -56.14
CA GLY E 34 -4.12 -20.91 -56.57
C GLY E 34 -3.62 -19.60 -57.13
N PHE E 35 -4.47 -18.89 -57.86
CA PHE E 35 -4.07 -17.62 -58.45
C PHE E 35 -3.78 -16.59 -57.37
N SER E 36 -4.61 -16.52 -56.34
CA SER E 36 -4.42 -15.51 -55.29
C SER E 36 -3.25 -15.86 -54.39
N TYR E 37 -3.04 -17.15 -54.11
CA TYR E 37 -1.91 -17.57 -53.31
C TYR E 37 -0.60 -17.55 -54.09
N LEU E 38 -0.67 -17.60 -55.44
CA LEU E 38 0.53 -17.41 -56.24
C LEU E 38 1.03 -15.97 -56.16
N VAL E 39 0.09 -15.01 -56.08
CA VAL E 39 0.47 -13.61 -55.85
C VAL E 39 1.26 -13.49 -54.55
N THR E 40 0.77 -14.13 -53.48
CA THR E 40 1.43 -14.03 -52.19
C THR E 40 2.81 -14.68 -52.21
N ALA E 41 2.92 -15.84 -52.86
CA ALA E 41 4.18 -16.57 -52.87
C ALA E 41 5.27 -15.76 -53.55
N THR E 42 4.99 -15.22 -54.74
CA THR E 42 5.99 -14.43 -55.44
C THR E 42 6.31 -13.13 -54.69
N THR E 43 5.36 -12.61 -53.90
CA THR E 43 5.65 -11.43 -53.09
C THR E 43 6.71 -11.75 -52.04
N THR E 44 6.51 -12.83 -51.27
CA THR E 44 7.47 -13.19 -50.24
C THR E 44 8.82 -13.56 -50.85
N VAL E 45 8.84 -14.04 -52.10
CA VAL E 45 10.10 -14.27 -52.79
C VAL E 45 10.89 -12.96 -52.90
N GLY E 46 10.23 -11.90 -53.37
CA GLY E 46 10.92 -10.64 -53.53
C GLY E 46 11.36 -10.03 -52.21
N VAL E 47 10.51 -10.12 -51.18
CA VAL E 47 10.91 -9.68 -49.84
C VAL E 47 12.05 -10.54 -49.33
N ALA E 48 12.03 -11.83 -49.65
CA ALA E 48 13.12 -12.72 -49.26
C ALA E 48 14.43 -12.28 -49.92
N TYR E 49 14.38 -12.03 -51.23
CA TYR E 49 15.56 -11.55 -51.94
C TYR E 49 16.03 -10.22 -51.38
N ALA E 50 15.09 -9.31 -51.11
CA ALA E 50 15.47 -8.00 -50.59
C ALA E 50 15.98 -8.10 -49.15
N ALA E 51 15.23 -8.79 -48.29
CA ALA E 51 15.62 -8.88 -46.88
C ALA E 51 16.98 -9.54 -46.73
N LYS E 52 17.34 -10.46 -47.62
CA LYS E 52 18.67 -11.06 -47.56
C LYS E 52 19.76 -10.02 -47.85
N ASN E 53 19.66 -9.36 -49.01
CA ASN E 53 20.66 -8.35 -49.38
C ASN E 53 20.75 -7.26 -48.33
N VAL E 54 19.60 -6.84 -47.79
CA VAL E 54 19.58 -5.89 -46.68
C VAL E 54 20.43 -6.42 -45.53
N VAL E 55 20.04 -7.58 -44.98
CA VAL E 55 20.73 -8.13 -43.82
C VAL E 55 22.18 -8.44 -44.17
N SER E 56 22.44 -8.88 -45.40
CA SER E 56 23.80 -9.20 -45.81
C SER E 56 24.69 -7.96 -45.80
N GLN E 57 24.21 -6.87 -46.41
CA GLN E 57 24.99 -5.64 -46.45
C GLN E 57 25.19 -5.06 -45.06
N PHE E 58 24.26 -5.32 -44.14
CA PHE E 58 24.39 -4.79 -42.79
C PHE E 58 25.38 -5.59 -41.94
N VAL E 59 25.39 -6.92 -42.08
CA VAL E 59 26.35 -7.72 -41.33
C VAL E 59 27.75 -7.52 -41.90
N SER E 60 27.85 -7.36 -43.23
CA SER E 60 29.15 -7.14 -43.85
C SER E 60 29.77 -5.83 -43.36
N SER E 61 28.94 -4.85 -43.01
CA SER E 61 29.44 -3.61 -42.43
C SER E 61 30.30 -3.86 -41.19
N MET E 62 29.97 -4.90 -40.42
CA MET E 62 30.74 -5.17 -39.21
C MET E 62 32.05 -5.88 -39.52
N SER E 63 32.12 -6.59 -40.63
CA SER E 63 33.38 -7.20 -41.04
C SER E 63 34.43 -6.12 -41.27
N ALA E 64 35.69 -6.56 -41.36
CA ALA E 64 36.81 -5.65 -41.46
C ALA E 64 36.70 -4.78 -42.71
N SER E 65 37.01 -3.49 -42.53
CA SER E 65 36.95 -2.52 -43.61
C SER E 65 38.13 -2.70 -44.57
N ALA E 66 38.13 -1.92 -45.64
CA ALA E 66 39.16 -2.04 -46.67
C ALA E 66 40.54 -1.68 -46.14
N ASP E 67 40.62 -0.75 -45.19
CA ASP E 67 41.91 -0.33 -44.64
C ASP E 67 42.47 -1.30 -43.62
N VAL E 68 41.70 -2.30 -43.18
CA VAL E 68 42.21 -3.30 -42.26
C VAL E 68 42.90 -4.45 -43.02
N LEU E 69 42.39 -4.79 -44.20
CA LEU E 69 42.99 -5.85 -45.01
C LEU E 69 44.20 -5.36 -45.80
N ALA E 70 44.53 -4.08 -45.73
CA ALA E 70 45.60 -3.50 -46.52
C ALA E 70 46.91 -3.38 -45.76
N MET E 71 47.00 -3.93 -44.56
CA MET E 71 48.23 -3.83 -43.78
C MET E 71 49.35 -4.57 -44.50
N SER E 72 50.42 -3.84 -44.84
CA SER E 72 51.51 -4.40 -45.63
C SER E 72 52.23 -5.50 -44.85
N LYS E 73 53.19 -6.14 -45.53
CA LYS E 73 54.00 -7.19 -44.94
C LYS E 73 55.25 -6.59 -44.30
N ILE E 74 56.09 -7.44 -43.73
CA ILE E 74 57.20 -7.03 -42.87
C ILE E 74 58.50 -7.56 -43.45
N GLU E 75 59.54 -6.72 -43.41
CA GLU E 75 60.91 -7.12 -43.61
C GLU E 75 61.62 -7.21 -42.26
N ILE E 76 62.57 -8.14 -42.16
CA ILE E 76 63.33 -8.37 -40.94
C ILE E 76 64.80 -8.51 -41.29
N LYS E 77 65.65 -7.71 -40.67
CA LYS E 77 67.09 -7.88 -40.78
C LYS E 77 67.49 -9.07 -39.91
N LEU E 78 68.05 -10.10 -40.54
CA LEU E 78 68.23 -11.38 -39.85
C LEU E 78 69.51 -11.42 -39.02
N SER E 79 70.52 -10.63 -39.38
CA SER E 79 71.75 -10.57 -38.58
C SER E 79 71.53 -9.91 -37.21
N ASP E 80 70.33 -9.37 -36.96
CA ASP E 80 70.02 -8.80 -35.65
C ASP E 80 69.98 -9.86 -34.56
N ILE E 81 69.68 -11.11 -34.91
CA ILE E 81 69.25 -12.13 -33.96
C ILE E 81 70.34 -13.20 -33.89
N PRO E 82 70.96 -13.43 -32.71
CA PRO E 82 71.91 -14.56 -32.59
C PRO E 82 71.20 -15.90 -32.44
N GLU E 83 71.93 -16.95 -32.06
CA GLU E 83 71.37 -18.28 -31.90
C GLU E 83 70.84 -18.47 -30.48
N GLY E 84 69.69 -19.14 -30.37
CA GLY E 84 69.08 -19.44 -29.10
C GLY E 84 68.17 -18.35 -28.56
N LYS E 85 67.95 -17.27 -29.30
CA LYS E 85 67.14 -16.14 -28.88
C LYS E 85 65.84 -16.13 -29.67
N ASN E 86 64.77 -15.65 -29.00
CA ASN E 86 63.49 -15.38 -29.64
C ASN E 86 63.23 -13.89 -29.54
N MET E 87 63.20 -13.21 -30.68
CA MET E 87 62.81 -11.81 -30.76
C MET E 87 61.42 -11.70 -31.37
N ALA E 88 60.63 -10.76 -30.86
CA ALA E 88 59.26 -10.55 -31.31
C ALA E 88 59.17 -9.30 -32.17
N PHE E 89 58.40 -9.39 -33.25
CA PHE E 89 58.14 -8.27 -34.15
C PHE E 89 56.65 -8.00 -34.24
N LYS E 90 56.29 -6.97 -35.00
CA LYS E 90 54.93 -6.49 -35.13
C LYS E 90 54.45 -6.79 -36.54
N TRP E 91 53.33 -7.50 -36.67
CA TRP E 91 52.78 -7.83 -37.97
C TRP E 91 51.28 -8.01 -37.83
N ARG E 92 50.51 -7.16 -38.50
CA ARG E 92 49.05 -7.21 -38.47
C ARG E 92 48.52 -7.01 -37.05
N GLY E 93 49.24 -6.21 -36.24
CA GLY E 93 48.83 -5.92 -34.89
C GLY E 93 49.15 -6.99 -33.86
N LYS E 94 49.46 -8.22 -34.30
CA LYS E 94 49.75 -9.33 -33.41
C LYS E 94 51.24 -9.64 -33.43
N PRO E 95 51.82 -10.16 -32.33
CA PRO E 95 53.26 -10.40 -32.31
C PRO E 95 53.69 -11.38 -33.40
N LEU E 96 54.97 -11.28 -33.76
CA LEU E 96 55.59 -12.13 -34.79
C LEU E 96 56.87 -12.69 -34.18
N PHE E 97 56.82 -13.95 -33.76
CA PHE E 97 57.94 -14.59 -33.09
C PHE E 97 58.87 -15.22 -34.12
N VAL E 98 60.12 -14.77 -34.12
CA VAL E 98 61.20 -15.40 -34.86
C VAL E 98 62.23 -15.89 -33.87
N ARG E 99 62.80 -17.07 -34.12
CA ARG E 99 63.71 -17.68 -33.15
C ARG E 99 64.71 -18.55 -33.89
N HIS E 100 66.00 -18.23 -33.69
CA HIS E 100 67.10 -18.99 -34.29
C HIS E 100 67.36 -20.22 -33.43
N ARG E 101 67.03 -21.40 -33.95
CA ARG E 101 67.15 -22.64 -33.20
C ARG E 101 68.55 -23.21 -33.32
N THR E 102 69.05 -23.74 -32.21
CA THR E 102 70.39 -24.30 -32.14
C THR E 102 70.32 -25.81 -32.40
N LYS E 103 71.48 -26.47 -32.31
CA LYS E 103 71.52 -27.92 -32.49
C LYS E 103 71.12 -28.68 -31.21
N LYS E 104 71.19 -28.03 -30.05
CA LYS E 104 70.64 -28.63 -28.83
C LYS E 104 69.13 -28.74 -28.89
N GLU E 105 68.47 -27.91 -29.71
CA GLU E 105 67.03 -27.85 -29.80
C GLU E 105 66.46 -28.61 -31.00
N ILE E 106 67.17 -28.63 -32.13
CA ILE E 106 66.68 -29.35 -33.30
C ILE E 106 66.51 -30.83 -32.97
N ASP E 107 67.54 -31.43 -32.37
CA ASP E 107 67.50 -32.86 -32.05
C ASP E 107 66.64 -33.18 -30.84
N GLN E 108 66.20 -32.18 -30.08
CA GLN E 108 65.22 -32.41 -29.03
C GLN E 108 63.80 -32.53 -29.60
N GLU E 109 63.47 -31.64 -30.53
CA GLU E 109 62.16 -31.66 -31.17
C GLU E 109 62.10 -32.55 -32.40
N ALA E 110 63.24 -33.06 -32.86
CA ALA E 110 63.27 -34.06 -33.93
C ALA E 110 63.18 -35.47 -33.37
N ALA E 111 63.79 -35.72 -32.22
CA ALA E 111 63.76 -37.02 -31.57
C ALA E 111 62.57 -37.16 -30.62
N VAL E 112 61.39 -36.74 -31.09
CA VAL E 112 60.16 -36.79 -30.30
C VAL E 112 59.17 -37.71 -31.00
N GLU E 113 58.39 -38.43 -30.20
CA GLU E 113 57.28 -39.22 -30.75
C GLU E 113 56.13 -38.29 -31.11
N VAL E 114 55.53 -38.56 -32.28
CA VAL E 114 54.45 -37.73 -32.80
C VAL E 114 53.09 -38.38 -32.65
N SER E 115 53.01 -39.63 -32.19
CA SER E 115 51.73 -40.32 -32.11
C SER E 115 50.81 -39.66 -31.09
N GLN E 116 51.36 -39.22 -29.96
CA GLN E 116 50.56 -38.66 -28.87
C GLN E 116 50.35 -37.15 -28.99
N LEU E 117 50.95 -36.50 -29.98
CA LEU E 117 50.75 -35.06 -30.13
C LEU E 117 49.28 -34.75 -30.41
N ARG E 118 48.86 -33.56 -29.95
CA ARG E 118 47.46 -33.18 -30.12
C ARG E 118 47.16 -32.80 -31.56
N ASP E 119 48.06 -32.04 -32.20
CA ASP E 119 48.00 -31.71 -33.62
C ASP E 119 49.29 -32.25 -34.25
N PRO E 120 49.36 -33.56 -34.50
CA PRO E 120 50.66 -34.15 -34.85
C PRO E 120 51.18 -33.68 -36.20
N GLN E 121 52.46 -33.30 -36.22
CA GLN E 121 53.18 -33.03 -37.46
C GLN E 121 54.67 -32.87 -37.18
N HIS E 122 55.50 -33.54 -37.98
CA HIS E 122 56.94 -33.50 -37.77
C HIS E 122 57.48 -32.10 -38.05
N ASP E 123 58.70 -31.87 -37.56
CA ASP E 123 59.34 -30.55 -37.71
C ASP E 123 59.55 -30.15 -39.16
N LEU E 124 59.50 -31.11 -40.10
CA LEU E 124 59.65 -30.78 -41.51
C LEU E 124 58.49 -29.91 -42.00
N GLU E 125 57.26 -30.35 -41.73
CA GLU E 125 56.08 -29.63 -42.22
C GLU E 125 56.04 -28.21 -41.67
N ARG E 126 56.45 -28.04 -40.41
CA ARG E 126 56.34 -26.76 -39.72
C ARG E 126 57.15 -25.68 -40.43
N VAL E 127 58.48 -25.81 -40.39
CA VAL E 127 59.38 -24.77 -40.84
C VAL E 127 59.74 -24.99 -42.31
N LYS E 128 60.50 -24.06 -42.87
CA LYS E 128 61.07 -24.23 -44.20
C LYS E 128 62.46 -24.83 -44.14
N LYS E 129 63.27 -24.43 -43.16
CA LYS E 129 64.63 -24.91 -43.01
C LYS E 129 64.89 -25.19 -41.53
N PRO E 130 65.74 -26.18 -41.22
CA PRO E 130 65.77 -26.70 -39.83
C PRO E 130 66.20 -25.70 -38.77
N GLU E 131 66.87 -24.61 -39.16
CA GLU E 131 67.41 -23.65 -38.20
C GLU E 131 66.52 -22.45 -37.98
N TRP E 132 65.33 -22.41 -38.57
CA TRP E 132 64.44 -21.26 -38.48
C TRP E 132 63.04 -21.70 -38.07
N VAL E 133 62.54 -21.09 -37.00
CA VAL E 133 61.14 -21.20 -36.60
C VAL E 133 60.57 -19.80 -36.59
N ILE E 134 59.63 -19.52 -37.49
CA ILE E 134 58.93 -18.25 -37.56
C ILE E 134 57.47 -18.55 -37.25
N LEU E 135 57.04 -18.16 -36.05
CA LEU E 135 55.69 -18.39 -35.57
C LEU E 135 54.88 -17.10 -35.65
N ILE E 136 53.75 -17.10 -34.97
CA ILE E 136 53.00 -15.88 -34.66
C ILE E 136 52.59 -15.97 -33.21
N GLY E 137 52.88 -14.90 -32.45
CA GLY E 137 52.73 -14.94 -31.02
C GLY E 137 51.31 -14.78 -30.52
N VAL E 138 50.47 -15.80 -30.72
CA VAL E 138 49.18 -15.89 -30.04
C VAL E 138 48.99 -17.33 -29.60
N CYS E 139 48.47 -17.51 -28.39
CA CYS E 139 48.11 -18.83 -27.91
C CYS E 139 46.87 -19.31 -28.67
N THR E 140 46.89 -20.58 -29.08
CA THR E 140 45.75 -21.17 -29.77
C THR E 140 44.55 -21.38 -28.86
N HIS E 141 44.72 -21.21 -27.53
CA HIS E 141 43.58 -21.30 -26.62
C HIS E 141 42.72 -20.05 -26.75
N LEU E 142 43.18 -18.92 -26.21
CA LEU E 142 42.35 -17.71 -26.17
C LEU E 142 43.15 -16.43 -26.39
N GLY E 143 44.25 -16.52 -27.12
CA GLY E 143 44.85 -15.35 -27.75
C GLY E 143 45.96 -14.64 -26.98
N CYS E 144 46.28 -15.06 -25.77
CA CYS E 144 47.41 -14.47 -25.07
C CYS E 144 48.71 -14.83 -25.77
N VAL E 145 49.72 -13.99 -25.60
CA VAL E 145 51.04 -14.25 -26.20
C VAL E 145 51.87 -15.08 -25.23
N PRO E 146 52.46 -16.20 -25.65
CA PRO E 146 53.34 -16.93 -24.74
C PRO E 146 54.70 -16.27 -24.56
N ILE E 147 55.23 -16.39 -23.34
CA ILE E 147 56.59 -15.96 -23.07
C ILE E 147 57.56 -16.92 -23.75
N ALA E 148 58.67 -16.39 -24.25
CA ALA E 148 59.65 -17.18 -24.97
C ALA E 148 60.64 -17.82 -23.99
N ASN E 149 61.08 -19.03 -24.34
CA ASN E 149 62.09 -19.77 -23.58
C ASN E 149 61.67 -19.94 -22.12
N ALA E 150 60.43 -20.40 -21.93
CA ALA E 150 59.90 -20.70 -20.61
C ALA E 150 58.99 -21.92 -20.73
N GLY E 151 58.63 -22.47 -19.58
CA GLY E 151 57.79 -23.65 -19.53
C GLY E 151 58.60 -24.92 -19.34
N ASP E 152 57.86 -26.03 -19.30
CA ASP E 152 58.48 -27.34 -19.06
C ASP E 152 59.38 -27.75 -20.23
N PHE E 153 58.99 -27.40 -21.45
CA PHE E 153 59.66 -27.89 -22.65
C PHE E 153 60.69 -26.91 -23.21
N GLY E 154 61.10 -25.93 -22.42
CA GLY E 154 62.16 -25.02 -22.82
C GLY E 154 61.88 -24.29 -24.11
N GLY E 155 60.61 -24.01 -24.41
CA GLY E 155 60.23 -23.33 -25.64
C GLY E 155 59.41 -22.08 -25.38
N TYR E 156 58.10 -22.26 -25.21
CA TYR E 156 57.19 -21.15 -24.93
C TYR E 156 56.16 -21.58 -23.90
N TYR E 157 55.80 -20.66 -23.00
CA TYR E 157 54.78 -20.89 -21.99
C TYR E 157 53.79 -19.72 -21.99
N CYS E 158 52.53 -20.05 -21.74
CA CYS E 158 51.45 -19.06 -21.72
C CYS E 158 50.91 -18.93 -20.30
N PRO E 159 51.12 -17.80 -19.61
CA PRO E 159 50.67 -17.71 -18.20
C PRO E 159 49.17 -17.55 -18.03
N CYS E 160 48.42 -17.29 -19.10
CA CYS E 160 47.00 -16.99 -18.97
C CYS E 160 46.22 -18.17 -18.39
N HIS E 161 46.44 -19.38 -18.93
CA HIS E 161 45.76 -20.57 -18.43
C HIS E 161 46.66 -21.81 -18.36
N GLY E 162 47.92 -21.72 -18.78
CA GLY E 162 48.87 -22.79 -18.56
C GLY E 162 49.05 -23.74 -19.72
N SER E 163 49.47 -23.21 -20.88
CA SER E 163 49.70 -24.01 -22.08
C SER E 163 51.18 -23.96 -22.43
N HIS E 164 51.83 -25.13 -22.42
CA HIS E 164 53.27 -25.24 -22.66
C HIS E 164 53.53 -25.67 -24.10
N TYR E 165 54.47 -25.00 -24.74
CA TYR E 165 54.94 -25.36 -26.08
C TYR E 165 56.42 -25.73 -26.01
N ASP E 166 56.91 -26.30 -27.11
CA ASP E 166 58.30 -26.71 -27.24
C ASP E 166 59.06 -25.71 -28.12
N ALA E 167 60.27 -26.08 -28.56
CA ALA E 167 61.08 -25.17 -29.35
C ALA E 167 60.53 -24.95 -30.76
N SER E 168 59.74 -25.88 -31.28
CA SER E 168 59.13 -25.76 -32.60
C SER E 168 57.70 -25.23 -32.55
N GLY E 169 57.22 -24.81 -31.37
CA GLY E 169 55.90 -24.23 -31.26
C GLY E 169 54.77 -25.22 -31.25
N ARG E 170 55.04 -26.50 -31.00
CA ARG E 170 54.00 -27.53 -30.96
C ARG E 170 53.45 -27.65 -29.53
N ILE E 171 52.12 -27.64 -29.42
CA ILE E 171 51.49 -27.76 -28.12
C ILE E 171 51.70 -29.17 -27.56
N ARG E 172 51.95 -29.26 -26.26
CA ARG E 172 52.24 -30.52 -25.60
C ARG E 172 51.34 -30.70 -24.38
N LYS E 173 51.28 -29.67 -23.52
CA LYS E 173 50.40 -29.62 -22.38
C LYS E 173 49.52 -28.37 -22.50
N GLY E 174 48.27 -28.48 -22.06
CA GLY E 174 47.43 -27.32 -21.87
C GLY E 174 46.05 -27.48 -22.46
N PRO E 175 45.16 -26.53 -22.17
CA PRO E 175 43.85 -26.51 -22.84
C PRO E 175 43.93 -26.10 -24.30
N ALA E 176 45.07 -25.61 -24.76
CA ALA E 176 45.20 -25.18 -26.14
C ALA E 176 45.12 -26.40 -27.07
N PRO E 177 44.33 -26.33 -28.16
CA PRO E 177 44.11 -27.55 -28.95
C PRO E 177 45.09 -27.74 -30.11
N LEU E 178 45.69 -26.65 -30.60
CA LEU E 178 46.50 -26.69 -31.80
C LEU E 178 47.90 -26.14 -31.53
N ASN E 179 48.82 -26.51 -32.43
CA ASN E 179 50.15 -25.92 -32.43
C ASN E 179 50.07 -24.45 -32.89
N LEU E 180 51.07 -23.67 -32.50
CA LEU E 180 51.13 -22.29 -32.94
C LEU E 180 51.16 -22.21 -34.46
N GLU E 181 50.57 -21.15 -34.99
CA GLU E 181 50.46 -21.00 -36.43
C GLU E 181 51.76 -20.47 -37.02
N VAL E 182 52.09 -20.97 -38.21
CA VAL E 182 53.25 -20.50 -38.98
C VAL E 182 52.72 -19.81 -40.24
N PRO E 183 53.26 -18.67 -40.65
CA PRO E 183 52.76 -18.02 -41.87
C PRO E 183 53.39 -18.64 -43.12
N SER E 184 52.97 -18.12 -44.28
CA SER E 184 53.53 -18.51 -45.57
C SER E 184 54.67 -17.54 -45.88
N TYR E 185 55.90 -17.99 -45.65
CA TYR E 185 57.10 -17.17 -45.82
C TYR E 185 58.07 -17.86 -46.77
N GLU E 186 59.22 -17.23 -46.99
CA GLU E 186 60.27 -17.80 -47.82
C GLU E 186 61.55 -16.99 -47.62
N PHE E 187 62.69 -17.65 -47.82
CA PHE E 187 64.00 -17.02 -47.66
C PHE E 187 64.54 -16.68 -49.04
N THR E 188 64.85 -15.39 -49.24
CA THR E 188 65.32 -14.90 -50.54
C THR E 188 66.85 -14.93 -50.63
N SER E 189 67.53 -14.24 -49.73
CA SER E 189 68.98 -14.25 -49.63
C SER E 189 69.36 -14.66 -48.20
N ASP E 190 70.63 -14.44 -47.85
CA ASP E 190 71.15 -14.87 -46.55
C ASP E 190 70.51 -14.11 -45.41
N ASP E 191 70.94 -12.86 -45.20
CA ASP E 191 70.45 -12.05 -44.07
C ASP E 191 69.16 -11.33 -44.45
N MET E 192 68.17 -12.11 -44.86
CA MET E 192 66.91 -11.57 -45.36
C MET E 192 65.81 -12.58 -45.14
N VAL E 193 64.58 -12.09 -45.02
CA VAL E 193 63.40 -12.93 -44.90
C VAL E 193 62.18 -12.07 -45.17
N ILE E 194 61.16 -12.68 -45.77
CA ILE E 194 59.87 -12.03 -46.01
C ILE E 194 58.78 -12.89 -45.39
N VAL E 195 57.75 -12.24 -44.85
CA VAL E 195 56.62 -12.91 -44.23
C VAL E 195 55.38 -12.46 -44.97
N GLY E 196 54.77 -13.36 -45.74
CA GLY E 196 53.56 -13.05 -46.48
C GLY E 196 53.32 -14.00 -47.64
N VAL F 6 5.01 -50.74 16.49
CA VAL F 6 5.00 -52.19 16.69
C VAL F 6 6.32 -52.65 17.30
N SER F 7 7.41 -51.94 16.99
CA SER F 7 8.74 -52.32 17.41
C SER F 7 9.50 -51.08 17.88
N ALA F 8 10.75 -51.28 18.28
CA ALA F 8 11.61 -50.19 18.72
C ALA F 8 12.36 -49.51 17.58
N SER F 9 12.48 -50.17 16.43
CA SER F 9 13.19 -49.59 15.29
C SER F 9 12.35 -48.57 14.55
N SER F 10 11.06 -48.87 14.34
CA SER F 10 10.14 -47.91 13.74
C SER F 10 9.69 -46.84 14.73
N ARG F 11 10.23 -46.83 15.95
CA ARG F 11 9.91 -45.84 16.97
C ARG F 11 10.93 -44.71 17.03
N TRP F 12 12.22 -45.01 16.82
CA TRP F 12 13.20 -43.96 16.62
C TRP F 12 13.13 -43.39 15.21
N LEU F 13 12.55 -44.13 14.27
CA LEU F 13 12.16 -43.55 12.99
C LEU F 13 11.21 -42.37 13.22
N GLU F 14 10.22 -42.55 14.08
CA GLU F 14 9.36 -41.43 14.46
C GLU F 14 10.13 -40.37 15.23
N GLY F 15 11.14 -40.78 15.99
CA GLY F 15 11.91 -39.82 16.76
C GLY F 15 12.70 -38.87 15.88
N ILE F 16 13.20 -39.36 14.74
CA ILE F 16 13.92 -38.48 13.81
C ILE F 16 12.96 -37.68 12.95
N ARG F 17 11.73 -38.17 12.77
CA ARG F 17 10.70 -37.38 12.09
C ARG F 17 10.13 -36.32 13.02
N LYS F 18 9.98 -36.65 14.31
CA LYS F 18 9.68 -35.61 15.28
C LYS F 18 10.82 -34.61 15.36
N TRP F 19 12.06 -35.09 15.24
CA TRP F 19 13.20 -34.17 15.26
C TRP F 19 13.15 -33.23 14.06
N TYR F 20 13.05 -33.77 12.85
CA TYR F 20 12.97 -32.92 11.66
C TYR F 20 11.79 -31.96 11.76
N TYR F 21 10.68 -32.42 12.34
CA TYR F 21 9.52 -31.56 12.50
C TYR F 21 9.86 -30.32 13.33
N ASN F 22 10.46 -30.53 14.50
CA ASN F 22 10.80 -29.40 15.37
C ASN F 22 11.88 -28.52 14.74
N ALA F 23 12.76 -29.11 13.94
CA ALA F 23 13.80 -28.32 13.28
C ALA F 23 13.22 -27.47 12.16
N ALA F 24 12.27 -28.03 11.39
CA ALA F 24 11.62 -27.29 10.32
C ALA F 24 10.96 -26.02 10.85
N GLY F 25 10.42 -26.08 12.06
CA GLY F 25 10.07 -24.88 12.78
C GLY F 25 8.84 -24.13 12.33
N PHE F 26 8.01 -24.70 11.45
CA PHE F 26 6.72 -24.05 11.17
C PHE F 26 5.76 -24.19 12.34
N ASN F 27 5.95 -25.21 13.19
CA ASN F 27 5.18 -25.29 14.42
C ASN F 27 5.48 -24.13 15.37
N LYS F 28 6.63 -23.48 15.22
CA LYS F 28 6.94 -22.32 16.07
C LYS F 28 6.06 -21.13 15.73
N LEU F 29 5.48 -21.09 14.53
CA LEU F 29 4.53 -20.07 14.13
C LEU F 29 3.08 -20.53 14.29
N GLY F 30 2.84 -21.58 15.07
CA GLY F 30 1.50 -22.08 15.27
C GLY F 30 0.87 -22.67 14.02
N LEU F 31 1.67 -23.28 13.16
CA LEU F 31 1.22 -23.78 11.88
C LEU F 31 1.29 -25.29 11.82
N MET F 32 0.55 -25.83 10.85
CA MET F 32 0.50 -27.26 10.62
C MET F 32 1.09 -27.56 9.26
N ARG F 33 1.55 -28.80 9.08
CA ARG F 33 2.24 -29.20 7.86
C ARG F 33 1.43 -28.82 6.61
N ASP F 34 0.12 -29.12 6.60
CA ASP F 34 -0.67 -28.85 5.42
C ASP F 34 -0.86 -27.36 5.17
N ASP F 35 -0.58 -26.50 6.16
CA ASP F 35 -0.61 -25.06 5.92
C ASP F 35 0.55 -24.60 5.02
N THR F 36 1.59 -25.41 4.88
CA THR F 36 2.80 -25.01 4.19
C THR F 36 2.93 -25.61 2.80
N ILE F 37 1.97 -26.45 2.38
CA ILE F 37 2.03 -27.07 1.06
C ILE F 37 2.05 -25.98 -0.01
N HIS F 38 2.88 -26.17 -1.03
CA HIS F 38 2.91 -25.24 -2.15
C HIS F 38 1.64 -25.37 -2.97
N GLU F 39 0.93 -24.26 -3.14
CA GLU F 39 -0.33 -24.27 -3.88
C GLU F 39 -0.05 -24.43 -5.36
N ASN F 40 -0.41 -25.58 -5.91
CA ASN F 40 -0.57 -25.77 -7.35
C ASN F 40 -2.06 -25.96 -7.65
N ASP F 41 -2.36 -26.36 -8.89
CA ASP F 41 -3.75 -26.55 -9.28
C ASP F 41 -4.43 -27.62 -8.43
N ASP F 42 -3.70 -28.71 -8.13
CA ASP F 42 -4.28 -29.76 -7.30
C ASP F 42 -4.58 -29.25 -5.90
N VAL F 43 -3.65 -28.50 -5.31
CA VAL F 43 -3.82 -28.02 -3.95
C VAL F 43 -4.91 -26.96 -3.89
N LYS F 44 -4.95 -26.06 -4.88
CA LYS F 44 -5.98 -25.03 -4.87
C LYS F 44 -7.36 -25.66 -4.94
N GLU F 45 -7.50 -26.79 -5.63
CA GLU F 45 -8.78 -27.49 -5.65
C GLU F 45 -9.09 -28.09 -4.29
N ALA F 46 -8.10 -28.73 -3.67
CA ALA F 46 -8.33 -29.34 -2.36
C ALA F 46 -8.75 -28.29 -1.34
N ILE F 47 -8.13 -27.10 -1.38
CA ILE F 47 -8.52 -26.04 -0.45
C ILE F 47 -9.93 -25.59 -0.73
N ARG F 48 -10.30 -25.54 -2.02
CA ARG F 48 -11.65 -25.15 -2.39
C ARG F 48 -12.68 -26.09 -1.79
N ARG F 49 -12.33 -27.37 -1.62
CA ARG F 49 -13.24 -28.39 -1.16
C ARG F 49 -13.33 -28.47 0.36
N LEU F 50 -12.54 -27.70 1.09
CA LEU F 50 -12.53 -27.82 2.53
C LEU F 50 -13.85 -27.30 3.10
N PRO F 51 -14.38 -27.93 4.14
CA PRO F 51 -15.55 -27.34 4.82
C PRO F 51 -15.20 -26.01 5.46
N GLU F 52 -16.24 -25.25 5.80
CA GLU F 52 -16.07 -23.87 6.23
C GLU F 52 -15.17 -23.76 7.46
N ASN F 53 -15.24 -24.73 8.38
CA ASN F 53 -14.47 -24.61 9.61
C ASN F 53 -12.98 -24.77 9.35
N LEU F 54 -12.60 -25.76 8.54
CA LEU F 54 -11.17 -25.96 8.27
C LEU F 54 -10.62 -24.83 7.40
N TYR F 55 -11.41 -24.36 6.43
CA TYR F 55 -10.97 -23.25 5.61
C TYR F 55 -10.70 -22.01 6.47
N ASN F 56 -11.64 -21.69 7.36
CA ASN F 56 -11.48 -20.48 8.17
C ASN F 56 -10.32 -20.62 9.15
N ASP F 57 -10.16 -21.81 9.73
CA ASP F 57 -9.02 -22.06 10.61
C ASP F 57 -7.71 -21.92 9.86
N ARG F 58 -7.63 -22.53 8.67
CA ARG F 58 -6.44 -22.43 7.84
C ARG F 58 -6.12 -20.97 7.51
N VAL F 59 -7.15 -20.17 7.26
CA VAL F 59 -6.93 -18.77 6.93
C VAL F 59 -6.29 -18.04 8.11
N PHE F 60 -6.80 -18.29 9.32
CA PHE F 60 -6.30 -17.51 10.46
C PHE F 60 -4.91 -17.96 10.86
N ARG F 61 -4.63 -19.26 10.85
CA ARG F 61 -3.30 -19.72 11.20
C ARG F 61 -2.26 -19.12 10.27
N ILE F 62 -2.54 -19.12 8.96
CA ILE F 62 -1.64 -18.50 8.00
C ILE F 62 -1.54 -17.00 8.26
N LYS F 63 -2.66 -16.34 8.54
CA LYS F 63 -2.59 -14.90 8.83
C LYS F 63 -1.79 -14.64 10.09
N ARG F 64 -1.97 -15.47 11.12
CA ARG F 64 -1.22 -15.29 12.36
C ARG F 64 0.27 -15.47 12.11
N ALA F 65 0.65 -16.38 11.21
CA ALA F 65 2.06 -16.65 10.94
C ALA F 65 2.70 -15.56 10.10
N LEU F 66 1.99 -15.05 9.09
CA LEU F 66 2.54 -13.93 8.33
C LEU F 66 2.70 -12.72 9.22
N ASP F 67 1.83 -12.54 10.21
CA ASP F 67 2.01 -11.47 11.17
C ASP F 67 3.30 -11.67 11.96
N LEU F 68 3.49 -12.87 12.50
CA LEU F 68 4.70 -13.17 13.27
C LEU F 68 5.94 -13.03 12.40
N SER F 69 5.89 -13.57 11.17
CA SER F 69 7.04 -13.50 10.28
C SER F 69 7.46 -12.06 10.02
N MET F 70 6.49 -11.16 9.90
CA MET F 70 6.81 -9.74 9.70
C MET F 70 7.65 -9.21 10.85
N ARG F 71 7.29 -9.56 12.08
CA ARG F 71 8.01 -9.11 13.27
C ARG F 71 9.22 -9.96 13.61
N GLN F 72 9.47 -11.03 12.84
CA GLN F 72 10.58 -11.95 13.08
C GLN F 72 10.47 -12.59 14.46
N GLN F 73 9.24 -12.85 14.91
CA GLN F 73 8.94 -13.45 16.20
C GLN F 73 8.40 -14.86 16.02
N ILE F 74 8.19 -15.54 17.15
CA ILE F 74 7.53 -16.85 17.20
C ILE F 74 6.60 -16.85 18.40
N LEU F 75 5.77 -17.89 18.47
CA LEU F 75 4.87 -18.04 19.61
C LEU F 75 5.62 -18.63 20.80
N PRO F 76 5.09 -18.48 22.01
CA PRO F 76 5.67 -19.20 23.15
C PRO F 76 5.65 -20.70 22.90
N LYS F 77 6.60 -21.40 23.52
CA LYS F 77 6.71 -22.85 23.33
C LYS F 77 5.41 -23.56 23.67
N GLU F 78 4.63 -23.01 24.60
CA GLU F 78 3.36 -23.62 24.98
C GLU F 78 2.41 -23.71 23.79
N GLN F 79 2.50 -22.76 22.86
CA GLN F 79 1.56 -22.64 21.76
C GLN F 79 2.08 -23.19 20.45
N TRP F 80 3.23 -23.86 20.45
CA TRP F 80 3.73 -24.48 19.24
C TRP F 80 2.86 -25.67 18.86
N THR F 81 2.80 -25.96 17.57
CA THR F 81 2.09 -27.13 17.08
C THR F 81 2.85 -28.39 17.48
N LYS F 82 2.22 -29.23 18.29
CA LYS F 82 2.84 -30.49 18.69
C LYS F 82 2.78 -31.48 17.54
N TYR F 83 3.92 -32.14 17.27
CA TYR F 83 4.00 -33.13 16.21
C TYR F 83 2.94 -34.21 16.37
N GLU F 84 2.54 -34.51 17.61
CA GLU F 84 1.56 -35.53 17.87
C GLU F 84 0.15 -35.09 17.47
N GLU F 85 -0.11 -33.78 17.48
CA GLU F 85 -1.44 -33.22 17.26
C GLU F 85 -1.56 -32.53 15.90
N ASP F 86 -0.73 -32.90 14.93
CA ASP F 86 -0.74 -32.25 13.61
C ASP F 86 -1.70 -33.01 12.71
N LYS F 87 -2.89 -32.44 12.52
CA LYS F 87 -3.95 -33.05 11.71
C LYS F 87 -3.63 -32.83 10.23
N SER F 88 -3.33 -33.90 9.50
CA SER F 88 -3.19 -33.80 8.05
C SER F 88 -4.56 -33.62 7.42
N TYR F 89 -5.17 -32.45 7.63
CA TYR F 89 -6.55 -32.22 7.24
C TYR F 89 -6.73 -32.12 5.73
N LEU F 90 -5.67 -31.81 4.98
CA LEU F 90 -5.79 -31.53 3.57
C LEU F 90 -5.51 -32.74 2.68
N GLU F 91 -4.65 -33.66 3.11
CA GLU F 91 -4.27 -34.78 2.25
C GLU F 91 -5.44 -35.67 1.85
N PRO F 92 -6.47 -35.92 2.67
CA PRO F 92 -7.63 -36.65 2.13
C PRO F 92 -8.25 -35.98 0.93
N TYR F 93 -8.54 -34.67 1.02
CA TYR F 93 -9.07 -33.94 -0.13
C TYR F 93 -8.06 -33.92 -1.27
N LEU F 94 -6.79 -33.66 -0.96
CA LEU F 94 -5.77 -33.58 -2.00
C LEU F 94 -5.57 -34.92 -2.69
N LYS F 95 -5.63 -36.03 -1.94
CA LYS F 95 -5.39 -37.31 -2.56
C LYS F 95 -6.51 -37.67 -3.54
N GLU F 96 -7.74 -37.20 -3.27
CA GLU F 96 -8.85 -37.45 -4.18
C GLU F 96 -8.76 -36.57 -5.42
N VAL F 97 -8.29 -35.33 -5.26
CA VAL F 97 -8.05 -34.47 -6.43
C VAL F 97 -7.07 -35.14 -7.38
N ILE F 98 -5.92 -35.58 -6.85
CA ILE F 98 -4.92 -36.23 -7.69
C ILE F 98 -5.50 -37.47 -8.34
N ARG F 99 -6.23 -38.28 -7.55
CA ARG F 99 -6.84 -39.50 -8.09
C ARG F 99 -7.74 -39.19 -9.27
N GLU F 100 -8.53 -38.11 -9.19
CA GLU F 100 -9.38 -37.73 -10.30
C GLU F 100 -8.54 -37.30 -11.51
N ARG F 101 -7.49 -36.52 -11.28
CA ARG F 101 -6.66 -36.05 -12.39
C ARG F 101 -5.99 -37.21 -13.09
N LYS F 102 -5.46 -38.17 -12.33
CA LYS F 102 -4.84 -39.32 -12.95
C LYS F 102 -5.84 -40.10 -13.81
N GLU F 103 -7.10 -40.15 -13.38
CA GLU F 103 -8.11 -40.83 -14.18
C GLU F 103 -8.30 -40.14 -15.52
N ARG F 104 -8.44 -38.81 -15.51
CA ARG F 104 -8.52 -38.07 -16.76
C ARG F 104 -7.32 -38.35 -17.64
N GLU F 105 -6.12 -38.38 -17.04
CA GLU F 105 -4.90 -38.60 -17.81
C GLU F 105 -4.86 -39.99 -18.43
N GLU F 106 -5.40 -41.00 -17.73
CA GLU F 106 -5.46 -42.34 -18.31
C GLU F 106 -6.48 -42.41 -19.43
N TRP F 107 -7.58 -41.68 -19.32
CA TRP F 107 -8.54 -41.64 -20.42
C TRP F 107 -7.98 -40.88 -21.62
N ALA F 108 -7.15 -39.86 -21.37
CA ALA F 108 -6.65 -39.00 -22.44
C ALA F 108 -5.71 -39.73 -23.40
N LYS F 109 -5.19 -40.89 -23.02
CA LYS F 109 -4.30 -41.65 -23.87
C LYS F 109 -4.94 -42.90 -24.46
N LYS F 110 -6.22 -43.15 -24.18
CA LYS F 110 -6.94 -44.26 -24.82
C LYS F 110 -7.00 -44.03 -26.32
N GLY G 1 -2.81 -7.80 -13.38
CA GLY G 1 -2.73 -7.22 -12.02
C GLY G 1 -3.75 -7.82 -11.07
N ARG G 2 -3.73 -7.37 -9.81
CA ARG G 2 -4.67 -7.83 -8.79
C ARG G 2 -5.03 -6.65 -7.90
N GLN G 3 -6.28 -6.63 -7.44
CA GLN G 3 -6.83 -5.49 -6.71
C GLN G 3 -7.26 -5.92 -5.31
N PHE G 4 -7.31 -4.94 -4.41
CA PHE G 4 -7.97 -5.15 -3.12
C PHE G 4 -9.47 -5.30 -3.33
N GLY G 5 -10.06 -6.29 -2.66
CA GLY G 5 -11.46 -6.64 -2.84
C GLY G 5 -11.71 -7.80 -3.78
N HIS G 6 -10.65 -8.33 -4.41
CA HIS G 6 -10.74 -9.51 -5.25
C HIS G 6 -9.64 -10.52 -4.92
N LEU G 7 -8.98 -10.38 -3.77
CA LEU G 7 -7.88 -11.27 -3.45
C LEU G 7 -8.38 -12.64 -3.00
N THR G 8 -8.93 -12.72 -1.78
CA THR G 8 -9.34 -14.01 -1.23
C THR G 8 -10.56 -13.82 -0.31
N ARG G 9 -10.91 -14.89 0.41
CA ARG G 9 -12.04 -14.90 1.32
C ARG G 9 -11.54 -15.06 2.76
N VAL G 10 -12.05 -14.23 3.66
CA VAL G 10 -11.67 -14.26 5.07
C VAL G 10 -12.92 -14.01 5.90
N ARG G 11 -13.03 -14.73 7.02
CA ARG G 11 -14.19 -14.64 7.89
C ARG G 11 -13.78 -14.73 9.34
N HIS G 12 -14.40 -13.90 10.18
CA HIS G 12 -14.35 -14.03 11.64
C HIS G 12 -13.01 -13.61 12.22
N VAL G 13 -12.28 -12.75 11.52
CA VAL G 13 -10.95 -12.29 11.94
C VAL G 13 -11.02 -10.81 12.24
N ILE G 14 -10.64 -10.43 13.46
CA ILE G 14 -10.67 -9.04 13.91
C ILE G 14 -9.24 -8.53 14.03
N THR G 15 -9.01 -7.30 13.58
CA THR G 15 -7.72 -6.63 13.65
C THR G 15 -7.87 -5.33 14.43
N TYR G 16 -7.14 -5.20 15.53
CA TYR G 16 -7.03 -3.96 16.26
C TYR G 16 -5.72 -3.26 15.88
N SER G 17 -5.80 -1.96 15.61
CA SER G 17 -4.63 -1.17 15.23
C SER G 17 -4.65 0.17 15.92
N LEU G 18 -3.47 0.70 16.19
CA LEU G 18 -3.31 2.01 16.81
C LEU G 18 -2.68 2.99 15.83
N SER G 19 -3.06 4.25 15.96
CA SER G 19 -2.50 5.29 15.11
C SER G 19 -0.99 5.41 15.35
N PRO G 20 -0.22 5.81 14.33
CA PRO G 20 1.24 5.93 14.54
C PRO G 20 1.63 7.15 15.36
N PHE G 21 0.75 8.15 15.49
CA PHE G 21 1.02 9.28 16.36
C PHE G 21 0.63 9.01 17.81
N GLU G 22 0.01 7.87 18.12
CA GLU G 22 -0.36 7.52 19.48
C GLU G 22 0.65 6.59 20.16
N GLN G 23 1.61 6.04 19.41
CA GLN G 23 2.54 5.05 19.93
C GLN G 23 3.98 5.43 19.57
N ARG G 24 4.92 4.65 20.07
CA ARG G 24 6.34 4.94 19.92
C ARG G 24 6.93 4.08 18.81
N ALA G 25 7.72 4.71 17.95
CA ALA G 25 8.35 4.03 16.82
C ALA G 25 9.52 3.14 17.24
N PHE G 26 10.15 3.43 18.38
CA PHE G 26 11.21 2.59 18.95
C PHE G 26 10.80 2.20 20.36
N PRO G 27 9.88 1.23 20.51
CA PRO G 27 9.52 0.76 21.86
C PRO G 27 10.36 -0.42 22.30
N HIS G 28 11.10 -0.26 23.40
CA HIS G 28 11.95 -1.34 23.92
C HIS G 28 12.93 -1.81 22.84
N TYR G 29 13.59 -0.84 22.19
CA TYR G 29 14.46 -1.16 21.07
C TYR G 29 15.59 -2.09 21.48
N PHE G 30 16.20 -1.83 22.63
CA PHE G 30 17.25 -2.69 23.16
C PHE G 30 16.73 -3.69 24.18
N SER G 31 15.65 -3.35 24.89
CA SER G 31 15.11 -4.24 25.92
C SER G 31 14.65 -5.56 25.30
N LYS G 32 13.82 -5.49 24.27
CA LYS G 32 13.33 -6.67 23.56
C LYS G 32 14.08 -6.95 22.26
N GLY G 33 14.85 -5.99 21.74
CA GLY G 33 15.46 -6.19 20.43
C GLY G 33 16.62 -7.17 20.46
N ILE G 34 17.58 -6.95 21.37
CA ILE G 34 18.76 -7.81 21.42
C ILE G 34 18.41 -9.26 21.69
N PRO G 35 17.61 -9.60 22.72
CA PRO G 35 17.26 -11.01 22.94
C PRO G 35 16.64 -11.67 21.72
N ASN G 36 15.92 -10.91 20.89
CA ASN G 36 15.34 -11.46 19.67
C ASN G 36 16.42 -11.71 18.62
N VAL G 37 17.43 -10.84 18.55
CA VAL G 37 18.55 -11.07 17.62
C VAL G 37 19.34 -12.31 18.04
N LEU G 38 19.50 -12.51 19.35
CA LEU G 38 20.20 -13.70 19.81
C LEU G 38 19.43 -14.97 19.45
N ARG G 39 18.11 -14.95 19.63
CA ARG G 39 17.30 -16.10 19.26
C ARG G 39 17.39 -16.38 17.77
N ARG G 40 17.41 -15.32 16.95
CA ARG G 40 17.40 -15.50 15.51
C ARG G 40 18.72 -16.06 15.00
N THR G 41 19.83 -15.57 15.53
CA THR G 41 21.14 -16.10 15.12
C THR G 41 21.34 -17.51 15.66
N ARG G 42 20.96 -17.74 16.92
CA ARG G 42 21.06 -19.06 17.52
C ARG G 42 20.32 -20.09 16.68
N ALA G 43 19.15 -19.72 16.16
CA ALA G 43 18.30 -20.67 15.45
C ALA G 43 18.85 -21.07 14.08
N CYS G 44 19.71 -20.24 13.48
CA CYS G 44 20.19 -20.48 12.13
C CYS G 44 21.70 -20.66 12.01
N ILE G 45 22.47 -20.48 13.08
CA ILE G 45 23.92 -20.43 12.95
C ILE G 45 24.46 -21.78 12.47
N LEU G 46 23.86 -22.88 12.92
CA LEU G 46 24.37 -24.19 12.56
C LEU G 46 24.13 -24.53 11.11
N ARG G 47 23.20 -23.84 10.45
CA ARG G 47 22.91 -24.08 9.04
C ARG G 47 23.73 -23.21 8.11
N VAL G 48 24.25 -22.09 8.60
CA VAL G 48 24.98 -21.13 7.79
C VAL G 48 26.49 -21.22 8.02
N ALA G 49 26.90 -21.31 9.30
CA ALA G 49 28.32 -21.21 9.63
C ALA G 49 29.17 -22.34 9.06
N PRO G 50 28.79 -23.62 9.16
CA PRO G 50 29.72 -24.72 8.78
C PRO G 50 30.28 -24.57 7.38
N PRO G 51 29.46 -24.35 6.34
CA PRO G 51 30.04 -24.26 4.99
C PRO G 51 31.03 -23.11 4.85
N PHE G 52 30.85 -22.01 5.59
CA PHE G 52 31.77 -20.89 5.50
C PHE G 52 33.01 -21.10 6.37
N VAL G 53 32.90 -21.89 7.44
CA VAL G 53 34.11 -22.34 8.12
C VAL G 53 34.88 -23.31 7.22
N ALA G 54 34.16 -24.22 6.55
CA ALA G 54 34.81 -25.13 5.61
C ALA G 54 35.56 -24.36 4.54
N PHE G 55 34.98 -23.26 4.05
CA PHE G 55 35.69 -22.41 3.09
C PHE G 55 36.92 -21.79 3.73
N TYR G 56 36.81 -21.35 5.00
CA TYR G 56 37.95 -20.72 5.64
C TYR G 56 39.14 -21.66 5.75
N LEU G 57 38.88 -22.93 6.07
CA LEU G 57 39.96 -23.89 6.22
C LEU G 57 40.64 -24.19 4.89
N VAL G 58 39.85 -24.35 3.82
CA VAL G 58 40.44 -24.56 2.50
C VAL G 58 41.22 -23.33 2.08
N TYR G 59 40.73 -22.13 2.42
CA TYR G 59 41.36 -20.90 1.98
C TYR G 59 42.74 -20.73 2.60
N THR G 60 42.87 -21.03 3.89
CA THR G 60 44.17 -20.87 4.55
C THR G 60 45.14 -21.96 4.13
N TRP G 61 44.65 -23.20 4.00
CA TRP G 61 45.52 -24.29 3.57
C TRP G 61 46.03 -24.05 2.15
N GLY G 62 45.14 -23.68 1.24
CA GLY G 62 45.53 -23.51 -0.15
C GLY G 62 46.56 -22.41 -0.34
N THR G 63 46.39 -21.29 0.34
CA THR G 63 47.37 -20.22 0.27
C THR G 63 48.66 -20.62 0.98
N GLN G 64 48.53 -21.26 2.15
CA GLN G 64 49.73 -21.69 2.88
C GLN G 64 50.58 -22.64 2.04
N GLU G 65 49.94 -23.58 1.33
CA GLU G 65 50.69 -24.44 0.42
C GLU G 65 51.31 -23.63 -0.70
N PHE G 66 50.49 -22.86 -1.42
CA PHE G 66 50.99 -22.10 -2.56
C PHE G 66 52.08 -21.12 -2.15
N GLU G 67 51.90 -20.43 -1.02
CA GLU G 67 52.86 -19.42 -0.60
C GLU G 67 54.24 -20.01 -0.36
N LYS G 68 54.33 -21.30 -0.07
CA LYS G 68 55.58 -21.98 0.17
C LYS G 68 55.92 -23.07 -0.85
N SER G 69 55.00 -23.41 -1.74
CA SER G 69 55.29 -24.43 -2.74
C SER G 69 56.41 -23.99 -3.68
N LYS G 70 56.58 -22.68 -3.86
CA LYS G 70 57.65 -22.15 -4.71
C LYS G 70 58.92 -21.82 -3.93
N ARG G 71 58.96 -22.13 -2.63
CA ARG G 71 60.22 -22.17 -1.92
C ARG G 71 61.12 -23.25 -2.51
N LYS G 72 62.42 -23.16 -2.23
CA LYS G 72 63.38 -24.11 -2.76
C LYS G 72 63.70 -25.19 -1.72
N ASN G 73 64.01 -26.38 -2.23
CA ASN G 73 64.48 -27.50 -1.43
C ASN G 73 65.95 -27.80 -1.74
N PRO G 74 66.69 -28.40 -0.82
CA PRO G 74 68.14 -28.58 -1.05
C PRO G 74 68.45 -29.45 -2.26
N ALA G 75 67.57 -30.37 -2.63
CA ALA G 75 67.81 -31.23 -3.79
C ALA G 75 67.70 -30.43 -5.08
N GLU H 12 80.19 12.86 4.83
CA GLU H 12 80.16 14.32 4.93
C GLU H 12 78.80 14.80 5.43
N LEU H 13 77.73 14.13 4.97
CA LEU H 13 76.36 14.47 5.36
C LEU H 13 75.67 13.21 5.89
N VAL H 14 74.97 13.36 7.02
CA VAL H 14 74.37 12.23 7.72
C VAL H 14 73.23 11.62 6.90
N ASP H 15 72.55 10.62 7.48
CA ASP H 15 71.44 9.93 6.83
C ASP H 15 70.57 9.24 7.87
N PRO H 16 69.38 9.78 8.20
CA PRO H 16 68.48 9.06 9.11
C PRO H 16 68.11 7.65 8.64
N LEU H 17 68.25 7.35 7.34
CA LEU H 17 67.93 6.01 6.86
C LEU H 17 68.90 4.97 7.42
N THR H 18 70.20 5.28 7.43
CA THR H 18 71.20 4.27 7.79
C THR H 18 71.25 4.01 9.29
N THR H 19 70.95 5.01 10.11
CA THR H 19 71.02 4.82 11.57
C THR H 19 69.93 3.87 12.06
N VAL H 20 68.73 3.94 11.48
CA VAL H 20 67.63 3.11 11.95
C VAL H 20 67.89 1.65 11.60
N ARG H 21 68.50 1.40 10.44
CA ARG H 21 68.72 0.02 10.00
C ARG H 21 69.73 -0.70 10.88
N GLU H 22 70.70 0.02 11.45
CA GLU H 22 71.68 -0.63 12.32
C GLU H 22 71.08 -0.96 13.69
N GLN H 23 70.15 -0.14 14.18
CA GLN H 23 69.42 -0.46 15.40
C GLN H 23 68.16 -1.26 15.15
N CYS H 24 67.88 -1.63 13.90
CA CYS H 24 66.78 -2.53 13.57
C CYS H 24 67.25 -3.98 13.55
N GLU H 25 68.44 -4.24 13.00
CA GLU H 25 68.99 -5.59 12.88
C GLU H 25 69.41 -6.19 14.22
N GLN H 26 69.20 -5.49 15.34
CA GLN H 26 69.61 -6.00 16.65
C GLN H 26 68.55 -6.88 17.30
N LEU H 27 67.27 -6.66 17.00
CA LEU H 27 66.22 -7.44 17.64
C LEU H 27 66.27 -8.89 17.16
N GLU H 28 65.76 -9.79 17.99
CA GLU H 28 65.95 -11.23 17.78
C GLU H 28 65.45 -11.68 16.41
N LYS H 29 64.37 -11.08 15.93
CA LYS H 29 63.76 -11.55 14.68
C LYS H 29 64.65 -11.27 13.47
N CYS H 30 65.57 -10.32 13.56
CA CYS H 30 66.39 -9.90 12.42
C CYS H 30 67.74 -10.58 12.38
N VAL H 31 68.36 -10.85 13.53
CA VAL H 31 69.66 -11.53 13.53
C VAL H 31 69.52 -12.96 13.06
N LYS H 32 68.38 -13.60 13.31
CA LYS H 32 68.17 -14.97 12.87
C LYS H 32 68.18 -15.06 11.35
N ALA H 33 67.52 -14.12 10.68
CA ALA H 33 67.58 -14.07 9.22
C ALA H 33 68.98 -13.78 8.73
N ARG H 34 69.76 -13.01 9.50
CA ARG H 34 71.15 -12.75 9.14
C ARG H 34 71.99 -14.01 9.26
N GLU H 35 71.70 -14.85 10.26
CA GLU H 35 72.49 -16.07 10.45
C GLU H 35 72.17 -17.12 9.39
N ARG H 36 70.94 -17.13 8.88
CA ARG H 36 70.56 -18.14 7.90
C ARG H 36 71.06 -17.81 6.49
N LEU H 37 71.28 -16.53 6.20
CA LEU H 37 71.86 -16.13 4.93
C LEU H 37 73.39 -16.10 4.97
N GLU H 38 73.97 -15.82 6.15
CA GLU H 38 75.42 -15.92 6.29
C GLU H 38 75.86 -17.37 6.21
N LEU H 39 75.01 -18.32 6.60
CA LEU H 39 75.26 -19.72 6.31
C LEU H 39 75.18 -19.97 4.81
N CYS H 40 74.12 -19.49 4.17
CA CYS H 40 73.97 -19.64 2.73
C CYS H 40 75.01 -18.82 1.96
N ASP H 41 75.63 -17.83 2.60
CA ASP H 41 76.77 -17.15 1.98
C ASP H 41 77.98 -18.07 1.90
N GLU H 42 78.13 -18.99 2.87
CA GLU H 42 79.24 -19.93 2.90
C GLU H 42 78.87 -21.33 2.44
N ARG H 43 77.57 -21.63 2.29
CA ARG H 43 77.17 -22.95 1.83
C ARG H 43 77.45 -23.14 0.34
N VAL H 44 76.96 -22.22 -0.49
CA VAL H 44 77.14 -22.34 -1.93
C VAL H 44 78.56 -21.95 -2.34
N SER H 45 79.13 -20.95 -1.70
CA SER H 45 80.50 -20.53 -1.98
C SER H 45 81.54 -21.47 -1.38
N SER H 46 81.12 -22.61 -0.83
CA SER H 46 82.08 -23.66 -0.48
C SER H 46 82.95 -24.00 -1.66
N ARG H 47 82.33 -24.22 -2.82
CA ARG H 47 83.05 -24.24 -4.09
C ARG H 47 82.04 -24.09 -5.21
N SER H 48 82.22 -23.07 -6.04
CA SER H 48 81.22 -22.69 -7.03
C SER H 48 81.11 -23.74 -8.12
N GLN H 49 79.87 -24.12 -8.42
CA GLN H 49 79.54 -25.05 -9.49
C GLN H 49 78.03 -25.12 -9.67
N THR H 50 77.32 -25.23 -8.55
CA THR H 50 75.87 -25.43 -8.55
C THR H 50 75.13 -24.31 -9.25
N GLU H 51 73.81 -24.47 -9.38
CA GLU H 51 72.92 -23.40 -9.81
C GLU H 51 72.08 -22.85 -8.67
N GLU H 52 72.34 -23.27 -7.44
CA GLU H 52 71.55 -22.87 -6.28
C GLU H 52 71.92 -21.44 -5.90
N ASP H 53 71.11 -20.48 -6.35
CA ASP H 53 71.30 -19.11 -5.94
C ASP H 53 71.00 -18.97 -4.44
N CYS H 54 71.08 -17.74 -3.95
CA CYS H 54 70.78 -17.47 -2.54
C CYS H 54 69.95 -16.21 -2.41
N THR H 55 68.97 -16.05 -3.31
CA THR H 55 68.08 -14.89 -3.26
C THR H 55 66.99 -15.05 -2.21
N GLU H 56 66.57 -16.29 -1.95
CA GLU H 56 65.45 -16.52 -1.03
C GLU H 56 65.80 -16.10 0.39
N GLU H 57 66.99 -16.47 0.86
CA GLU H 57 67.38 -16.16 2.22
C GLU H 57 67.64 -14.66 2.42
N LEU H 58 67.80 -13.91 1.33
CA LEU H 58 67.96 -12.46 1.46
C LEU H 58 66.62 -11.75 1.55
N LEU H 59 65.63 -12.18 0.76
CA LEU H 59 64.34 -11.50 0.79
C LEU H 59 63.64 -11.68 2.14
N ASP H 60 63.89 -12.80 2.82
CA ASP H 60 63.33 -12.98 4.17
C ASP H 60 63.97 -12.01 5.15
N PHE H 61 65.27 -11.77 5.03
CA PHE H 61 65.94 -10.82 5.90
C PHE H 61 65.43 -9.39 5.66
N LEU H 62 65.16 -9.05 4.40
CA LEU H 62 64.64 -7.71 4.11
C LEU H 62 63.20 -7.55 4.56
N HIS H 63 62.43 -8.65 4.61
CA HIS H 63 61.05 -8.58 5.05
C HIS H 63 60.97 -8.18 6.52
N ALA H 64 61.70 -8.90 7.38
CA ALA H 64 61.69 -8.57 8.80
C ALA H 64 62.38 -7.24 9.07
N ARG H 65 63.39 -6.89 8.28
CA ARG H 65 64.10 -5.63 8.49
C ARG H 65 63.22 -4.45 8.07
N ASP H 66 62.77 -4.43 6.83
CA ASP H 66 62.00 -3.29 6.35
C ASP H 66 60.65 -3.15 7.07
N HIS H 67 60.23 -4.16 7.83
CA HIS H 67 59.04 -4.01 8.67
C HIS H 67 59.30 -3.04 9.81
N CYS H 68 60.44 -3.19 10.50
CA CYS H 68 60.74 -2.35 11.66
C CYS H 68 61.22 -0.96 11.29
N VAL H 69 61.73 -0.74 10.07
CA VAL H 69 62.13 0.61 9.70
C VAL H 69 60.90 1.48 9.52
N ALA H 70 59.86 0.95 8.86
CA ALA H 70 58.66 1.75 8.55
C ALA H 70 57.98 2.22 9.81
N HIS H 71 58.12 1.49 10.92
CA HIS H 71 57.53 1.87 12.18
C HIS H 71 57.98 3.27 12.59
N LYS H 72 59.30 3.48 12.69
CA LYS H 72 59.85 4.69 13.29
C LYS H 72 60.71 5.52 12.34
N LEU H 73 60.83 5.14 11.07
CA LEU H 73 61.62 5.93 10.13
C LEU H 73 61.06 7.33 9.98
N PHE H 74 59.75 7.44 9.76
CA PHE H 74 59.12 8.73 9.47
C PHE H 74 59.14 9.69 10.65
N ASN H 75 59.53 9.23 11.84
CA ASN H 75 59.59 10.13 13.00
C ASN H 75 60.70 11.16 12.89
N SER H 76 61.63 11.01 11.95
CA SER H 76 62.78 11.89 11.82
C SER H 76 62.68 12.87 10.66
N LEU H 77 61.72 12.70 9.75
CA LEU H 77 61.65 13.48 8.53
C LEU H 77 60.60 14.58 8.67
N LYS H 78 60.57 15.47 7.67
CA LYS H 78 59.63 16.60 7.64
C LYS H 78 58.48 16.34 6.67
N ARG I 20 -36.20 9.56 3.54
CA ARG I 20 -35.99 8.11 3.56
C ARG I 20 -37.33 7.40 3.33
N GLY I 21 -37.32 6.32 2.56
CA GLY I 21 -38.54 5.60 2.25
C GLY I 21 -39.11 4.91 3.48
N VAL I 22 -40.45 4.82 3.52
CA VAL I 22 -41.18 4.35 4.70
C VAL I 22 -42.26 3.37 4.27
N ALA I 23 -42.55 2.42 5.16
CA ALA I 23 -43.73 1.57 5.07
C ALA I 23 -44.24 1.34 6.48
N GLY I 24 -45.49 1.72 6.74
CA GLY I 24 -46.09 1.55 8.04
C GLY I 24 -47.42 0.83 7.91
N ALA I 25 -47.82 0.20 9.02
CA ALA I 25 -49.00 -0.67 8.97
C ALA I 25 -49.53 -1.12 10.33
N LEU I 26 -48.99 -0.59 11.43
CA LEU I 26 -49.27 -1.12 12.76
C LEU I 26 -50.44 -0.45 13.47
N ARG I 27 -51.13 0.49 12.81
CA ARG I 27 -52.25 1.21 13.44
C ARG I 27 -53.38 1.47 12.44
N ASP I 44 -28.59 -5.30 2.54
CA ASP I 44 -28.17 -5.22 3.93
C ASP I 44 -29.06 -6.09 4.80
N LEU I 45 -28.45 -7.04 5.51
CA LEU I 45 -29.22 -7.87 6.45
C LEU I 45 -29.78 -6.98 7.55
N LYS I 46 -31.11 -6.93 7.64
CA LYS I 46 -31.78 -6.01 8.56
C LYS I 46 -31.46 -6.38 10.00
N ARG I 47 -32.29 -7.23 10.63
CA ARG I 47 -32.04 -7.71 11.98
C ARG I 47 -33.04 -8.81 12.26
N SER I 48 -32.61 -9.78 13.07
CA SER I 48 -33.42 -10.94 13.41
C SER I 48 -34.17 -10.73 14.72
N VAL I 49 -35.22 -11.52 14.90
CA VAL I 49 -36.03 -11.50 16.11
C VAL I 49 -36.15 -12.92 16.63
N LEU I 50 -35.92 -13.11 17.92
CA LEU I 50 -35.86 -14.43 18.52
C LEU I 50 -36.78 -14.54 19.74
N CYS I 51 -36.71 -13.55 20.63
CA CYS I 51 -37.44 -13.62 21.88
C CYS I 51 -38.88 -13.13 21.70
N ARG I 52 -39.67 -13.24 22.77
CA ARG I 52 -41.07 -12.85 22.75
C ARG I 52 -41.29 -11.39 23.12
N GLU I 53 -40.30 -10.75 23.74
CA GLU I 53 -40.44 -9.34 24.12
C GLU I 53 -40.13 -8.41 22.96
N SER I 54 -39.09 -8.74 22.16
CA SER I 54 -38.78 -7.98 20.96
C SER I 54 -39.73 -8.28 19.80
N LEU I 55 -40.60 -9.29 19.95
CA LEU I 55 -41.54 -9.65 18.90
C LEU I 55 -42.87 -8.91 19.03
N ARG I 56 -43.19 -8.39 20.22
CA ARG I 56 -44.40 -7.59 20.38
C ARG I 56 -44.24 -6.25 19.68
N GLY I 57 -45.29 -5.83 18.97
CA GLY I 57 -45.26 -4.65 18.15
C GLY I 57 -45.08 -4.91 16.66
N GLN I 58 -44.90 -6.17 16.26
CA GLN I 58 -44.63 -6.51 14.87
C GLN I 58 -45.90 -6.84 14.09
N ALA I 59 -46.90 -7.44 14.73
CA ALA I 59 -48.12 -7.82 14.03
C ALA I 59 -48.83 -6.57 13.50
N ALA I 60 -49.24 -6.63 12.24
CA ALA I 60 -49.87 -5.48 11.59
C ALA I 60 -51.24 -5.20 12.19
N GLY I 61 -51.66 -3.93 12.08
CA GLY I 61 -52.89 -3.48 12.71
C GLY I 61 -53.74 -2.58 11.83
N PRO I 63 -53.48 -1.36 8.01
CA PRO I 63 -53.58 -0.84 6.65
C PRO I 63 -52.26 -0.27 6.19
N LEU I 64 -51.80 -0.66 5.01
CA LEU I 64 -50.45 -0.31 4.59
C LEU I 64 -50.40 1.12 4.07
N VAL I 65 -49.21 1.71 4.18
CA VAL I 65 -48.93 3.06 3.70
C VAL I 65 -47.55 3.04 3.08
N ALA I 66 -47.39 3.71 1.94
CA ALA I 66 -46.12 3.79 1.23
C ALA I 66 -45.76 5.25 1.02
N SER I 67 -44.56 5.64 1.45
CA SER I 67 -44.13 7.03 1.40
C SER I 67 -42.74 7.15 0.78
N VAL I 68 -42.49 8.30 0.17
CA VAL I 68 -41.27 8.58 -0.58
C VAL I 68 -40.91 10.04 -0.35
N SER I 69 -39.62 10.36 -0.46
CA SER I 69 -39.15 11.70 -0.11
C SER I 69 -38.00 12.08 -1.03
N LEU I 70 -37.26 13.12 -0.64
CA LEU I 70 -35.98 13.50 -1.25
C LEU I 70 -34.80 13.28 -0.28
N VAL J 1 0.70 25.72 31.90
CA VAL J 1 0.32 24.76 30.83
C VAL J 1 0.65 25.37 29.46
N ALA J 2 1.80 26.02 29.37
CA ALA J 2 2.23 26.59 28.10
C ALA J 2 2.70 25.46 27.19
N PRO J 3 2.25 25.39 25.93
CA PRO J 3 2.64 24.26 25.08
C PRO J 3 4.15 24.24 24.84
N THR J 4 4.71 23.04 24.84
CA THR J 4 6.13 22.87 24.63
C THR J 4 6.54 23.41 23.25
N LEU J 5 7.85 23.43 23.01
CA LEU J 5 8.37 23.96 21.75
C LEU J 5 7.85 23.16 20.56
N THR J 6 7.77 21.84 20.70
CA THR J 6 7.32 21.01 19.59
C THR J 6 5.87 21.32 19.22
N ALA J 7 5.02 21.62 20.22
CA ALA J 7 3.63 21.93 19.95
C ALA J 7 3.49 23.30 19.29
N ARG J 8 4.28 24.28 19.74
CA ARG J 8 4.20 25.61 19.15
C ARG J 8 4.82 25.63 17.75
N LEU J 9 5.79 24.74 17.49
CA LEU J 9 6.30 24.61 16.12
C LEU J 9 5.22 24.07 15.19
N TYR J 10 4.44 23.10 15.65
CA TYR J 10 3.40 22.52 14.81
C TYR J 10 2.32 23.55 14.49
N SER J 11 1.81 24.24 15.51
CA SER J 11 0.72 25.18 15.32
C SER J 11 1.08 26.29 14.35
N LEU J 12 2.34 26.73 14.35
CA LEU J 12 2.77 27.90 13.59
C LEU J 12 3.37 27.56 12.24
N LEU J 13 4.09 26.45 12.12
CA LEU J 13 4.84 26.10 10.92
C LEU J 13 4.29 24.90 10.16
N PHE J 14 3.94 23.82 10.86
CA PHE J 14 3.78 22.53 10.20
C PHE J 14 2.35 22.23 9.76
N ARG J 15 1.34 22.76 10.44
CA ARG J 15 -0.05 22.39 10.14
C ARG J 15 -0.38 22.61 8.67
N ARG J 16 -0.05 23.79 8.14
CA ARG J 16 -0.19 24.05 6.71
C ARG J 16 0.99 23.46 5.97
N THR J 17 0.70 22.78 4.85
CA THR J 17 1.76 22.20 4.06
C THR J 17 2.64 23.26 3.43
N SER J 18 2.05 24.39 3.04
CA SER J 18 2.82 25.46 2.41
C SER J 18 3.89 26.00 3.38
N THR J 19 3.47 26.38 4.59
CA THR J 19 4.44 26.83 5.59
C THR J 19 5.38 25.70 6.00
N PHE J 20 4.90 24.46 5.95
CA PHE J 20 5.78 23.32 6.20
C PHE J 20 6.87 23.22 5.14
N ALA J 21 6.53 23.53 3.88
CA ALA J 21 7.50 23.50 2.81
C ALA J 21 8.38 24.74 2.80
N LEU J 22 7.82 25.90 3.15
CA LEU J 22 8.60 27.13 3.20
C LEU J 22 9.78 26.99 4.15
N THR J 23 9.55 26.41 5.32
CA THR J 23 10.62 26.27 6.31
C THR J 23 11.58 25.14 5.98
N ILE J 24 11.20 24.22 5.09
CA ILE J 24 12.16 23.27 4.56
C ILE J 24 13.15 23.98 3.64
N VAL J 25 12.64 24.82 2.74
CA VAL J 25 13.52 25.51 1.81
C VAL J 25 14.39 26.52 2.56
N VAL J 26 13.81 27.22 3.53
CA VAL J 26 14.59 28.14 4.35
C VAL J 26 15.51 27.36 5.27
N GLY J 27 15.03 26.25 5.82
CA GLY J 27 15.90 25.39 6.63
C GLY J 27 17.09 24.87 5.84
N ALA J 28 16.88 24.58 4.55
CA ALA J 28 17.98 24.15 3.70
C ALA J 28 19.00 25.28 3.50
N LEU J 29 18.52 26.51 3.34
CA LEU J 29 19.40 27.63 3.05
C LEU J 29 20.35 27.90 4.22
N PHE J 30 19.81 27.96 5.43
CA PHE J 30 20.64 28.24 6.61
C PHE J 30 21.40 27.00 7.07
N PHE J 31 20.87 25.80 6.85
CA PHE J 31 21.63 24.59 7.14
C PHE J 31 22.85 24.47 6.25
N GLU J 32 22.73 24.91 4.98
CA GLU J 32 23.84 24.77 4.04
C GLU J 32 25.03 25.61 4.48
N ARG J 33 24.80 26.86 4.89
CA ARG J 33 25.90 27.71 5.33
C ARG J 33 26.60 27.12 6.55
N ALA J 34 25.84 26.78 7.60
CA ALA J 34 26.44 26.36 8.85
C ALA J 34 27.05 24.96 8.74
N PHE J 35 26.56 24.13 7.81
CA PHE J 35 27.12 22.79 7.66
C PHE J 35 28.44 22.82 6.91
N ASP J 36 28.49 23.53 5.77
CA ASP J 36 29.75 23.65 5.04
C ASP J 36 30.76 24.49 5.80
N GLN J 37 30.29 25.49 6.55
CA GLN J 37 31.19 26.26 7.41
C GLN J 37 31.82 25.37 8.47
N GLY J 38 30.99 24.69 9.26
CA GLY J 38 31.51 23.86 10.32
C GLY J 38 32.27 22.66 9.81
N ALA J 39 31.79 22.03 8.75
CA ALA J 39 32.43 20.82 8.23
C ALA J 39 33.82 21.13 7.71
N ASP J 40 33.94 22.17 6.88
CA ASP J 40 35.27 22.57 6.39
C ASP J 40 36.19 22.93 7.53
N ALA J 41 35.66 23.50 8.61
CA ALA J 41 36.49 23.85 9.76
C ALA J 41 37.07 22.62 10.44
N ILE J 42 36.37 21.49 10.39
CA ILE J 42 36.90 20.26 10.96
C ILE J 42 37.95 19.64 10.04
N TYR J 43 37.67 19.61 8.74
CA TYR J 43 38.56 18.94 7.80
C TYR J 43 39.96 19.54 7.82
N GLU J 44 40.05 20.86 8.01
CA GLU J 44 41.34 21.54 8.02
C GLU J 44 41.98 21.60 9.40
N HIS J 45 41.19 21.62 10.47
CA HIS J 45 41.78 21.55 11.81
C HIS J 45 42.50 20.22 12.01
N ILE J 46 41.94 19.14 11.45
CA ILE J 46 42.66 17.86 11.41
C ILE J 46 43.96 18.02 10.64
N ASN J 47 43.87 18.56 9.43
CA ASN J 47 45.02 18.71 8.54
C ASN J 47 45.62 20.11 8.64
N GLU J 48 45.85 20.56 9.87
CA GLU J 48 46.36 21.92 10.08
C GLU J 48 47.75 22.08 9.48
N GLY J 49 47.95 23.18 8.76
CA GLY J 49 49.25 23.47 8.18
C GLY J 49 49.74 22.42 7.21
N LYS J 50 48.82 21.72 6.53
CA LYS J 50 49.19 20.66 5.59
C LYS J 50 48.91 21.01 4.15
N LEU J 51 47.98 21.93 3.86
CA LEU J 51 47.59 22.22 2.49
C LEU J 51 47.65 23.73 2.23
N TRP J 52 47.37 24.09 0.97
CA TRP J 52 47.78 25.39 0.44
C TRP J 52 47.11 26.55 1.17
N LYS J 53 45.92 26.34 1.73
CA LYS J 53 45.23 27.41 2.43
C LYS J 53 46.08 27.97 3.58
N HIS J 54 46.93 27.13 4.18
CA HIS J 54 47.70 27.54 5.35
C HIS J 54 49.05 28.14 4.98
N ILE J 55 49.73 27.58 3.98
CA ILE J 55 51.06 28.03 3.60
C ILE J 55 50.97 29.10 2.51
N LYS J 56 49.77 29.63 2.28
CA LYS J 56 49.60 30.69 1.28
C LYS J 56 50.33 31.97 1.69
N HIS J 57 50.55 32.17 2.99
CA HIS J 57 51.14 33.39 3.50
C HIS J 57 52.64 33.48 3.27
N LYS J 58 53.33 32.35 3.09
CA LYS J 58 54.76 32.37 2.85
C LYS J 58 55.08 33.01 1.51
N TYR J 59 54.46 32.49 0.44
CA TYR J 59 54.83 32.84 -0.93
C TYR J 59 53.93 33.94 -1.50
N GLU J 60 53.50 34.89 -0.66
CA GLU J 60 52.67 35.99 -1.15
C GLU J 60 53.39 36.79 -2.22
N ASN J 61 54.60 37.26 -1.92
CA ASN J 61 55.45 37.93 -2.89
C ASN J 61 56.55 36.98 -3.38
N LEU K 1 -17.02 29.66 -20.83
CA LEU K 1 -15.81 30.42 -20.51
C LEU K 1 -16.02 31.21 -19.22
N THR K 2 -17.08 32.01 -19.16
CA THR K 2 -17.38 32.83 -18.00
C THR K 2 -18.29 32.12 -17.00
N ARG K 3 -18.25 30.78 -16.94
CA ARG K 3 -18.89 30.07 -15.85
C ARG K 3 -18.30 30.49 -14.51
N PHE K 4 -17.00 30.84 -14.50
CA PHE K 4 -16.22 30.95 -13.27
C PHE K 4 -16.07 32.39 -12.79
N LEU K 5 -17.09 33.23 -13.01
CA LEU K 5 -17.14 34.54 -12.38
C LEU K 5 -18.54 34.74 -11.79
N GLY K 6 -18.63 34.65 -10.47
CA GLY K 6 -19.83 34.94 -9.74
C GLY K 6 -19.53 34.98 -8.26
N PRO K 7 -20.57 35.13 -7.43
CA PRO K 7 -20.34 35.18 -5.97
C PRO K 7 -19.50 34.04 -5.42
N ARG K 8 -19.77 32.80 -5.81
CA ARG K 8 -19.08 31.67 -5.19
C ARG K 8 -17.63 31.55 -5.66
N TYR K 9 -17.35 31.93 -6.91
CA TYR K 9 -16.00 31.76 -7.45
C TYR K 9 -15.05 32.81 -6.94
N ARG K 10 -15.53 34.03 -6.65
CA ARG K 10 -14.70 35.02 -5.99
C ARG K 10 -14.47 34.68 -4.53
N GLN K 11 -15.38 33.91 -3.91
CA GLN K 11 -15.13 33.41 -2.56
C GLN K 11 -14.06 32.34 -2.55
N LEU K 12 -14.08 31.44 -3.53
CA LEU K 12 -13.03 30.44 -3.63
C LEU K 12 -11.67 31.08 -3.89
N ALA K 13 -11.64 32.10 -4.75
CA ALA K 13 -10.40 32.83 -5.00
C ALA K 13 -9.83 33.38 -3.70
N ARG K 14 -10.68 34.05 -2.91
CA ARG K 14 -10.21 34.67 -1.67
C ARG K 14 -9.89 33.64 -0.58
N ASN K 15 -10.38 32.40 -0.72
CA ASN K 15 -10.07 31.34 0.24
C ASN K 15 -8.68 30.77 0.01
N TRP K 16 -8.30 30.54 -1.26
CA TRP K 16 -7.02 29.95 -1.61
C TRP K 16 -5.93 30.97 -1.89
N VAL K 17 -6.24 32.27 -1.80
CA VAL K 17 -5.22 33.29 -2.04
C VAL K 17 -4.08 33.20 -1.03
N PRO K 18 -4.32 33.13 0.29
CA PRO K 18 -3.21 33.01 1.24
C PRO K 18 -2.30 31.82 0.98
N THR K 19 -2.83 30.74 0.41
CA THR K 19 -2.02 29.55 0.18
C THR K 19 -1.12 29.71 -1.04
N ALA K 20 -1.68 30.21 -2.16
CA ALA K 20 -0.90 30.33 -3.38
C ALA K 20 0.27 31.29 -3.21
N SER K 21 0.05 32.39 -2.48
CA SER K 21 1.15 33.33 -2.22
C SER K 21 2.24 32.69 -1.37
N LEU K 22 1.93 31.64 -0.61
CA LEU K 22 2.96 30.93 0.14
C LEU K 22 3.73 29.96 -0.75
N TRP K 23 3.04 29.29 -1.66
CA TRP K 23 3.73 28.43 -2.62
C TRP K 23 4.60 29.25 -3.57
N GLY K 24 4.27 30.53 -3.78
CA GLY K 24 5.17 31.42 -4.49
C GLY K 24 6.40 31.76 -3.68
N ALA K 25 6.28 31.78 -2.35
CA ALA K 25 7.44 31.95 -1.49
C ALA K 25 8.30 30.70 -1.49
N VAL K 26 7.69 29.51 -1.55
CA VAL K 26 8.46 28.28 -1.65
C VAL K 26 9.25 28.26 -2.95
N GLY K 27 8.58 28.53 -4.07
CA GLY K 27 9.25 28.51 -5.35
C GLY K 27 10.33 29.58 -5.46
N ALA K 28 9.99 30.82 -5.09
CA ALA K 28 10.95 31.91 -5.20
C ALA K 28 12.17 31.64 -4.32
N VAL K 29 11.94 31.32 -3.05
CA VAL K 29 13.06 31.00 -2.16
C VAL K 29 13.78 29.75 -2.68
N GLY K 30 13.03 28.78 -3.20
CA GLY K 30 13.65 27.59 -3.77
C GLY K 30 14.48 27.87 -5.00
N LEU K 31 14.09 28.87 -5.79
CA LEU K 31 14.88 29.25 -6.96
C LEU K 31 16.16 29.96 -6.55
N VAL K 32 16.07 30.87 -5.58
CA VAL K 32 17.25 31.56 -5.08
C VAL K 32 18.25 30.55 -4.50
N TRP K 33 17.76 29.66 -3.66
CA TRP K 33 18.64 28.73 -2.95
C TRP K 33 19.32 27.76 -3.89
N ALA K 34 18.61 27.27 -4.90
CA ALA K 34 19.17 26.26 -5.79
C ALA K 34 20.24 26.86 -6.71
N THR K 35 19.97 28.03 -7.28
CA THR K 35 20.87 28.65 -8.25
C THR K 35 21.94 29.52 -7.59
N ASP K 36 21.89 29.72 -6.27
CA ASP K 36 22.83 30.60 -5.56
C ASP K 36 22.78 32.00 -6.15
N TRP K 37 21.58 32.57 -6.17
CA TRP K 37 21.38 33.91 -6.74
C TRP K 37 21.92 34.94 -5.77
N ARG K 38 23.08 35.53 -6.09
CA ARG K 38 23.77 36.41 -5.16
C ARG K 38 23.11 37.77 -5.02
N LEU K 39 22.37 38.24 -6.03
CA LEU K 39 21.76 39.56 -5.94
C LEU K 39 20.79 39.65 -4.77
N ILE K 40 20.08 38.57 -4.47
CA ILE K 40 19.18 38.57 -3.32
C ILE K 40 19.94 38.26 -2.03
N LEU K 41 20.82 37.25 -2.07
CA LEU K 41 21.39 36.68 -0.85
C LEU K 41 22.38 37.59 -0.14
N ASP K 42 22.61 38.83 -0.60
CA ASP K 42 23.54 39.71 0.09
C ASP K 42 22.91 40.43 1.28
N TRP K 43 21.62 40.77 1.20
CA TRP K 43 20.99 41.55 2.25
C TRP K 43 20.62 40.70 3.46
N VAL K 44 20.29 39.43 3.23
CA VAL K 44 20.05 38.53 4.37
C VAL K 44 21.35 38.35 5.15
N PRO K 45 21.35 38.48 6.50
CA PRO K 45 22.62 38.75 7.20
C PRO K 45 23.60 37.58 7.26
N TYR K 46 23.11 36.39 7.63
CA TYR K 46 24.02 35.35 8.09
C TYR K 46 24.71 34.62 6.94
N ILE K 47 24.02 34.36 5.84
CA ILE K 47 24.61 33.56 4.77
C ILE K 47 25.75 34.28 4.06
N ASN K 48 25.90 35.58 4.26
CA ASN K 48 27.01 36.33 3.66
C ASN K 48 28.34 35.70 4.04
N GLY K 49 29.06 35.21 3.04
CA GLY K 49 30.33 34.56 3.23
C GLY K 49 30.57 33.51 2.16
N LYS K 50 31.83 33.36 1.77
CA LYS K 50 32.23 32.41 0.73
C LYS K 50 31.52 32.73 -0.59
O1 6PE L . 1.06 9.74 1.29
O2 6PE L . 0.53 11.30 3.29
P1 6PE L . 0.70 11.08 1.82
O3 6PE L . 1.78 12.06 1.31
C1 6PE L . 3.13 11.72 1.50
C2 6PE L . 3.82 11.02 0.24
C3 6PE L . 3.17 11.52 -1.15
O4 6PE L . 4.12 11.94 -2.15
C4 6PE L . 4.69 13.22 -2.03
O5 6PE L . 4.45 13.88 -1.06
C5 6PE L . 5.80 13.66 -3.07
C6 6PE L . 6.20 15.20 -3.09
C7 6PE L . 7.33 15.66 -4.08
C8 6PE L . 8.02 17.03 -3.77
C9 6PE L . 9.04 17.53 -4.80
O6 6PE L . 5.27 11.16 0.21
C10 6PE L . 6.06 10.03 -0.05
O7 6PE L . 6.13 9.17 0.78
C11 6PE L . 6.42 9.70 -1.56
C12 6PE L . 7.94 9.42 -1.85
C13 6PE L . 8.47 9.84 -3.27
C14 6PE L . 9.87 9.32 -3.68
C15 6PE L . 10.24 9.52 -5.15
O8 6PE L . -0.58 11.52 1.07
C16 6PE L . -1.19 12.74 1.43
C17 6PE L . -2.69 12.76 1.04
N1 6PE L . -3.34 14.03 1.38
H1 6PE L . 3.28 11.07 2.36
H2 6PE L . 3.71 12.64 1.77
H3 6PE L . 3.54 9.96 0.37
H4 6PE L . 2.46 12.34 -0.92
H5 6PE L . 2.50 10.73 -1.54
H6 6PE L . 5.52 13.38 -4.08
H7 6PE L . 6.73 13.09 -2.91
H8 6PE L . 6.50 15.49 -2.07
H9 6PE L . 5.31 15.79 -3.27
H10 6PE L . 6.94 15.73 -5.11
H11 6PE L . 8.12 14.90 -4.15
H12 6PE L . 8.55 16.99 -2.80
H13 6PE L . 7.28 17.82 -3.62
H14 6PE L . 9.38 18.56 -4.62
H15 6PE L . 8.63 17.55 -5.81
H16 6PE L . 9.95 16.94 -4.83
H17 6PE L . 6.13 10.52 -2.22
H18 6PE L . 5.85 8.86 -1.95
H19 6PE L . 8.12 8.34 -1.73
H20 6PE L . 8.54 9.90 -1.08
H21 6PE L . 8.49 10.95 -3.33
H22 6PE L . 7.75 9.55 -4.04
H23 6PE L . 9.97 8.25 -3.44
H24 6PE L . 10.65 9.79 -3.07
H25 6PE L . 11.30 9.33 -5.37
H26 6PE L . 10.04 10.52 -5.53
H27 6PE L . 9.71 8.85 -5.85
H28 6PE L . -0.68 13.60 0.96
H29 6PE L . -1.09 12.93 2.51
H30 6PE L . -3.21 11.93 1.54
H31 6PE L . -2.81 12.54 -0.04
H32 6PE L . -2.66 14.69 1.75
H33 6PE L . -3.70 14.48 0.53
C1 CDL M . -5.86 14.22 -3.77
O1 CDL M . -7.19 14.47 -3.39
CA2 CDL M . -4.92 14.56 -2.60
OA2 CDL M . -4.92 15.95 -2.38
PA1 CDL M . -3.54 16.64 -1.94
OA3 CDL M . -3.12 16.09 -0.59
OA4 CDL M . -3.76 18.12 -1.82
OA5 CDL M . -2.38 16.30 -3.01
CA3 CDL M . -2.41 16.90 -4.31
CA4 CDL M . -0.96 17.07 -4.80
OA6 CDL M . -0.52 18.36 -4.49
CA5 CDL M . 0.83 18.50 -3.94
OA7 CDL M . 1.23 17.71 -3.13
C11 CDL M . 1.73 19.68 -4.42
C12 CDL M . 2.84 20.04 -3.39
C13 CDL M . 4.26 19.56 -3.86
C14 CDL M . 5.42 20.50 -3.38
C15 CDL M . 6.41 20.71 -4.54
C16 CDL M . 7.74 21.31 -4.03
C17 CDL M . 8.02 22.65 -4.73
CA6 CDL M . -0.88 16.84 -6.31
OA8 CDL M . 0.16 17.66 -6.88
CA7 CDL M . 1.15 16.95 -7.66
OA9 CDL M . 0.80 16.09 -8.45
C31 CDL M . 2.67 17.29 -7.47
C32 CDL M . 3.57 16.32 -8.27
C33 CDL M . 5.02 16.42 -7.71
C34 CDL M . 6.06 15.93 -8.76
C35 CDL M . 7.48 16.10 -8.20
C36 CDL M . 8.53 15.67 -9.26
C37 CDL M . 9.85 15.30 -8.55
CB2 CDL M . -5.68 12.75 -4.15
OB2 CDL M . -5.15 12.05 -3.01
PB2 CDL M . -5.01 10.45 -3.04
OB3 CDL M . -5.87 9.89 -4.15
OB4 CDL M . -5.47 9.89 -1.70
OB5 CDL M . -3.48 10.04 -3.31
CB3 CDL M . -2.46 10.41 -2.35
CB4 CDL M . -1.20 10.85 -3.09
OB6 CDL M . -0.08 10.13 -2.61
CB5 CDL M . 0.49 9.22 -3.55
OB7 CDL M . -0.17 8.27 -3.94
C51 CDL M . 1.93 9.41 -4.09
C52 CDL M . 2.87 8.30 -3.57
C53 CDL M . 4.21 8.32 -4.38
C54 CDL M . 4.99 6.99 -4.15
C55 CDL M . 6.28 6.96 -5.03
C56 CDL M . 7.32 5.98 -4.41
C57 CDL M . 8.68 6.16 -5.11
CB6 CDL M . -0.98 12.36 -2.87
OB8 CDL M . 0.35 12.72 -3.27
CB7 CDL M . 0.55 12.88 -4.68
OB9 CDL M . -0.40 12.88 -5.44
C71 CDL M . 1.99 13.06 -5.21
C72 CDL M . 2.09 12.72 -6.71
C73 CDL M . 3.39 11.90 -7.01
C74 CDL M . 4.63 12.82 -7.04
C75 CDL M . 5.91 11.95 -7.24
C76 CDL M . 7.12 12.59 -6.48
C77 CDL M . 8.42 12.33 -7.26
H1 CDL M . -5.63 14.78 -4.54
H1O1 CDL M . -7.21 14.99 -2.69
HA22 CDL M . -4.01 14.26 -2.80
HA21 CDL M . -5.24 14.11 -1.78
HA32 CDL M . -2.84 17.78 -4.27
HA31 CDL M . -2.89 16.33 -4.94
HA4 CDL M . -0.39 16.42 -4.35
H112 CDL M . 1.17 20.48 -4.56
H111 CDL M . 2.15 19.44 -5.28
H122 CDL M . 2.64 19.61 -2.53
H121 CDL M . 2.87 21.00 -3.26
H132 CDL M . 4.27 19.52 -4.85
H131 CDL M . 4.42 18.65 -3.52
H142 CDL M . 5.88 20.08 -2.63
H141 CDL M . 5.04 21.36 -3.11
H152 CDL M . 6.02 21.32 -5.19
H151 CDL M . 6.60 19.84 -4.98
H162 CDL M . 8.47 20.68 -4.23
H161 CDL M . 7.69 21.45 -3.07
HA62 CDL M . -1.74 17.08 -6.71
HA61 CDL M . -0.69 15.90 -6.48
H312 CDL M . 2.90 17.22 -6.52
H311 CDL M . 2.83 18.21 -7.77
H322 CDL M . 3.57 16.57 -9.21
H321 CDL M . 3.25 15.40 -8.17
H332 CDL M . 5.09 15.86 -6.90
H331 CDL M . 5.22 17.35 -7.47
H342 CDL M . 5.97 16.45 -9.58
H341 CDL M . 5.90 14.99 -8.95
H352 CDL M . 7.58 15.56 -7.39
H351 CDL M . 7.62 17.04 -7.97
H362 CDL M . 8.69 16.40 -9.88
H361 CDL M . 8.20 14.89 -9.75
HB22 CDL M . -5.06 12.66 -4.90
HB21 CDL M . -6.54 12.36 -4.38
HB32 CDL M . -2.26 9.64 -1.79
HB31 CDL M . -2.79 11.13 -1.79
HB4 CDL M . -1.30 10.69 -4.03
H512 CDL M . 2.27 10.29 -3.79
H511 CDL M . 1.91 9.39 -5.07
H522 CDL M . 2.43 7.44 -3.68
H521 CDL M . 3.06 8.45 -2.62
H532 CDL M . 4.76 9.06 -4.08
H531 CDL M . 4.02 8.42 -5.33
H542 CDL M . 4.42 6.24 -4.38
H541 CDL M . 5.24 6.92 -3.21
H552 CDL M . 6.66 7.85 -5.07
H551 CDL M . 6.05 6.66 -5.93
H562 CDL M . 7.01 5.07 -4.53
H561 CDL M . 7.42 6.17 -3.46
HB62 CDL M . -1.10 12.57 -1.92
HB61 CDL M . -1.63 12.85 -3.39
H712 CDL M . 2.59 12.48 -4.71
H711 CDL M . 2.27 13.99 -5.08
H722 CDL M . 2.11 13.55 -7.23
H721 CDL M . 1.31 12.19 -6.97
H732 CDL M . 3.29 11.46 -7.88
H731 CDL M . 3.50 11.22 -6.32
H742 CDL M . 4.68 13.30 -6.19
H741 CDL M . 4.54 13.46 -7.77
H752 CDL M . 6.12 11.90 -8.20
H751 CDL M . 5.75 11.05 -6.89
H762 CDL M . 7.19 12.21 -5.59
H761 CDL M . 6.98 13.56 -6.41
C1 GOL N . -33.20 7.72 -8.66
O1 GOL N . -34.35 8.22 -8.01
C2 GOL N . -33.56 7.30 -10.09
O2 GOL N . -33.52 8.42 -10.95
C3 GOL N . -32.59 6.22 -10.59
O3 GOL N . -33.14 4.93 -10.40
H11 GOL N . -32.81 6.85 -8.11
H12 GOL N . -32.43 8.48 -8.68
HO1 GOL N . -34.14 8.42 -7.07
H2 GOL N . -34.55 6.87 -10.08
HO2 GOL N . -32.62 8.78 -10.98
H31 GOL N . -31.64 6.29 -10.05
H32 GOL N . -32.39 6.38 -11.66
HO3 GOL N . -32.53 4.26 -10.78
C1 GOL O . -57.58 -9.77 -7.99
O1 GOL O . -56.97 -10.45 -6.92
C2 GOL O . -57.09 -10.36 -9.31
O2 GOL O . -56.86 -11.75 -9.16
C3 GOL O . -58.12 -10.14 -10.41
O3 GOL O . -57.67 -10.76 -11.60
H11 GOL O . -57.33 -8.71 -7.95
H12 GOL O . -58.66 -9.87 -7.92
HO1 GOL O . -57.23 -10.03 -6.07
H2 GOL O . -56.16 -9.87 -9.60
HO2 GOL O . -57.70 -12.19 -8.93
H31 GOL O . -58.26 -9.08 -10.58
H32 GOL O . -59.08 -10.57 -10.12
HO3 GOL O . -57.96 -10.24 -12.37
C1 GOL P . -49.67 18.07 -17.09
O1 GOL P . -49.37 18.49 -18.41
C2 GOL P . -50.53 16.81 -17.12
O2 GOL P . -51.84 17.13 -16.67
C3 GOL P . -50.59 16.23 -18.52
O3 GOL P . -51.21 14.95 -18.50
H11 GOL P . -50.19 18.87 -16.57
H12 GOL P . -48.74 17.87 -16.57
HO1 GOL P . -48.87 19.33 -18.39
H2 GOL P . -50.09 16.07 -16.45
HO2 GOL P . -52.24 17.77 -17.29
H31 GOL P . -49.58 16.13 -18.92
H32 GOL P . -51.15 16.89 -19.18
HO3 GOL P . -50.63 14.32 -18.05
CHA HEM Q . 32.58 2.59 -18.64
CHB HEM Q . 29.34 -0.33 -16.51
CHC HEM Q . 25.71 2.10 -18.63
CHD HEM Q . 28.94 5.07 -20.68
C1A HEM Q . 32.02 1.59 -17.87
C2A HEM Q . 32.74 0.66 -17.02
C3A HEM Q . 31.85 -0.14 -16.43
C4A HEM Q . 30.53 0.24 -16.88
CMA HEM Q . 32.19 -1.29 -15.45
CAA HEM Q . 34.28 0.63 -16.83
CBA HEM Q . 34.68 1.91 -16.09
CGA HEM Q . 36.18 1.96 -15.93
O1A HEM Q . 36.72 3.09 -15.84
O2A HEM Q . 36.81 0.88 -15.92
C1B HEM Q . 28.07 0.06 -16.89
C2B HEM Q . 26.83 -0.58 -16.49
C3B HEM Q . 25.82 0.10 -17.07
C4B HEM Q . 26.41 1.17 -17.87
CMB HEM Q . 26.86 -1.80 -15.52
CAB HEM Q . 24.27 -0.08 -17.03
CBB HEM Q . 23.59 -1.06 -16.41
C1C HEM Q . 26.27 3.11 -19.39
C2C HEM Q . 25.53 4.04 -20.24
C3C HEM Q . 26.43 4.88 -20.81
C4C HEM Q . 27.75 4.48 -20.33
CMC HEM Q . 23.99 4.00 -20.37
CAC HEM Q . 26.29 6.08 -21.80
CBC HEM Q . 25.17 6.60 -22.29
C1D HEM Q . 30.21 4.64 -20.33
C2D HEM Q . 31.44 5.23 -20.79
C3D HEM Q . 32.46 4.55 -20.22
C4D HEM Q . 31.88 3.51 -19.39
CMD HEM Q . 31.57 6.43 -21.76
CAD HEM Q . 33.97 4.81 -20.42
CBD HEM Q . 34.46 5.81 -19.39
CGD HEM Q . 35.02 5.11 -18.19
O1D HEM Q . 34.73 5.58 -17.05
O2D HEM Q . 35.74 4.09 -18.33
NA HEM Q . 30.68 1.30 -17.76
NB HEM Q . 27.78 1.11 -17.73
NC HEM Q . 27.62 3.41 -19.48
ND HEM Q . 30.50 3.61 -19.48
FE HEM Q . 29.17 2.36 -18.65
HHB HEM Q . 29.39 -1.11 -15.91
HHC HEM Q . 24.74 2.03 -18.62
HHD HEM Q . 28.89 5.88 -21.24
HMA HEM Q . 31.36 -1.72 -15.16
HMAA HEM Q . 32.66 -0.92 -14.66
HMAB HEM Q . 32.77 -1.95 -15.89
HAA HEM Q . 34.71 0.60 -17.70
HAAA HEM Q . 34.53 -0.14 -16.30
HBA HEM Q . 34.26 1.92 -15.22
HBAA HEM Q . 34.38 2.68 -16.60
HMB HEM Q . 25.96 -2.10 -15.36
HMBA HEM Q . 27.29 -1.54 -14.69
HMBB HEM Q . 27.37 -2.52 -15.93
HAB HEM Q . 23.75 0.56 -17.50
HBB HEM Q . 22.63 -1.08 -16.45
HBBA HEM Q . 24.07 -1.74 -15.91
HMC HEM Q . 23.69 4.69 -20.96
HMCA HEM Q . 23.58 4.13 -19.49
HMCB HEM Q . 23.72 3.13 -20.71
HAC HEM Q . 27.11 6.48 -22.09
HBC HEM Q . 25.20 7.36 -22.90
HBCA HEM Q . 24.30 6.23 -22.03
HMD HEM Q . 31.14 6.20 -22.61
HMDA HEM Q . 32.51 6.63 -21.92
HMDB HEM Q . 31.13 7.20 -21.37
HAD HEM Q . 34.12 5.16 -21.32
HADA HEM Q . 34.45 3.97 -20.33
HBD HEM Q . 33.72 6.38 -19.11
HBDA HEM Q . 35.16 6.37 -19.79
HHA HEM Q . 33.55 2.65 -18.66
CHA HEM R . 11.39 -9.66 -8.64
CHB HEM R . 13.93 -6.02 -10.63
CHC HEM R . 16.97 -9.27 -12.56
CHD HEM R . 14.19 -12.89 -10.97
C1A HEM R . 11.84 -8.39 -8.96
C2A HEM R . 11.31 -7.16 -8.43
C3A HEM R . 12.00 -6.14 -8.99
C4A HEM R . 13.00 -6.71 -9.88
CMA HEM R . 11.78 -4.64 -8.73
CAA HEM R . 10.14 -7.03 -7.43
CBA HEM R . 10.63 -6.55 -6.05
CGA HEM R . 11.60 -7.51 -5.43
O1A HEM R . 12.71 -7.06 -5.06
O2A HEM R . 11.28 -8.72 -5.27
C1B HEM R . 14.95 -6.59 -11.38
C2B HEM R . 15.86 -5.88 -12.26
C3B HEM R . 16.71 -6.78 -12.81
C4B HEM R . 16.34 -8.07 -12.27
CMB HEM R . 15.74 -4.34 -12.45
CAB HEM R . 17.90 -6.65 -13.81
CBB HEM R . 18.33 -5.55 -14.44
C1C HEM R . 16.54 -10.53 -12.19
C2C HEM R . 17.35 -11.74 -12.22
C3C HEM R . 16.59 -12.75 -11.77
C4C HEM R . 15.28 -12.20 -11.46
CMC HEM R . 18.83 -11.71 -12.70
CAC HEM R . 16.87 -14.27 -11.60
CBC HEM R . 17.87 -14.93 -12.20
C1D HEM R . 13.19 -12.35 -10.19
C2D HEM R . 12.13 -13.06 -9.49
C3D HEM R . 11.37 -12.16 -8.85
C4D HEM R . 11.91 -10.85 -9.13
CMD HEM R . 11.94 -14.59 -9.48
CAD HEM R . 10.15 -12.41 -7.95
CBD HEM R . 10.61 -12.30 -6.51
CGD HEM R . 9.45 -12.34 -5.56
O1D HEM R . 9.53 -13.11 -4.57
O2D HEM R . 8.45 -11.61 -5.79
NA HEM R . 12.87 -8.08 -9.82
NB HEM R . 15.28 -7.92 -11.41
NC HEM R . 15.29 -10.84 -11.71
ND HEM R . 13.01 -10.99 -9.95
FE HEM R . 14.07 -9.41 -10.68
HHB HEM R . 13.86 -5.05 -10.64
HHC HEM R . 17.79 -9.22 -13.10
HHD HEM R . 14.23 -13.87 -11.01
HMA HEM R . 12.41 -4.12 -9.26
HMAA HEM R . 11.91 -4.45 -7.77
HMAB HEM R . 10.86 -4.40 -8.98
HAA HEM R . 9.72 -7.90 -7.33
HAAA HEM R . 9.49 -6.41 -7.77
HBA HEM R . 9.86 -6.44 -5.47
HBAA HEM R . 11.07 -5.68 -6.16
HMB HEM R . 16.43 -4.04 -13.07
HMBA HEM R . 15.88 -3.90 -11.59
HMBB HEM R . 14.87 -4.12 -12.79
HAB HEM R . 18.37 -7.46 -14.01
HBB HEM R . 19.08 -5.59 -15.04
HBBA HEM R . 17.87 -4.70 -14.28
HMC HEM R . 18.88 -11.37 -13.60
HMCA HEM R . 19.20 -12.60 -12.66
HMCB HEM R . 19.34 -11.12 -12.11
HAC HEM R . 16.29 -14.76 -11.01
HBC HEM R . 17.98 -15.89 -12.04
HBCA HEM R . 18.47 -14.47 -12.81
HMD HEM R . 11.81 -14.91 -10.40
HMDA HEM R . 11.16 -14.82 -8.93
HMDB HEM R . 12.75 -15.02 -9.11
HAD HEM R . 9.80 -13.31 -8.12
HADA HEM R . 9.46 -11.76 -8.14
HBD HEM R . 11.09 -11.45 -6.40
HBDA HEM R . 11.22 -13.03 -6.31
HHA HEM R . 10.65 -9.73 -8.02
N1 FNM S . 38.39 -8.41 -17.10
N2 FNM S . 37.07 -7.97 -17.31
C3 FNM S . 36.67 -7.26 -18.43
S3 FNM S . 37.94 -6.88 -19.65
N4 FNM S . 35.45 -6.96 -18.48
C5 FNM S . 34.82 -7.47 -17.22
C6 FNM S . 35.98 -8.16 -16.49
O6 FNM S . 35.98 -8.74 -15.43
C7 FNM S . 34.39 -6.27 -16.37
C8 FNM S . 33.69 -8.45 -17.52
C9 FNM S . 33.99 -9.65 -18.14
C10 FNM S . 33.00 -10.58 -18.43
C11 FNM S . 31.68 -10.29 -18.11
C12 FNM S . 31.36 -9.10 -17.50
C13 FNM S . 32.36 -8.18 -17.20
C21 FNM S . 38.82 -9.72 -17.55
C22 FNM S . 37.96 -10.47 -18.31
C23 FNM S . 38.35 -11.73 -18.75
C24 FNM S . 39.59 -12.22 -18.43
C25 FNM S . 40.46 -11.47 -17.66
C26 FNM S . 40.07 -10.22 -17.22
C27 FNM S . 36.83 -7.06 -21.16
HN1 FNM S . 39.01 -7.77 -16.64
H7 FNM S . 33.95 -6.62 -15.45
H7A FNM S . 33.67 -5.69 -16.93
H7B FNM S . 35.25 -5.65 -16.14
H9 FNM S . 35.01 -9.87 -18.39
H10 FNM S . 33.25 -11.50 -18.90
H11 FNM S . 30.91 -11.01 -18.33
H12 FNM S . 30.35 -8.87 -17.25
H13 FNM S . 32.11 -7.25 -16.73
H22 FNM S . 37.00 -10.08 -18.56
H23 FNM S . 37.67 -12.32 -19.34
H24 FNM S . 39.89 -13.20 -18.76
H25 FNM S . 41.43 -11.84 -17.39
H26 FNM S . 40.73 -9.60 -16.62
H27 FNM S . 37.39 -6.78 -22.04
H27A FNM S . 36.00 -6.39 -20.99
H27B FNM S . 36.51 -8.08 -21.23
P 8PE T . 14.60 -17.52 7.18
N 8PE T . 13.39 -15.27 11.72
O11 8PE T . 16.16 -16.83 7.72
O12 8PE T . 14.13 -16.71 6.02
O13 8PE T . 13.53 -17.21 8.50
O14 8PE T . 14.75 -18.99 7.07
C11 8PE T . 13.81 -16.15 9.40
C12 8PE T . 13.10 -16.39 10.76
C1 8PE T . 17.36 -17.49 7.50
C2 8PE T . 18.29 -16.60 6.57
C3 8PE T . 19.81 -16.71 7.09
O31 8PE T . 20.27 -15.48 7.76
O32 8PE T . 21.97 -14.17 8.38
C31 8PE T . 21.50 -14.88 7.49
C32 8PE T . 22.02 -14.69 6.00
C33 8PE T . 23.43 -13.92 5.81
C34 8PE T . 23.96 -13.75 4.31
C35 8PE T . 25.16 -12.74 4.10
C36 8PE T . 25.70 -12.58 2.62
C37 8PE T . 26.73 -13.66 2.14
C38 8PE T . 27.99 -13.14 1.33
C39 8PE T . 28.88 -14.28 0.69
C3A 8PE T . 29.83 -13.81 -0.48
C3B 8PE T . 29.61 -14.57 -1.85
C3C 8PE T . 30.48 -14.02 -3.08
C3D 8PE T . 29.70 -13.80 -4.44
C3E 8PE T . 30.07 -14.81 -5.60
C3F 8PE T . 29.33 -14.53 -6.96
C3G 8PE T . 28.50 -15.74 -7.54
C3H 8PE T . 27.25 -15.29 -8.37
C3I 8PE T . 26.50 -16.45 -9.10
O21 8PE T . 18.17 -16.97 5.17
O22 8PE T . 18.24 -14.80 4.57
C21 8PE T . 18.26 -15.99 4.21
C22 8PE T . 18.85 -16.32 2.84
C23 8PE T . 18.40 -15.43 1.63
C24 8PE T . 19.38 -15.41 0.40
C25 8PE T . 20.79 -14.81 0.69
C26 8PE T . 21.57 -14.27 -0.56
C27 8PE T . 23.13 -14.59 -0.60
C28 8PE T . 23.61 -15.48 -1.82
C29 8PE T . 24.61 -14.76 -2.83
C2A 8PE T . 25.00 -15.58 -4.14
C2B 8PE T . 23.94 -16.62 -4.67
C2C 8PE T . 24.18 -17.06 -6.14
C2D 8PE T . 23.62 -18.48 -6.47
C2E 8PE T . 23.60 -18.82 -7.99
HN 8PE T . 12.76 -14.51 11.53
HNA 8PE T . 13.23 -15.57 12.66
H11 8PE T . 13.54 -15.18 8.99
H11A 8PE T . 14.91 -16.10 9.57
H12 8PE T . 12.02 -16.50 10.61
H12A 8PE T . 13.44 -17.35 11.21
H1 8PE T . 17.24 -18.47 7.05
H1A 8PE T . 17.85 -17.67 8.47
H2 8PE T . 17.92 -15.59 6.75
H3 8PE T . 20.42 -16.89 6.18
H3A 8PE T . 19.95 -17.61 7.70
H32 8PE T . 21.27 -14.13 5.42
H32A 8PE T . 22.11 -15.65 5.50
H33 8PE T . 24.22 -14.40 6.38
H33A 8PE T . 23.30 -12.93 6.24
H34 8PE T . 23.16 -13.35 3.68
H34A 8PE T . 24.22 -14.72 3.88
H35 8PE T . 26.02 -13.01 4.75
H35A 8PE T . 24.85 -11.76 4.49
H36 8PE T . 26.12 -11.57 2.52
H36A 8PE T . 24.84 -12.58 1.93
H37 8PE T . 26.20 -14.40 1.52
H37A 8PE T . 27.08 -14.21 3.00
H38 8PE T . 28.61 -12.55 2.02
H38A 8PE T . 27.65 -12.45 0.56
H39 8PE T . 28.23 -15.07 0.31
H39A 8PE T . 29.49 -14.73 1.46
H3AA 8PE T . 30.87 -13.94 -0.15
H3AB 8PE T . 29.69 -12.75 -0.63
H3B 8PE T . 28.56 -14.54 -2.11
H3BA 8PE T . 29.84 -15.63 -1.69
H3C 8PE T . 31.30 -14.73 -3.26
H3CA 8PE T . 30.97 -13.10 -2.79
H3D 8PE T . 29.88 -12.77 -4.79
H3DA 8PE T . 28.63 -13.86 -4.26
H3E 8PE T . 29.83 -15.83 -5.29
H3EA 8PE T . 31.14 -14.79 -5.80
H3F 8PE T . 30.06 -14.22 -7.70
H3FA 8PE T . 28.66 -13.69 -6.82
H3G 8PE T . 28.16 -16.37 -6.72
H3GA 8PE T . 29.14 -16.36 -8.16
H3H 8PE T . 27.54 -14.56 -9.14
H3HA 8PE T . 26.53 -14.80 -7.72
H3I 8PE T . 25.68 -16.12 -9.77
H3IA 8PE T . 26.03 -17.14 -8.40
H3IB 8PE T . 27.15 -17.08 -9.72
H22 8PE T . 18.69 -17.35 2.57
H22A 8PE T . 19.95 -16.21 2.89
H23 8PE T . 18.26 -14.41 2.00
H23A 8PE T . 17.41 -15.73 1.27
H24 8PE T . 18.91 -14.83 -0.41
H24A 8PE T . 19.47 -16.42 0.00
H25 8PE T . 21.38 -15.57 1.18
H25A 8PE T . 20.67 -14.00 1.43
H26 8PE T . 21.44 -13.17 -0.57
H26A 8PE T . 21.09 -14.62 -1.46
H27 8PE T . 23.41 -15.08 0.33
H27A 8PE T . 23.69 -13.65 -0.61
H28 8PE T . 22.73 -15.81 -2.38
H28A 8PE T . 24.07 -16.38 -1.45
H29 8PE T . 25.54 -14.51 -2.30
H29A 8PE T . 24.19 -13.82 -3.14
H2A 8PE T . 25.94 -16.11 -3.96
H2AA 8PE T . 25.22 -14.87 -4.94
H2B 8PE T . 22.93 -16.18 -4.60
H2BA 8PE T . 23.92 -17.50 -4.02
H2C 8PE T . 25.25 -17.06 -6.36
H2CA 8PE T . 23.71 -16.36 -6.83
H2D 8PE T . 22.60 -18.59 -6.10
H2DA 8PE T . 24.19 -19.25 -5.96
H2E 8PE T . 22.63 -19.19 -8.35
H2EA 8PE T . 24.34 -19.57 -8.29
H2EB 8PE T . 23.79 -17.94 -8.64
CL CL U . 42.65 5.82 -16.36
FE HEC V . 63.23 5.45 -13.33
CHA HEC V . 61.72 2.56 -14.54
CHB HEC V . 61.01 5.40 -10.70
CHC HEC V . 64.42 8.50 -12.24
CHD HEC V . 65.56 5.34 -15.79
NA HEC V . 61.66 4.20 -12.73
C1A HEC V . 61.19 3.08 -13.39
C2A HEC V . 60.05 2.57 -12.65
C3A HEC V . 59.85 3.36 -11.59
C4A HEC V . 60.86 4.40 -11.63
CMA HEC V . 58.76 3.24 -10.51
CAA HEC V . 59.21 1.34 -13.06
CBA HEC V . 59.38 0.20 -12.05
CGA HEC V . 58.45 -0.93 -12.41
O1A HEC V . 58.13 -1.06 -13.61
O2A HEC V . 58.05 -1.70 -11.50
NB HEC V . 62.84 6.70 -11.72
C1B HEC V . 61.81 6.51 -10.82
C2B HEC V . 61.71 7.70 -10.00
C3B HEC V . 62.61 8.59 -10.42
C4B HEC V . 63.37 7.97 -11.51
CMB HEC V . 60.66 7.89 -8.88
CAB HEC V . 62.83 9.99 -9.77
CBB HEC V . 64.13 9.91 -8.97
NC HEC V . 64.72 6.68 -13.88
C1C HEC V . 65.05 7.91 -13.33
C2C HEC V . 66.16 8.44 -14.08
C3C HEC V . 66.47 7.56 -15.05
C4C HEC V . 65.56 6.44 -14.96
CMC HEC V . 66.85 9.80 -13.81
CAC HEC V . 67.56 7.70 -16.14
CBC HEC V . 68.97 8.05 -15.64
ND HEC V . 63.56 4.16 -14.93
C1D HEC V . 64.64 4.30 -15.81
C2D HEC V . 64.65 3.17 -16.71
C3D HEC V . 63.44 2.31 -16.30
C4D HEC V . 62.84 3.00 -15.20
CMD HEC V . 65.65 2.89 -17.86
CAD HEC V . 62.96 0.98 -16.94
CBD HEC V . 63.45 -0.20 -16.10
CGD HEC V . 62.91 -1.49 -16.66
O1D HEC V . 63.52 -2.56 -16.37
O2D HEC V . 61.87 -1.47 -17.37
HHA HEC V . 61.26 1.78 -14.93
HHB HEC V . 60.51 5.31 -9.86
HHC HEC V . 64.76 9.38 -11.95
HHD HEC V . 66.28 5.28 -16.45
HMA1 HEC V . 59.17 3.12 -9.63
HMA2 HEC V . 58.19 2.46 -10.71
HMA3 HEC V . 58.21 4.04 -10.50
HAA1 HEC V . 59.49 1.02 -13.94
HAA2 HEC V . 58.28 1.58 -13.10
HBA1 HEC V . 59.17 0.53 -11.16
HBA2 HEC V . 60.30 -0.11 -12.06
HMB1 HEC V . 60.12 8.67 -9.08
HMB2 HEC V . 61.12 8.02 -8.03
HMB3 HEC V . 60.10 7.10 -8.81
HAB HEC V . 62.12 10.04 -9.12
HBB1 HEC V . 64.05 9.22 -8.28
HBB2 HEC V . 64.30 10.77 -8.55
HBB3 HEC V . 64.87 9.69 -9.57
HMC1 HEC V . 67.78 9.65 -13.61
HMC2 HEC V . 66.42 10.23 -13.06
HMC3 HEC V . 66.78 10.37 -14.59
HAC HEC V . 67.57 6.93 -16.72
HBC1 HEC V . 69.59 7.35 -15.90
HBC2 HEC V . 68.96 8.13 -14.68
HBC3 HEC V . 69.25 8.89 -16.03
HMD1 HEC V . 65.18 2.84 -18.70
HMD2 HEC V . 66.10 2.03 -17.69
HMD3 HEC V . 66.32 3.61 -17.89
HAD1 HEC V . 63.31 0.91 -17.83
HAD2 HEC V . 61.99 0.98 -16.96
HBD1 HEC V . 63.14 -0.10 -15.18
HBD2 HEC V . 64.42 -0.22 -16.11
C2 PEF W . 28.90 17.62 -0.97
C1 PEF W . 30.11 18.51 -0.57
N PEF W . 28.66 23.99 -0.51
C3 PEF W . 29.42 16.27 -1.55
C4 PEF W . 30.42 22.25 -0.98
C5 PEF W . 29.54 23.40 -1.54
C10 PEF W . 27.72 16.14 0.64
C11 PEF W . 26.28 15.78 0.33
C12 PEF W . 26.04 14.25 0.31
C13 PEF W . 25.33 13.77 1.60
C14 PEF W . 25.09 12.24 1.72
C15 PEF W . 24.33 11.59 0.54
C16 PEF W . 22.84 11.30 0.82
C17 PEF W . 22.05 10.91 -0.46
C18 PEF W . 20.62 11.49 -0.48
C19 PEF W . 19.86 11.27 -1.81
C20 PEF W . 20.00 12.41 -2.83
C21 PEF W . 19.96 11.94 -4.30
C22 PEF W . 19.32 13.00 -5.22
C23 PEF W . 19.12 12.49 -6.67
C24 PEF W . 18.74 13.61 -7.63
C25 PEF W . 18.58 13.10 -9.06
C30 PEF W . 28.67 14.33 -2.70
C31 PEF W . 27.77 13.89 -3.85
C32 PEF W . 27.24 12.43 -3.72
C33 PEF W . 25.78 12.23 -3.15
C34 PEF W . 24.96 10.95 -3.59
C35 PEF W . 25.01 10.51 -5.10
C36 PEF W . 23.66 10.16 -5.81
C37 PEF W . 23.78 9.93 -7.37
C38 PEF W . 22.45 10.14 -8.17
C39 PEF W . 22.58 10.68 -9.64
C40 PEF W . 22.35 12.21 -9.79
C41 PEF W . 21.80 12.69 -11.14
C42 PEF W . 21.81 14.23 -11.34
C43 PEF W . 21.40 14.63 -12.78
C44 PEF W . 20.94 16.09 -12.91
C45 PEF W . 20.64 16.46 -14.36
O4 PEF W . 28.50 15.34 1.13
O5 PEF W . 29.50 13.62 -2.16
O2 PEF W . 28.12 17.38 0.26
O3 PEF W . 28.35 15.54 -2.15
O1P PEF W . 32.41 20.28 -0.31
O2P PEF W . 32.73 19.85 -2.93
O3P PEF W . 30.67 19.00 -1.74
O4P PEF W . 31.09 21.63 -2.02
P PEF W . 31.92 20.16 -1.72
H21 PEF W . 28.27 18.12 -1.75
H11 PEF W . 30.85 17.93 0.01
H12 PEF W . 29.79 19.33 0.11
HN1 PEF W . 29.20 24.30 0.29
HN2 PEF W . 28.17 24.80 -0.87
H31 PEF W . 29.86 15.66 -0.75
H32 PEF W . 30.22 16.45 -2.30
H41 PEF W . 29.77 21.50 -0.44
H42 PEF W . 31.12 22.63 -0.22
H51 PEF W . 30.18 24.21 -1.96
H52 PEF W . 28.91 23.05 -2.37
H112 PEF W . 25.93 16.26 -0.60
H111 PEF W . 25.67 16.24 1.13
H132 PEF W . 24.38 14.32 1.70
H131 PEF W . 25.91 14.11 2.47
H142 PEF W . 24.53 12.04 2.66
H141 PEF W . 26.06 11.72 1.88
H152 PEF W . 24.84 10.66 0.25
H151 PEF W . 24.41 12.24 -0.35
H162 PEF W . 22.37 12.19 1.29
H161 PEF W . 22.74 10.52 1.59
H172 PEF W . 22.01 9.81 -0.54
H171 PEF W . 22.59 11.24 -1.36
H182 PEF W . 20.67 12.57 -0.27
H181 PEF W . 20.04 11.07 0.37
H192 PEF W . 18.78 11.10 -1.61
H191 PEF W . 20.20 10.32 -2.26
H202 PEF W . 20.94 12.98 -2.66
H201 PEF W . 19.20 13.15 -2.68
H212 PEF W . 19.42 10.98 -4.39
H211 PEF W . 20.98 11.71 -4.66
H222 PEF W . 19.92 13.92 -5.23
H221 PEF W . 18.33 13.32 -4.82
H232 PEF W . 18.35 11.70 -6.69
H231 PEF W . 20.05 11.98 -7.02
H242 PEF W . 19.50 14.42 -7.60
H241 PEF W . 17.80 14.10 -7.31
H252 PEF W . 18.81 13.86 -9.82
H251 PEF W . 17.57 12.75 -9.27
H253 PEF W . 19.25 12.25 -9.29
H312 PEF W . 28.34 14.00 -4.80
H311 PEF W . 26.94 14.62 -3.94
H322 PEF W . 27.91 11.85 -3.05
H321 PEF W . 27.34 11.92 -4.69
H332 PEF W . 25.88 12.20 -2.05
H331 PEF W . 25.17 13.13 -3.33
H342 PEF W . 23.89 11.14 -3.35
H341 PEF W . 25.22 10.11 -2.93
H352 PEF W . 25.70 9.65 -5.22
H351 PEF W . 25.51 11.31 -5.67
H362 PEF W . 22.92 10.96 -5.63
H361 PEF W . 23.23 9.28 -5.32
H372 PEF W . 24.18 8.91 -7.54
H371 PEF W . 24.56 10.59 -7.80
H382 PEF W . 21.77 10.83 -7.62
H381 PEF W . 21.89 9.18 -8.18
H392 PEF W . 21.88 10.12 -10.29
H391 PEF W . 23.58 10.42 -10.04
H402 PEF W . 23.30 12.74 -9.58
H401 PEF W . 21.68 12.59 -8.99
H412 PEF W . 20.76 12.33 -11.28
H411 PEF W . 22.36 12.20 -11.96
H422 PEF W . 22.82 14.63 -11.11
H421 PEF W . 21.15 14.74 -10.61
H432 PEF W . 20.59 13.98 -13.15
H431 PEF W . 22.24 14.44 -13.48
H442 PEF W . 21.73 16.77 -12.52
H441 PEF W . 20.07 16.30 -12.28
H452 PEF W . 20.53 17.55 -14.51
H451 PEF W . 19.70 16.01 -14.73
H453 PEF W . 21.42 16.14 -15.04
C1 CDL X . 12.39 -6.39 12.22
O1 CDL X . 11.17 -5.86 12.72
CA2 CDL X . 13.33 -5.25 11.80
OA2 CDL X . 12.59 -4.10 11.42
PA1 CDL X . 13.43 -2.78 11.07
OA3 CDL X . 12.54 -1.77 10.39
OA4 CDL X . 13.94 -2.18 12.36
OA5 CDL X . 14.66 -3.15 10.08
CA3 CDL X . 14.71 -2.54 8.79
CA4 CDL X . 15.73 -3.27 7.90
OA6 CDL X . 16.78 -3.74 8.73
CA5 CDL X . 17.98 -2.95 8.95
OA7 CDL X . 19.05 -3.40 8.59
C11 CDL X . 17.89 -1.53 9.62
C12 CDL X . 19.21 -0.73 9.38
C13 CDL X . 18.87 0.79 9.34
C14 CDL X . 20.10 1.65 9.78
C15 CDL X . 19.76 2.42 11.07
C16 CDL X . 20.95 3.31 11.47
C17 CDL X . 20.50 4.30 12.56
CA6 CDL X . 16.15 -2.39 6.70
OA8 CDL X . 15.56 -2.89 5.48
CA7 CDL X . 16.28 -2.56 4.26
OA9 CDL X . 15.71 -1.92 3.40
C31 CDL X . 17.77 -2.99 4.04
C32 CDL X . 18.10 -3.10 2.53
C33 CDL X . 19.58 -3.55 2.33
C34 CDL X . 20.33 -2.58 1.37
C35 CDL X . 21.68 -3.16 0.94
C36 CDL X . 22.61 -2.04 0.37
C37 CDL X . 23.80 -2.67 -0.39
CB2 CDL X . 13.06 -7.26 13.31
OB2 CDL X . 12.60 -6.88 14.62
PB2 CDL X . 13.67 -6.89 15.80
OB3 CDL X . 14.26 -8.28 15.93
OB4 CDL X . 13.01 -6.46 17.10
OB5 CDL X . 14.84 -5.85 15.40
CB3 CDL X . 16.14 -5.95 15.98
CB4 CDL X . 16.80 -4.57 15.93
OB6 CDL X . 16.60 -4.00 14.65
CB5 CDL X . 17.42 -4.47 13.57
OB7 CDL X . 17.55 -5.65 13.36
C51 CDL X . 18.11 -3.43 12.66
C52 CDL X . 19.62 -3.37 12.99
C53 CDL X . 20.22 -1.98 12.67
C54 CDL X . 21.02 -1.46 13.89
C55 CDL X . 21.63 -0.05 13.59
C56 CDL X . 21.96 0.67 14.91
C57 CDL X . 20.70 1.37 15.45
CB6 CDL X . 18.28 -4.70 16.27
OB8 CDL X . 18.42 -4.95 17.68
CB7 CDL X . 19.49 -4.25 18.32
OB9 CDL X . 19.23 -3.40 19.16
C71 CDL X . 20.95 -4.59 17.94
C72 CDL X . 21.87 -3.36 18.10
C73 CDL X . 23.03 -3.70 19.08
C74 CDL X . 23.74 -2.40 19.55
C75 CDL X . 24.04 -2.44 21.09
C76 CDL X . 24.12 -1.00 21.68
C77 CDL X . 23.53 -1.01 23.11
H1 CDL X . 12.20 -6.95 11.43
H1O1 CDL X . 11.24 -4.99 12.76
HA22 CDL X . 13.88 -5.55 11.05
HA21 CDL X . 13.92 -5.02 12.57
HA32 CDL X . 14.98 -1.60 8.88
HA31 CDL X . 13.83 -2.57 8.37
HA4 CDL X . 15.28 -4.05 7.53
H112 CDL X . 17.77 -1.65 10.58
H111 CDL X . 17.14 -1.04 9.24
H122 CDL X . 19.60 -1.00 8.53
H121 CDL X . 19.84 -0.92 10.10
H132 CDL X . 18.13 0.96 9.95
H131 CDL X . 18.61 1.04 8.43
H142 CDL X . 20.33 2.29 9.07
H141 CDL X . 20.87 1.06 9.95
H152 CDL X . 19.56 1.79 11.79
H151 CDL X . 18.96 2.98 10.91
H162 CDL X . 21.26 3.82 10.69
H161 CDL X . 21.67 2.76 11.81
HA62 CDL X . 17.13 -2.40 6.62
HA61 CDL X . 15.85 -1.47 6.86
H312 CDL X . 17.93 -3.86 4.47
H311 CDL X . 18.36 -2.33 4.44
H322 CDL X . 17.97 -2.25 2.11
H321 CDL X . 17.51 -3.76 2.11
H332 CDL X . 19.60 -4.46 1.95
H331 CDL X . 20.04 -3.56 3.20
H342 CDL X . 20.47 -1.72 1.83
H341 CDL X . 19.78 -2.42 0.58
H352 CDL X . 21.54 -3.84 0.26
H351 CDL X . 22.12 -3.58 1.72
H362 CDL X . 22.95 -1.49 1.10
H361 CDL X . 22.10 -1.49 -0.25
HB22 CDL X . 14.03 -7.14 13.27
HB21 CDL X . 12.84 -8.20 13.16
HB32 CDL X . 16.68 -6.59 15.48
HB31 CDL X . 16.07 -6.24 16.91
HB4 CDL X . 16.38 -4.01 16.60
H512 CDL X . 17.71 -2.55 12.79
H511 CDL X . 18.00 -3.70 11.72
H522 CDL X . 20.08 -4.06 12.48
H521 CDL X . 19.74 -3.56 13.95
H532 CDL X . 19.51 -1.35 12.46
H531 CDL X . 20.83 -2.06 11.90
H542 CDL X . 21.74 -2.09 14.10
H541 CDL X . 20.42 -1.39 14.66
H552 CDL X . 20.99 0.47 13.08
H551 CDL X . 22.45 -0.16 13.06
H562 CDL X . 22.65 1.35 14.75
H561 CDL X . 22.28 0.03 15.57
HB62 CDL X . 18.75 -3.87 16.04
HB61 CDL X . 18.67 -5.44 15.77
H712 CDL X . 20.98 -4.89 17.02
H711 CDL X . 21.27 -5.31 18.53
H722 CDL X . 21.36 -2.61 18.45
H721 CDL X . 22.26 -3.13 17.23
H732 CDL X . 23.67 -4.28 18.64
H731 CDL X . 22.66 -4.16 19.87
H742 CDL X . 23.18 -1.63 19.35
H741 CDL X . 24.59 -2.32 19.06
H752 CDL X . 24.90 -2.90 21.23
H751 CDL X . 23.33 -2.94 21.54
H762 CDL X . 23.59 -0.39 21.12
H761 CDL X . 25.05 -0.71 21.70
FE1 FES Y . 47.18 -19.17 -23.74
FE2 FES Y . 44.51 -19.87 -22.43
S1 FES Y . 46.51 -20.78 -22.42
S2 FES Y . 45.24 -18.15 -23.60
C1 CDL Z . 16.51 -12.22 7.25
O1 CDL Z . 15.22 -12.78 7.38
CA2 CDL Z . 16.39 -10.70 7.01
OA2 CDL Z . 15.87 -10.05 8.16
PA1 CDL Z . 15.61 -8.46 8.10
OA3 CDL Z . 14.42 -8.18 7.20
OA4 CDL Z . 15.37 -7.91 9.49
OA5 CDL Z . 16.92 -7.75 7.46
CA3 CDL Z . 18.04 -7.48 8.31
CA4 CDL Z . 19.27 -7.22 7.44
OA6 CDL Z . 19.18 -7.97 6.26
CA5 CDL Z . 19.92 -7.48 5.11
OA7 CDL Z . 20.00 -6.29 4.89
C11 CDL Z . 20.59 -8.51 4.15
C12 CDL Z . 21.44 -7.77 3.06
C13 CDL Z . 22.70 -7.13 3.70
C14 CDL Z . 23.88 -7.06 2.68
C15 CDL Z . 24.66 -5.74 2.87
C16 CDL Z . 25.95 -5.76 2.03
C17 CDL Z . 26.10 -4.44 1.27
CA6 CDL Z . 20.53 -7.62 8.20
OA8 CDL Z . 20.97 -8.90 7.69
CA7 CDL Z . 21.85 -9.66 8.56
OA9 CDL Z . 21.92 -9.43 9.75
C31 CDL Z . 22.71 -10.81 7.93
C32 CDL Z . 24.14 -10.28 7.60
C33 CDL Z . 24.08 -9.36 6.36
C34 CDL Z . 25.52 -8.96 5.91
C35 CDL Z . 25.89 -7.55 6.43
C36 CDL Z . 27.01 -6.91 5.56
C37 CDL Z . 26.96 -5.38 5.74
CB2 CDL Z . 17.34 -12.50 8.53
OB2 CDL Z . 17.29 -13.89 8.86
PB2 CDL Z . 17.05 -14.32 10.40
OB3 CDL Z . 17.27 -15.82 10.53
OB4 CDL Z . 15.63 -14.00 10.80
OB5 CDL Z . 18.04 -13.54 11.39
CB3 CDL Z . 19.42 -13.37 11.09
CB4 CDL Z . 19.96 -12.24 11.98
OB6 CDL Z . 19.38 -11.02 11.57
CB5 CDL Z . 19.21 -10.02 12.58
OB7 CDL Z . 18.94 -10.32 13.71
C51 CDL Z . 19.36 -8.52 12.20
C52 CDL Z . 20.84 -8.09 12.25
C53 CDL Z . 21.11 -7.20 13.50
C54 CDL Z . 22.48 -6.50 13.35
C55 CDL Z . 22.97 -5.92 14.71
C56 CDL Z . 24.48 -5.58 14.61
C57 CDL Z . 24.96 -4.96 15.94
CB6 CDL Z . 21.49 -12.16 11.87
OB8 CDL Z . 21.99 -11.55 13.07
CB7 CDL Z . 23.41 -11.48 13.19
OB9 CDL Z . 24.12 -12.37 12.74
C71 CDL Z . 24.06 -10.26 13.88
C72 CDL Z . 24.79 -10.70 15.17
C73 CDL Z . 25.71 -9.54 15.63
C74 CDL Z . 25.61 -9.34 17.16
C75 CDL Z . 26.34 -8.02 17.57
C76 CDL Z . 27.89 -8.23 17.58
C77 CDL Z . 28.60 -6.89 17.29
H1 CDL Z . 16.97 -12.63 6.49
H1O1 CDL Z . 15.29 -13.63 7.57
HA22 CDL Z . 15.78 -10.55 6.25
HA21 CDL Z . 17.27 -10.34 6.81
HA32 CDL Z . 18.21 -8.26 8.88
HA31 CDL Z . 17.85 -6.70 8.86
HA4 CDL Z . 19.31 -6.26 7.22
H112 CDL Z . 19.89 -9.04 3.70
H111 CDL Z . 21.18 -9.10 4.65
H122 CDL Z . 20.90 -7.07 2.65
H121 CDL Z . 21.71 -8.41 2.37
H132 CDL Z . 22.98 -7.66 4.47
H131 CDL Z . 22.49 -6.22 4.00
H142 CDL Z . 23.52 -7.11 1.77
H141 CDL Z . 24.48 -7.82 2.83
H152 CDL Z . 24.88 -5.63 3.81
H151 CDL Z . 24.08 -4.99 2.58
H162 CDL Z . 25.91 -6.50 1.38
H161 CDL Z . 26.72 -5.90 2.61
HA62 CDL Z . 20.33 -7.70 9.16
HA61 CDL Z . 21.23 -6.95 8.06
H312 CDL Z . 22.29 -11.12 7.12
H311 CDL Z . 22.78 -11.54 8.58
H322 CDL Z . 24.73 -11.03 7.42
H321 CDL Z . 24.48 -9.78 8.37
H332 CDL Z . 23.57 -8.54 6.59
H331 CDL Z . 23.63 -9.83 5.63
H342 CDL Z . 25.56 -8.95 4.93
H341 CDL Z . 26.16 -9.60 6.24
H352 CDL Z . 26.21 -7.63 7.35
H351 CDL Z . 25.10 -6.97 6.40
H362 CDL Z . 26.87 -7.14 4.62
H361 CDL Z . 27.88 -7.25 5.84
HB22 CDL Z . 16.96 -11.97 9.27
HB21 CDL Z . 18.25 -12.23 8.38
HB32 CDL Z . 19.53 -13.12 10.15
HB31 CDL Z . 19.91 -14.19 11.27
HB4 CDL Z . 19.72 -12.43 12.90
H512 CDL Z . 18.84 -7.98 12.83
H511 CDL Z . 19.01 -8.38 11.29
H522 CDL Z . 21.06 -7.58 11.44
H521 CDL Z . 21.40 -8.89 12.29
H532 CDL Z . 21.12 -7.75 14.30
H531 CDL Z . 20.40 -6.52 13.59
H542 CDL Z . 22.39 -5.77 12.71
H541 CDL Z . 23.13 -7.14 13.01
H552 CDL Z . 22.83 -6.58 15.41
H551 CDL Z . 22.46 -5.11 14.93
H562 CDL Z . 24.63 -4.94 13.89
H561 CDL Z . 24.99 -6.39 14.43
HB62 CDL Z . 21.72 -11.60 11.10
HB61 CDL Z . 21.86 -13.05 11.76
H712 CDL Z . 23.37 -9.62 14.11
H711 CDL Z . 24.71 -9.84 13.28
H722 CDL Z . 25.32 -11.50 14.99
H721 CDL Z . 24.13 -10.89 15.87
H732 CDL Z . 25.45 -8.72 15.17
H731 CDL Z . 26.63 -9.75 15.39
H742 CDL Z . 26.02 -10.10 17.62
H741 CDL Z . 24.67 -9.27 17.42
H752 CDL Z . 26.04 -7.75 18.47
H751 CDL Z . 26.12 -7.31 16.92
H762 CDL Z . 28.13 -8.89 16.89
H761 CDL Z . 28.17 -8.56 18.46
O1 PX4 AA . 3.75 12.66 5.27
O2 PX4 AA . 5.03 14.12 7.10
P1 PX4 AA . 4.39 13.89 5.76
O3 PX4 AA . 2.98 14.96 5.91
C1 PX4 AA . 3.18 16.22 6.33
C2 PX4 AA . 1.76 16.82 6.60
N1 PX4 AA . 1.79 18.28 7.10
C3 PX4 AA . 0.36 18.75 7.39
C4 PX4 AA . 2.66 18.40 8.35
C5 PX4 AA . 2.34 19.21 6.03
O4 PX4 AA . 5.33 14.49 4.65
C6 PX4 AA . 4.81 15.00 3.45
C7 PX4 AA . 5.85 14.83 2.27
C8 PX4 AA . 5.84 15.95 1.18
O5 PX4 AA . 5.32 17.17 1.72
C9 PX4 AA . 6.27 18.13 1.94
O6 PX4 AA . 7.00 17.98 2.89
C10 PX4 AA . 6.59 19.01 0.75
C11 PX4 AA . 7.91 19.82 0.95
C12 PX4 AA . 8.57 20.40 -0.33
C13 PX4 AA . 9.91 21.18 -0.17
C14 PX4 AA . 11.14 20.64 -0.96
C15 PX4 AA . 12.21 21.69 -1.46
C16 PX4 AA . 11.74 22.70 -2.57
C17 PX4 AA . 12.85 23.48 -3.37
C18 PX4 AA . 12.46 23.99 -4.81
C19 PX4 AA . 13.64 24.27 -5.77
C20 PX4 AA . 13.24 24.81 -7.17
C21 PX4 AA . 14.45 25.22 -8.05
C22 PX4 AA . 14.07 25.52 -9.50
O7 PX4 AA . 7.16 14.85 2.85
C23 PX4 AA . 7.84 13.67 3.00
O8 PX4 AA . 7.21 12.67 3.34
C24 PX4 AA . 9.20 13.62 2.30
C25 PX4 AA . 10.28 12.81 3.08
C26 PX4 AA . 11.17 11.88 2.22
C27 PX4 AA . 12.09 12.57 1.20
C28 PX4 AA . 12.97 11.64 0.30
C29 PX4 AA . 12.54 11.47 -1.20
C30 PX4 AA . 13.69 11.31 -2.26
C31 PX4 AA . 13.88 9.90 -2.91
C32 PX4 AA . 14.88 8.91 -2.23
C33 PX4 AA . 16.29 9.48 -1.87
C34 PX4 AA . 17.39 8.41 -1.61
C35 PX4 AA . 17.76 7.52 -2.82
C36 PX4 AA . 17.57 8.16 -4.21
H1 PX4 AA . 3.72 16.84 5.58
H2 PX4 AA . 3.80 16.24 7.26
H3 PX4 AA . 1.20 16.20 7.34
H4 PX4 AA . 1.14 16.78 5.68
H5 PX4 AA . 0.33 19.60 8.08
H6 PX4 AA . -0.24 17.95 7.84
H7 PX4 AA . -0.16 19.07 6.46
H8 PX4 AA . 2.29 19.17 9.05
H9 PX4 AA . 3.70 18.67 8.10
H10 PX4 AA . 2.69 17.45 8.90
H11 PX4 AA . 2.26 20.27 6.34
H12 PX4 AA . 1.79 19.10 5.08
H13 PX4 AA . 3.40 18.99 5.83
H14 PX4 AA . 4.50 16.05 3.60
H15 PX4 AA . 3.90 14.42 3.19
H16 PX4 AA . 5.65 13.83 1.79
H17 PX4 AA . 5.23 15.68 0.30
H18 PX4 AA . 6.88 16.11 0.80
H19 PX4 AA . 5.74 19.69 0.51
H20 PX4 AA . 6.66 18.32 -0.12
H21 PX4 AA . 8.62 19.17 1.49
H22 PX4 AA . 7.72 20.66 1.66
H23 PX4 AA . 7.83 21.07 -0.82
H24 PX4 AA . 8.68 19.57 -1.06
H25 PX4 AA . 10.17 21.23 0.90
H26 PX4 AA . 9.72 22.23 -0.47
H27 PX4 AA . 10.77 20.08 -1.85
H28 PX4 AA . 11.64 19.87 -0.34
H29 PX4 AA . 13.10 21.15 -1.85
H30 PX4 AA . 12.57 22.25 -0.59
H31 PX4 AA . 11.07 23.46 -2.11
H32 PX4 AA . 11.09 22.16 -3.28
H33 PX4 AA . 13.75 22.85 -3.47
H34 PX4 AA . 13.18 24.35 -2.78
H35 PX4 AA . 11.84 24.90 -4.74
H36 PX4 AA . 11.79 23.24 -5.28
H37 PX4 AA . 14.25 23.35 -5.90
H38 PX4 AA . 14.35 24.99 -5.31
H39 PX4 AA . 12.57 25.68 -7.08
H40 PX4 AA . 12.65 24.05 -7.72
H41 PX4 AA . 15.23 24.44 -8.04
H42 PX4 AA . 14.93 26.12 -7.63
H43 PX4 AA . 14.87 26.05 -10.06
H44 PX4 AA . 13.19 26.17 -9.58
H45 PX4 AA . 13.83 24.63 -10.09
H46 PX4 AA . 9.52 14.68 2.21
H47 PX4 AA . 9.08 13.29 1.26
H48 PX4 AA . 9.78 12.19 3.86
H49 PX4 AA . 10.88 13.51 3.68
H50 PX4 AA . 10.54 11.14 1.68
H51 PX4 AA . 11.78 11.27 2.91
H52 PX4 AA . 12.73 13.30 1.74
H53 PX4 AA . 11.48 13.21 0.54
H54 PX4 AA . 13.07 10.66 0.77
H55 PX4 AA . 14.01 12.05 0.33
H56 PX4 AA . 11.89 12.31 -1.47
H57 PX4 AA . 11.90 10.57 -1.27
H58 PX4 AA . 14.65 11.63 -1.80
H59 PX4 AA . 13.55 12.06 -3.07
H60 PX4 AA . 14.18 10.01 -3.97
H61 PX4 AA . 12.89 9.41 -2.96
H62 PX4 AA . 15.04 8.03 -2.88
H63 PX4 AA . 14.42 8.50 -1.32
H64 PX4 AA . 16.21 10.13 -0.98
H65 PX4 AA . 16.65 10.16 -2.66
H66 PX4 AA . 17.08 7.74 -0.77
H67 PX4 AA . 18.30 8.91 -1.23
H68 PX4 AA . 17.16 6.58 -2.80
H69 PX4 AA . 18.81 7.16 -2.75
H70 PX4 AA . 18.09 7.60 -5.00
H71 PX4 AA . 17.98 9.18 -4.27
H72 PX4 AA . 16.53 8.23 -4.53
O1 6PE BA . 26.00 35.32 -10.39
O2 6PE BA . 24.24 36.48 -8.87
P1 6PE BA . 24.58 35.64 -10.06
O3 6PE BA . 23.79 34.26 -9.92
C1 6PE BA . 24.14 33.14 -10.70
C2 6PE BA . 23.04 32.75 -11.79
C3 6PE BA . 23.65 31.69 -12.85
O4 6PE BA . 23.20 30.32 -12.69
C4 6PE BA . 22.60 29.66 -13.78
O5 6PE BA . 23.16 28.74 -14.30
C5 6PE BA . 21.06 29.94 -14.06
C6 6PE BA . 20.23 28.79 -14.74
C7 6PE BA . 18.66 28.88 -14.66
C8 6PE BA . 17.85 27.80 -15.42
C9 6PE BA . 16.42 28.17 -15.83
O6 6PE BA . 21.78 32.31 -11.23
C10 6PE BA . 20.60 33.00 -11.56
O7 6PE BA . 20.63 34.17 -11.77
C11 6PE BA . 19.20 32.25 -11.43
C12 6PE BA . 18.08 32.78 -12.41
C13 6PE BA . 16.88 31.82 -12.72
C14 6PE BA . 15.79 32.37 -13.68
C15 6PE BA . 14.82 31.33 -14.25
O8 6PE BA . 23.92 36.30 -11.30
C16 6PE BA . 24.57 36.17 -12.53
C17 6PE BA . 23.83 36.95 -13.63
N1 6PE BA . 24.22 36.52 -14.98
H1 6PE BA . 24.35 32.25 -10.10
H2 6PE BA . 25.13 33.32 -11.21
H3 6PE BA . 22.90 33.71 -12.34
H4 6PE BA . 24.75 31.75 -12.80
H5 6PE BA . 23.45 32.06 -13.88
H6 6PE BA . 20.93 30.84 -14.66
H7 6PE BA . 20.55 30.20 -13.12
H8 6PE BA . 20.54 27.82 -14.32
H9 6PE BA . 20.53 28.72 -15.79
H10 6PE BA . 18.31 29.86 -15.04
H11 6PE BA . 18.32 28.87 -13.62
H12 6PE BA . 17.76 26.87 -14.83
H13 6PE BA . 18.37 27.47 -16.32
H14 6PE BA . 15.94 27.43 -16.49
H15 6PE BA . 16.37 29.11 -16.37
H16 6PE BA . 15.74 28.26 -14.98
H17 6PE BA . 18.80 32.34 -10.41
H18 6PE BA . 19.28 31.18 -11.58
H19 6PE BA . 18.54 33.07 -13.36
H20 6PE BA . 17.67 33.71 -11.98
H21 6PE BA . 16.40 31.52 -11.78
H22 6PE BA . 17.26 30.89 -13.14
H23 6PE BA . 16.25 32.92 -14.51
H24 6PE BA . 15.20 33.14 -13.16
H25 6PE BA . 13.96 31.78 -14.74
H26 6PE BA . 14.43 30.64 -13.50
H27 6PE BA . 15.26 30.69 -15.02
H28 6PE BA . 24.66 35.11 -12.83
H29 6PE BA . 25.62 36.52 -12.46
H30 6PE BA . 24.02 38.03 -13.51
H31 6PE BA . 22.74 36.85 -13.50
H32 6PE BA . 24.87 35.74 -14.93
H33 6PE BA . 23.42 36.16 -15.48
#